data_2L7K
#
_entry.id   2L7K
#
_entity_poly.entity_id   1
_entity_poly.type   'polypeptide(L)'
_entity_poly.pdbx_seq_one_letter_code
;MIRLTIEETNLLSIYNEGGKRGLMENINAALPFMDEDMRELAKRTLAKIAPLTENEYAELAIFAADEVLEHHHHHH
;
_entity_poly.pdbx_strand_id   A
#
# COMPACT_ATOMS: atom_id res chain seq x y z
N MET A 1 4.50 -12.35 -9.99
CA MET A 1 4.45 -10.93 -9.59
C MET A 1 3.31 -10.22 -10.28
N ILE A 2 2.44 -9.60 -9.49
CA ILE A 2 1.32 -8.82 -10.02
C ILE A 2 1.76 -7.38 -10.31
N ARG A 3 0.96 -6.68 -11.10
CA ARG A 3 1.26 -5.30 -11.43
C ARG A 3 0.28 -4.39 -10.73
N LEU A 4 0.82 -3.58 -9.83
CA LEU A 4 0.03 -2.59 -9.10
C LEU A 4 0.33 -1.19 -9.62
N THR A 5 -0.63 -0.28 -9.45
CA THR A 5 -0.49 1.10 -9.90
C THR A 5 0.31 1.93 -8.90
N ILE A 6 0.60 3.18 -9.26
CA ILE A 6 1.37 4.09 -8.41
C ILE A 6 0.57 4.44 -7.14
N GLU A 7 -0.73 4.62 -7.30
CA GLU A 7 -1.64 4.96 -6.19
C GLU A 7 -1.66 3.83 -5.15
N GLU A 8 -1.77 2.60 -5.65
CA GLU A 8 -1.87 1.40 -4.83
C GLU A 8 -0.61 1.14 -4.00
N THR A 9 0.54 1.14 -4.68
CA THR A 9 1.80 0.78 -4.06
C THR A 9 2.33 1.90 -3.12
N ASN A 10 1.97 3.16 -3.43
CA ASN A 10 2.34 4.30 -2.57
C ASN A 10 1.55 4.28 -1.25
N LEU A 11 0.31 3.81 -1.30
CA LEU A 11 -0.51 3.66 -0.09
C LEU A 11 0.01 2.52 0.78
N LEU A 12 0.51 1.46 0.14
CA LEU A 12 1.14 0.35 0.83
C LEU A 12 2.44 0.79 1.49
N SER A 13 3.13 1.75 0.87
CA SER A 13 4.40 2.30 1.35
C SER A 13 4.22 3.04 2.68
N ILE A 14 3.01 3.54 2.93
CA ILE A 14 2.67 4.28 4.15
C ILE A 14 2.59 3.32 5.36
N TYR A 15 2.18 2.07 5.14
CA TYR A 15 1.93 1.12 6.23
C TYR A 15 2.76 -0.18 6.12
N ASN A 16 3.71 -0.22 5.18
CA ASN A 16 4.56 -1.41 4.92
C ASN A 16 5.45 -1.74 6.12
N GLU A 17 5.09 -2.81 6.83
CA GLU A 17 5.84 -3.29 7.98
C GLU A 17 5.37 -4.70 8.35
N GLY A 18 6.29 -5.65 8.41
CA GLY A 18 5.96 -7.02 8.79
C GLY A 18 5.32 -7.82 7.66
N GLY A 19 5.83 -7.60 6.44
CA GLY A 19 5.29 -8.29 5.27
C GLY A 19 3.95 -7.69 4.85
N LYS A 20 3.09 -8.53 4.30
CA LYS A 20 1.75 -8.09 3.91
C LYS A 20 0.75 -8.33 5.02
N ARG A 21 1.12 -9.20 5.96
CA ARG A 21 0.33 -9.46 7.16
C ARG A 21 0.30 -8.24 8.04
N GLY A 22 1.48 -7.76 8.44
CA GLY A 22 1.57 -6.56 9.25
C GLY A 22 1.09 -5.32 8.52
N LEU A 23 1.22 -5.31 7.20
CA LEU A 23 0.68 -4.24 6.35
C LEU A 23 -0.85 -4.18 6.44
N MET A 24 -1.51 -5.34 6.40
CA MET A 24 -2.98 -5.42 6.50
C MET A 24 -3.45 -5.08 7.91
N GLU A 25 -2.68 -5.48 8.92
CA GLU A 25 -3.01 -5.18 10.31
C GLU A 25 -2.76 -3.70 10.64
N ASN A 26 -1.78 -3.10 9.96
CA ASN A 26 -1.49 -1.66 10.07
C ASN A 26 -2.61 -0.83 9.44
N ILE A 27 -3.01 -1.21 8.23
CA ILE A 27 -4.06 -0.51 7.49
C ILE A 27 -5.42 -0.64 8.19
N ASN A 28 -5.80 -1.85 8.59
CA ASN A 28 -7.12 -2.11 9.17
C ASN A 28 -7.28 -1.52 10.57
N ALA A 29 -6.18 -1.36 11.31
CA ALA A 29 -6.23 -0.72 12.63
C ALA A 29 -6.28 0.81 12.50
N ALA A 30 -5.73 1.34 11.41
CA ALA A 30 -5.66 2.77 11.21
C ALA A 30 -6.68 3.26 10.17
N LEU A 31 -7.71 2.44 9.88
CA LEU A 31 -8.79 2.82 8.95
C LEU A 31 -9.57 4.10 9.40
N PRO A 32 -10.02 4.22 10.71
CA PRO A 32 -10.67 5.46 11.19
C PRO A 32 -9.72 6.66 11.31
N PHE A 33 -8.41 6.39 11.28
CA PHE A 33 -7.39 7.43 11.37
C PHE A 33 -6.94 7.85 9.97
N MET A 34 -7.39 7.11 8.97
CA MET A 34 -7.00 7.33 7.59
C MET A 34 -8.02 8.24 6.89
N ASP A 35 -7.61 8.78 5.76
CA ASP A 35 -8.50 9.57 4.90
C ASP A 35 -9.51 8.64 4.20
N GLU A 36 -10.68 9.17 3.82
CA GLU A 36 -11.73 8.36 3.17
C GLU A 36 -11.26 7.79 1.83
N ASP A 37 -10.54 8.60 1.05
CA ASP A 37 -10.04 8.18 -0.28
C ASP A 37 -8.93 7.14 -0.13
N MET A 38 -8.12 7.30 0.93
CA MET A 38 -7.08 6.33 1.29
C MET A 38 -7.65 4.99 1.73
N ARG A 39 -8.79 5.02 2.43
CA ARG A 39 -9.42 3.82 2.96
C ARG A 39 -10.10 2.99 1.85
N GLU A 40 -10.75 3.68 0.92
CA GLU A 40 -11.42 3.01 -0.21
C GLU A 40 -10.41 2.46 -1.22
N LEU A 41 -9.26 3.11 -1.30
CA LEU A 41 -8.13 2.60 -2.09
C LEU A 41 -7.49 1.38 -1.40
N ALA A 42 -7.47 1.39 -0.07
CA ALA A 42 -6.82 0.35 0.74
C ALA A 42 -7.48 -1.00 0.58
N LYS A 43 -8.81 -1.03 0.53
CA LYS A 43 -9.56 -2.28 0.40
C LYS A 43 -9.39 -2.91 -1.00
N ARG A 44 -9.12 -2.08 -2.00
CA ARG A 44 -8.82 -2.55 -3.35
C ARG A 44 -7.42 -3.15 -3.46
N THR A 45 -6.44 -2.51 -2.83
CA THR A 45 -5.04 -2.93 -2.93
C THR A 45 -4.73 -4.12 -2.02
N LEU A 46 -5.39 -4.20 -0.86
CA LEU A 46 -5.22 -5.36 0.04
C LEU A 46 -5.85 -6.61 -0.55
N ALA A 47 -6.89 -6.45 -1.37
CA ALA A 47 -7.51 -7.56 -2.09
C ALA A 47 -6.60 -8.12 -3.20
N LYS A 48 -5.59 -7.34 -3.60
CA LYS A 48 -4.58 -7.79 -4.56
C LYS A 48 -3.56 -8.71 -3.88
N ILE A 49 -3.30 -8.44 -2.60
CA ILE A 49 -2.27 -9.16 -1.84
C ILE A 49 -2.89 -10.28 -0.99
N ALA A 50 -4.24 -10.30 -0.95
CA ALA A 50 -5.00 -11.39 -0.34
C ALA A 50 -4.67 -12.78 -0.94
N PRO A 51 -4.60 -12.98 -2.31
CA PRO A 51 -4.13 -14.27 -2.86
C PRO A 51 -2.59 -14.43 -2.87
N LEU A 52 -1.87 -13.51 -2.23
CA LEU A 52 -0.41 -13.56 -2.18
C LEU A 52 0.07 -13.91 -0.77
N THR A 53 1.36 -14.22 -0.65
CA THR A 53 1.98 -14.46 0.67
C THR A 53 2.95 -13.33 1.03
N GLU A 54 3.75 -13.55 2.09
CA GLU A 54 4.85 -12.65 2.45
C GLU A 54 5.95 -12.69 1.40
N ASN A 55 6.08 -13.84 0.73
CA ASN A 55 7.10 -14.07 -0.30
C ASN A 55 6.80 -13.23 -1.54
N GLU A 56 5.55 -13.22 -1.99
CA GLU A 56 5.14 -12.49 -3.19
C GLU A 56 5.13 -10.98 -2.98
N TYR A 57 4.79 -10.54 -1.77
CA TYR A 57 4.79 -9.13 -1.44
C TYR A 57 6.23 -8.60 -1.24
N ALA A 58 7.15 -9.49 -0.87
CA ALA A 58 8.57 -9.13 -0.76
C ALA A 58 9.23 -8.97 -2.13
N GLU A 59 8.61 -9.55 -3.16
CA GLU A 59 9.04 -9.36 -4.55
C GLU A 59 8.59 -8.00 -5.08
N LEU A 60 7.42 -7.53 -4.60
CA LEU A 60 6.93 -6.18 -4.89
C LEU A 60 7.79 -5.16 -4.15
N ALA A 61 7.80 -5.29 -2.81
CA ALA A 61 8.67 -4.54 -1.87
C ALA A 61 8.56 -3.02 -2.00
N ILE A 62 7.38 -2.56 -2.44
CA ILE A 62 7.11 -1.17 -2.81
C ILE A 62 7.99 -0.73 -3.99
N PHE A 63 7.46 -0.95 -5.17
CA PHE A 63 8.13 -0.55 -6.39
C PHE A 63 7.62 0.81 -6.88
N ALA A 64 6.31 1.03 -6.76
CA ALA A 64 5.67 2.21 -7.31
C ALA A 64 5.29 3.23 -6.23
N ALA A 65 6.30 3.94 -5.74
CA ALA A 65 6.13 5.07 -4.83
C ALA A 65 7.27 6.07 -4.99
N ASP A 66 8.07 5.86 -6.04
CA ASP A 66 9.25 6.69 -6.30
C ASP A 66 8.91 7.76 -7.35
N GLU A 67 7.82 7.53 -8.06
CA GLU A 67 7.38 8.37 -9.15
C GLU A 67 6.69 9.64 -8.64
N VAL A 68 6.18 9.58 -7.40
CA VAL A 68 5.46 10.69 -6.78
C VAL A 68 6.39 11.58 -5.94
N LEU A 69 7.67 11.21 -5.87
CA LEU A 69 8.64 11.94 -5.05
C LEU A 69 9.09 13.23 -5.70
N GLU A 70 8.97 13.32 -7.02
CA GLU A 70 9.37 14.50 -7.79
C GLU A 70 8.33 15.64 -7.71
N HIS A 71 7.18 15.34 -7.12
CA HIS A 71 6.05 16.28 -7.08
C HIS A 71 6.20 17.30 -5.93
N HIS A 72 6.78 16.87 -4.83
CA HIS A 72 6.92 17.74 -3.65
C HIS A 72 8.35 17.66 -3.11
N HIS A 73 8.83 16.41 -2.96
CA HIS A 73 10.09 16.06 -2.28
C HIS A 73 9.98 16.28 -0.77
N HIS A 74 9.66 15.21 -0.06
CA HIS A 74 9.70 15.20 1.39
C HIS A 74 11.13 14.97 1.83
N HIS A 75 11.66 15.89 2.64
CA HIS A 75 13.08 15.87 3.04
C HIS A 75 13.37 14.70 3.96
N HIS A 76 14.12 13.76 3.41
CA HIS A 76 14.45 12.51 4.09
C HIS A 76 15.96 12.26 4.02
N MET A 1 3.15 -11.14 -12.27
CA MET A 1 3.23 -9.96 -11.41
C MET A 1 1.89 -9.20 -11.46
N ILE A 2 1.43 -8.77 -10.29
CA ILE A 2 0.15 -8.09 -10.18
C ILE A 2 0.26 -6.61 -10.61
N ARG A 3 -0.79 -6.14 -11.28
CA ARG A 3 -0.87 -4.75 -11.71
C ARG A 3 -1.37 -3.85 -10.60
N LEU A 4 -0.43 -3.20 -9.94
CA LEU A 4 -0.74 -2.20 -8.92
C LEU A 4 -0.40 -0.83 -9.45
N THR A 5 -1.24 0.15 -9.13
CA THR A 5 -1.01 1.52 -9.55
C THR A 5 -0.05 2.23 -8.62
N ILE A 6 0.32 3.46 -8.98
CA ILE A 6 1.23 4.30 -8.18
C ILE A 6 0.64 4.61 -6.80
N GLU A 7 -0.69 4.77 -6.74
CA GLU A 7 -1.39 5.09 -5.49
C GLU A 7 -1.47 3.88 -4.56
N GLU A 8 -1.58 2.68 -5.14
CA GLU A 8 -1.67 1.44 -4.37
C GLU A 8 -0.32 1.06 -3.77
N THR A 9 0.75 1.30 -4.53
CA THR A 9 2.11 1.09 -4.06
C THR A 9 2.55 2.19 -3.08
N ASN A 10 1.96 3.39 -3.21
CA ASN A 10 2.15 4.48 -2.25
C ASN A 10 1.52 4.15 -0.91
N LEU A 11 0.36 3.48 -0.94
CA LEU A 11 -0.33 2.99 0.25
C LEU A 11 0.52 1.94 0.99
N LEU A 12 1.21 1.10 0.21
CA LEU A 12 2.15 0.12 0.74
C LEU A 12 3.38 0.83 1.33
N SER A 13 3.79 1.93 0.69
CA SER A 13 4.95 2.73 1.09
C SER A 13 4.69 3.49 2.40
N ILE A 14 3.41 3.76 2.72
CA ILE A 14 3.01 4.40 3.98
C ILE A 14 3.44 3.53 5.17
N TYR A 15 3.18 2.23 5.06
CA TYR A 15 3.37 1.31 6.16
C TYR A 15 4.64 0.46 5.96
N ASN A 16 4.54 -0.54 5.06
CA ASN A 16 5.63 -1.48 4.70
C ASN A 16 6.23 -2.17 5.94
N GLU A 17 5.48 -3.14 6.46
CA GLU A 17 5.88 -3.86 7.66
C GLU A 17 5.26 -5.26 7.67
N GLY A 18 6.11 -6.27 7.88
CA GLY A 18 5.66 -7.64 8.09
C GLY A 18 5.03 -8.29 6.87
N GLY A 19 5.58 -7.98 5.69
CA GLY A 19 5.02 -8.46 4.45
C GLY A 19 3.70 -7.78 4.12
N LYS A 20 2.78 -8.54 3.54
CA LYS A 20 1.46 -8.04 3.20
C LYS A 20 0.49 -8.33 4.35
N ARG A 21 0.92 -9.23 5.25
CA ARG A 21 0.19 -9.62 6.43
C ARG A 21 0.12 -8.45 7.41
N GLY A 22 1.30 -7.90 7.72
CA GLY A 22 1.40 -6.72 8.55
C GLY A 22 0.86 -5.47 7.87
N LEU A 23 0.90 -5.44 6.53
CA LEU A 23 0.27 -4.37 5.74
C LEU A 23 -1.24 -4.33 6.00
N MET A 24 -1.88 -5.51 6.05
CA MET A 24 -3.32 -5.60 6.32
C MET A 24 -3.65 -5.21 7.74
N GLU A 25 -2.78 -5.59 8.68
CA GLU A 25 -2.97 -5.28 10.11
C GLU A 25 -2.86 -3.78 10.38
N ASN A 26 -1.91 -3.12 9.71
CA ASN A 26 -1.70 -1.68 9.86
C ASN A 26 -2.75 -0.86 9.12
N ILE A 27 -3.24 -1.37 7.99
CA ILE A 27 -4.28 -0.70 7.22
C ILE A 27 -5.63 -0.76 7.94
N ASN A 28 -6.00 -1.94 8.46
CA ASN A 28 -7.28 -2.11 9.18
C ASN A 28 -7.32 -1.34 10.50
N ALA A 29 -6.17 -1.24 11.16
CA ALA A 29 -6.05 -0.49 12.41
C ALA A 29 -6.11 1.02 12.15
N ALA A 30 -5.61 1.45 11.00
CA ALA A 30 -5.52 2.87 10.66
C ALA A 30 -6.55 3.28 9.59
N LEU A 31 -7.62 2.50 9.40
CA LEU A 31 -8.71 2.88 8.48
C LEU A 31 -9.34 4.26 8.80
N PRO A 32 -9.71 4.61 10.08
CA PRO A 32 -10.17 5.97 10.40
C PRO A 32 -9.04 6.98 10.65
N PHE A 33 -7.79 6.56 10.49
CA PHE A 33 -6.63 7.43 10.73
C PHE A 33 -6.03 7.92 9.41
N MET A 34 -6.17 7.11 8.36
CA MET A 34 -5.85 7.52 7.00
C MET A 34 -7.04 8.31 6.44
N ASP A 35 -6.85 8.92 5.27
CA ASP A 35 -7.91 9.69 4.60
C ASP A 35 -9.01 8.74 4.10
N GLU A 36 -10.25 9.23 3.93
CA GLU A 36 -11.38 8.39 3.51
C GLU A 36 -11.23 7.89 2.06
N ASP A 37 -10.60 8.71 1.20
CA ASP A 37 -10.30 8.32 -0.19
C ASP A 37 -9.20 7.26 -0.22
N MET A 38 -8.25 7.41 0.69
CA MET A 38 -7.15 6.47 0.84
C MET A 38 -7.62 5.15 1.46
N ARG A 39 -8.71 5.23 2.24
CA ARG A 39 -9.34 4.07 2.88
C ARG A 39 -10.10 3.22 1.87
N GLU A 40 -10.78 3.87 0.92
CA GLU A 40 -11.49 3.17 -0.15
C GLU A 40 -10.52 2.47 -1.09
N LEU A 41 -9.36 3.09 -1.29
CA LEU A 41 -8.28 2.50 -2.05
C LEU A 41 -7.65 1.34 -1.28
N ALA A 42 -7.50 1.52 0.04
CA ALA A 42 -6.84 0.56 0.93
C ALA A 42 -7.50 -0.82 0.93
N LYS A 43 -8.83 -0.85 1.00
CA LYS A 43 -9.59 -2.10 1.00
C LYS A 43 -9.50 -2.82 -0.34
N ARG A 44 -9.32 -2.04 -1.42
CA ARG A 44 -9.19 -2.60 -2.76
C ARG A 44 -7.79 -3.15 -3.01
N THR A 45 -6.78 -2.52 -2.40
CA THR A 45 -5.39 -2.98 -2.47
C THR A 45 -5.19 -4.22 -1.57
N LEU A 46 -6.01 -4.33 -0.52
CA LEU A 46 -6.04 -5.54 0.31
C LEU A 46 -6.62 -6.72 -0.46
N ALA A 47 -7.54 -6.46 -1.38
CA ALA A 47 -8.08 -7.49 -2.28
C ALA A 47 -7.06 -7.87 -3.36
N LYS A 48 -6.08 -6.99 -3.59
CA LYS A 48 -5.00 -7.24 -4.53
C LYS A 48 -3.96 -8.16 -3.91
N ILE A 49 -3.53 -7.85 -2.68
CA ILE A 49 -2.49 -8.62 -2.01
C ILE A 49 -3.01 -9.89 -1.35
N ALA A 50 -4.34 -10.02 -1.21
CA ALA A 50 -4.99 -11.22 -0.62
C ALA A 50 -4.44 -12.61 -1.07
N PRO A 51 -4.23 -12.92 -2.40
CA PRO A 51 -3.63 -14.21 -2.81
C PRO A 51 -2.09 -14.26 -2.75
N LEU A 52 -1.47 -13.48 -1.87
CA LEU A 52 -0.01 -13.51 -1.73
C LEU A 52 0.41 -14.29 -0.49
N THR A 53 1.53 -14.99 -0.66
CA THR A 53 2.07 -15.91 0.33
C THR A 53 3.25 -15.26 1.11
N GLU A 54 3.23 -13.91 1.18
CA GLU A 54 4.15 -13.04 1.97
C GLU A 54 5.53 -12.88 1.31
N ASN A 55 6.14 -13.99 0.93
CA ASN A 55 7.47 -14.03 0.33
C ASN A 55 7.43 -13.46 -1.10
N GLU A 56 6.29 -13.64 -1.77
CA GLU A 56 6.04 -13.07 -3.09
C GLU A 56 5.93 -11.54 -3.01
N TYR A 57 5.36 -11.05 -1.91
CA TYR A 57 5.28 -9.61 -1.64
C TYR A 57 6.65 -9.08 -1.20
N ALA A 58 7.49 -9.92 -0.60
CA ALA A 58 8.82 -9.50 -0.15
C ALA A 58 9.78 -9.30 -1.33
N GLU A 59 9.47 -9.96 -2.45
CA GLU A 59 10.23 -9.80 -3.70
C GLU A 59 9.83 -8.51 -4.44
N LEU A 60 8.57 -8.09 -4.29
CA LEU A 60 8.05 -6.90 -4.97
C LEU A 60 8.28 -5.65 -4.12
N ALA A 61 7.84 -5.76 -2.86
CA ALA A 61 7.94 -4.73 -1.81
C ALA A 61 7.32 -3.40 -2.26
N ILE A 62 8.12 -2.33 -2.27
CA ILE A 62 7.67 -1.05 -2.79
C ILE A 62 8.15 -0.97 -4.23
N PHE A 63 7.26 -1.24 -5.16
CA PHE A 63 7.64 -1.40 -6.54
C PHE A 63 7.55 -0.09 -7.33
N ALA A 64 6.69 0.83 -6.89
CA ALA A 64 6.52 2.11 -7.59
C ALA A 64 6.38 3.27 -6.62
N ALA A 65 7.50 3.85 -6.21
CA ALA A 65 7.50 5.04 -5.37
C ALA A 65 8.28 6.17 -6.04
N ASP A 66 8.48 6.03 -7.35
CA ASP A 66 9.19 7.03 -8.13
C ASP A 66 8.24 8.12 -8.60
N GLU A 67 6.99 7.75 -8.84
CA GLU A 67 5.99 8.69 -9.35
C GLU A 67 5.19 9.34 -8.23
N VAL A 68 5.50 9.01 -6.97
CA VAL A 68 4.80 9.62 -5.83
C VAL A 68 5.50 10.93 -5.44
N LEU A 69 6.82 10.96 -5.59
CA LEU A 69 7.60 12.17 -5.38
C LEU A 69 7.76 12.86 -6.71
N GLU A 70 7.12 14.06 -6.78
CA GLU A 70 6.82 14.78 -8.04
C GLU A 70 5.69 14.05 -8.79
N HIS A 71 4.98 14.80 -9.66
CA HIS A 71 3.87 14.29 -10.53
C HIS A 71 2.55 14.11 -9.78
N HIS A 72 2.60 13.50 -8.60
CA HIS A 72 1.42 13.41 -7.73
C HIS A 72 1.55 14.37 -6.55
N HIS A 73 2.74 14.97 -6.39
CA HIS A 73 2.97 15.92 -5.32
C HIS A 73 2.97 17.34 -5.89
N HIS A 74 1.81 18.01 -5.79
CA HIS A 74 1.66 19.40 -6.19
C HIS A 74 0.43 20.01 -5.50
N HIS A 75 0.46 21.32 -5.28
CA HIS A 75 -0.67 22.04 -4.70
C HIS A 75 -1.62 22.55 -5.80
N HIS A 76 -2.83 22.93 -5.41
CA HIS A 76 -3.84 23.38 -6.36
C HIS A 76 -4.45 24.71 -5.90
N MET A 1 3.58 -5.00 -12.15
CA MET A 1 3.24 -5.79 -10.94
C MET A 1 1.74 -5.66 -10.68
N ILE A 2 0.99 -6.71 -11.13
CA ILE A 2 -0.49 -6.76 -11.12
C ILE A 2 -1.03 -5.54 -11.93
N ARG A 3 -2.25 -5.09 -11.68
CA ARG A 3 -2.73 -3.83 -12.23
C ARG A 3 -2.89 -2.80 -11.12
N LEU A 4 -2.02 -2.94 -10.12
CA LEU A 4 -1.95 -2.00 -9.00
C LEU A 4 -1.39 -0.68 -9.47
N THR A 5 -2.12 0.38 -9.20
CA THR A 5 -1.76 1.72 -9.63
C THR A 5 -0.70 2.30 -8.68
N ILE A 6 -0.06 3.40 -9.10
CA ILE A 6 1.06 4.01 -8.35
C ILE A 6 0.60 4.61 -7.00
N GLU A 7 -0.68 4.95 -6.93
CA GLU A 7 -1.31 5.42 -5.68
C GLU A 7 -1.49 4.25 -4.70
N GLU A 8 -1.77 3.06 -5.24
CA GLU A 8 -2.01 1.87 -4.43
C GLU A 8 -0.71 1.34 -3.83
N THR A 9 0.38 1.43 -4.61
CA THR A 9 1.71 1.07 -4.14
C THR A 9 2.27 2.12 -3.17
N ASN A 10 1.81 3.37 -3.32
CA ASN A 10 2.10 4.45 -2.37
C ASN A 10 1.48 4.16 -1.00
N LEU A 11 0.26 3.63 -1.01
CA LEU A 11 -0.46 3.20 0.21
C LEU A 11 0.30 2.10 0.96
N LEU A 12 0.98 1.24 0.20
CA LEU A 12 1.80 0.16 0.75
C LEU A 12 3.05 0.72 1.42
N SER A 13 3.59 1.78 0.82
CA SER A 13 4.77 2.48 1.32
C SER A 13 4.48 3.29 2.60
N ILE A 14 3.22 3.67 2.82
CA ILE A 14 2.79 4.40 4.03
C ILE A 14 3.06 3.56 5.29
N TYR A 15 2.69 2.28 5.22
CA TYR A 15 2.78 1.42 6.37
C TYR A 15 3.94 0.42 6.23
N ASN A 16 3.68 -0.70 5.53
CA ASN A 16 4.62 -1.84 5.37
C ASN A 16 5.27 -2.27 6.71
N GLU A 17 4.60 -3.16 7.45
CA GLU A 17 5.12 -3.62 8.73
C GLU A 17 5.93 -4.90 8.56
N GLY A 18 5.25 -6.04 8.54
CA GLY A 18 5.88 -7.31 8.32
C GLY A 18 5.33 -7.96 7.10
N GLY A 19 5.87 -7.58 5.95
CA GLY A 19 5.39 -8.07 4.67
C GLY A 19 4.06 -7.45 4.32
N LYS A 20 3.13 -8.28 3.86
CA LYS A 20 1.80 -7.84 3.51
C LYS A 20 0.82 -8.11 4.64
N ARG A 21 1.16 -9.05 5.51
CA ARG A 21 0.29 -9.42 6.63
C ARG A 21 0.24 -8.30 7.66
N GLY A 22 1.43 -7.84 8.07
CA GLY A 22 1.53 -6.72 8.99
C GLY A 22 1.11 -5.40 8.36
N LEU A 23 1.30 -5.31 7.03
CA LEU A 23 0.81 -4.18 6.23
C LEU A 23 -0.73 -4.11 6.27
N MET A 24 -1.39 -5.27 6.17
CA MET A 24 -2.85 -5.37 6.25
C MET A 24 -3.37 -5.02 7.63
N GLU A 25 -2.63 -5.43 8.67
CA GLU A 25 -3.00 -5.12 10.05
C GLU A 25 -2.86 -3.61 10.33
N ASN A 26 -1.83 -3.00 9.74
CA ASN A 26 -1.57 -1.57 9.89
C ASN A 26 -2.58 -0.72 9.14
N ILE A 27 -3.05 -1.22 8.00
CA ILE A 27 -4.09 -0.54 7.22
C ILE A 27 -5.45 -0.61 7.92
N ASN A 28 -5.83 -1.81 8.40
CA ASN A 28 -7.15 -2.02 9.01
C ASN A 28 -7.28 -1.37 10.40
N ALA A 29 -6.17 -1.28 11.14
CA ALA A 29 -6.17 -0.61 12.45
C ALA A 29 -6.14 0.91 12.30
N ALA A 30 -5.52 1.38 11.22
CA ALA A 30 -5.40 2.81 10.99
C ALA A 30 -6.42 3.33 9.97
N LEU A 31 -7.49 2.56 9.73
CA LEU A 31 -8.63 3.01 8.91
C LEU A 31 -9.31 4.29 9.44
N PRO A 32 -9.62 4.46 10.78
CA PRO A 32 -10.16 5.73 11.31
C PRO A 32 -9.14 6.89 11.27
N PHE A 33 -7.85 6.55 11.15
CA PHE A 33 -6.79 7.54 11.18
C PHE A 33 -6.45 8.06 9.78
N MET A 34 -6.60 7.21 8.76
CA MET A 34 -6.33 7.60 7.38
C MET A 34 -7.53 8.34 6.78
N ASP A 35 -7.32 8.95 5.61
CA ASP A 35 -8.35 9.75 4.94
C ASP A 35 -9.37 8.88 4.23
N GLU A 36 -10.43 9.51 3.74
CA GLU A 36 -11.51 8.85 3.01
C GLU A 36 -11.05 8.23 1.69
N ASP A 37 -10.13 8.91 1.00
CA ASP A 37 -9.59 8.43 -0.27
C ASP A 37 -8.65 7.25 -0.06
N MET A 38 -7.90 7.29 1.04
CA MET A 38 -6.96 6.23 1.39
C MET A 38 -7.70 4.99 1.90
N ARG A 39 -8.88 5.18 2.54
CA ARG A 39 -9.74 4.06 2.97
C ARG A 39 -10.36 3.33 1.78
N GLU A 40 -10.80 4.12 0.79
CA GLU A 40 -11.33 3.57 -0.45
C GLU A 40 -10.28 2.77 -1.18
N LEU A 41 -9.09 3.35 -1.30
CA LEU A 41 -7.95 2.76 -1.99
C LEU A 41 -7.53 1.45 -1.35
N ALA A 42 -7.51 1.45 0.00
CA ALA A 42 -7.08 0.31 0.82
C ALA A 42 -7.82 -0.99 0.51
N LYS A 43 -9.15 -0.88 0.37
CA LYS A 43 -10.03 -2.04 0.14
C LYS A 43 -9.73 -2.74 -1.20
N ARG A 44 -9.38 -1.96 -2.22
CA ARG A 44 -9.10 -2.50 -3.55
C ARG A 44 -7.68 -3.08 -3.65
N THR A 45 -6.74 -2.45 -2.94
CA THR A 45 -5.33 -2.88 -2.95
C THR A 45 -5.13 -4.19 -2.18
N LEU A 46 -5.83 -4.32 -1.03
CA LEU A 46 -5.73 -5.53 -0.19
C LEU A 46 -6.29 -6.76 -0.88
N ALA A 47 -7.27 -6.57 -1.78
CA ALA A 47 -7.85 -7.66 -2.55
C ALA A 47 -6.87 -8.23 -3.59
N LYS A 48 -5.87 -7.44 -3.97
CA LYS A 48 -4.88 -7.85 -4.96
C LYS A 48 -3.70 -8.58 -4.32
N ILE A 49 -3.43 -8.27 -3.04
CA ILE A 49 -2.29 -8.85 -2.33
C ILE A 49 -2.74 -10.04 -1.45
N ALA A 50 -4.06 -10.17 -1.28
CA ALA A 50 -4.68 -11.32 -0.58
C ALA A 50 -4.28 -12.70 -1.16
N PRO A 51 -4.28 -12.96 -2.51
CA PRO A 51 -3.78 -14.24 -3.06
C PRO A 51 -2.24 -14.40 -3.01
N LEU A 52 -1.52 -13.32 -2.74
CA LEU A 52 -0.06 -13.34 -2.74
C LEU A 52 0.45 -13.83 -1.40
N THR A 53 1.49 -14.66 -1.42
CA THR A 53 2.06 -15.19 -0.18
C THR A 53 3.04 -14.16 0.44
N GLU A 54 3.44 -14.42 1.69
CA GLU A 54 4.27 -13.50 2.47
C GLU A 54 5.67 -13.33 1.85
N ASN A 55 6.22 -14.44 1.34
CA ASN A 55 7.55 -14.45 0.71
C ASN A 55 7.52 -13.82 -0.70
N GLU A 56 6.36 -13.92 -1.36
CA GLU A 56 6.16 -13.36 -2.70
C GLU A 56 6.05 -11.84 -2.64
N TYR A 57 5.43 -11.32 -1.58
CA TYR A 57 5.33 -9.89 -1.36
C TYR A 57 6.68 -9.31 -0.90
N ALA A 58 7.55 -10.15 -0.32
CA ALA A 58 8.92 -9.75 0.05
C ALA A 58 9.77 -9.42 -1.18
N GLU A 59 9.41 -10.00 -2.33
CA GLU A 59 10.07 -9.72 -3.62
C GLU A 59 9.61 -8.36 -4.19
N LEU A 60 8.42 -7.94 -3.80
CA LEU A 60 7.80 -6.72 -4.35
C LEU A 60 8.12 -5.53 -3.46
N ALA A 61 7.79 -5.69 -2.15
CA ALA A 61 8.00 -4.73 -1.07
C ALA A 61 7.18 -3.45 -1.26
N ILE A 62 7.72 -2.50 -2.02
CA ILE A 62 7.07 -1.22 -2.26
C ILE A 62 6.83 -1.07 -3.76
N PHE A 63 7.88 -1.41 -4.53
CA PHE A 63 7.91 -1.47 -6.00
C PHE A 63 7.88 -0.08 -6.65
N ALA A 64 6.71 0.56 -6.75
CA ALA A 64 6.58 1.79 -7.50
C ALA A 64 5.81 2.86 -6.72
N ALA A 65 6.41 3.37 -5.65
CA ALA A 65 5.81 4.46 -4.87
C ALA A 65 6.69 5.69 -4.87
N ASP A 66 7.88 5.56 -5.47
CA ASP A 66 8.82 6.67 -5.59
C ASP A 66 8.50 7.52 -6.83
N GLU A 67 7.44 7.14 -7.54
CA GLU A 67 6.98 7.89 -8.71
C GLU A 67 5.98 8.97 -8.33
N VAL A 68 5.22 8.77 -7.24
CA VAL A 68 4.31 9.81 -6.74
C VAL A 68 5.02 10.76 -5.80
N LEU A 69 6.03 10.22 -5.05
CA LEU A 69 6.83 10.95 -4.05
C LEU A 69 5.99 11.44 -2.87
N GLU A 70 5.33 12.58 -3.03
CA GLU A 70 4.54 13.16 -1.97
C GLU A 70 3.06 13.05 -2.29
N HIS A 71 2.28 12.67 -1.29
CA HIS A 71 0.86 12.44 -1.45
C HIS A 71 0.07 13.09 -0.30
N HIS A 72 0.73 13.38 0.83
CA HIS A 72 0.02 13.83 2.02
C HIS A 72 0.75 15.02 2.69
N HIS A 73 1.66 15.67 1.94
CA HIS A 73 2.44 16.87 2.37
C HIS A 73 3.59 16.51 3.34
N HIS A 74 3.27 15.82 4.46
CA HIS A 74 4.22 15.41 5.53
C HIS A 74 4.78 16.60 6.32
N HIS A 75 5.45 16.28 7.42
CA HIS A 75 6.13 17.28 8.23
C HIS A 75 7.52 16.75 8.57
N HIS A 76 8.51 17.24 7.80
CA HIS A 76 9.92 16.80 7.90
C HIS A 76 10.05 15.31 7.52
N MET A 1 3.56 -12.10 -11.27
CA MET A 1 3.38 -10.92 -10.40
C MET A 1 2.20 -10.08 -10.88
N ILE A 2 1.49 -9.47 -9.93
CA ILE A 2 0.38 -8.58 -10.26
C ILE A 2 0.93 -7.15 -10.40
N ARG A 3 0.29 -6.36 -11.25
CA ARG A 3 0.68 -4.97 -11.42
C ARG A 3 -0.27 -4.08 -10.62
N LEU A 4 0.23 -3.64 -9.47
CA LEU A 4 -0.48 -2.71 -8.61
C LEU A 4 -0.34 -1.30 -9.16
N THR A 5 -1.33 -0.43 -8.94
CA THR A 5 -1.19 0.97 -9.35
C THR A 5 -0.20 1.66 -8.40
N ILE A 6 0.40 2.73 -8.89
CA ILE A 6 1.47 3.46 -8.20
C ILE A 6 0.97 4.07 -6.86
N GLU A 7 -0.33 4.35 -6.80
CA GLU A 7 -0.97 4.87 -5.59
C GLU A 7 -1.12 3.78 -4.51
N GLU A 8 -1.37 2.52 -4.94
CA GLU A 8 -1.50 1.39 -4.01
C GLU A 8 -0.15 0.99 -3.46
N THR A 9 0.88 1.10 -4.28
CA THR A 9 2.24 0.79 -3.88
C THR A 9 2.80 1.90 -2.95
N ASN A 10 2.30 3.12 -3.15
CA ASN A 10 2.55 4.24 -2.23
C ASN A 10 1.91 3.99 -0.87
N LEU A 11 0.70 3.43 -0.87
CA LEU A 11 -0.02 3.08 0.36
C LEU A 11 0.70 1.95 1.13
N LEU A 12 1.31 1.04 0.37
CA LEU A 12 2.14 -0.03 0.92
C LEU A 12 3.42 0.52 1.52
N SER A 13 3.93 1.61 0.93
CA SER A 13 5.10 2.33 1.44
C SER A 13 4.80 3.12 2.74
N ILE A 14 3.59 3.71 2.82
CA ILE A 14 3.19 4.51 3.99
C ILE A 14 2.99 3.63 5.23
N TYR A 15 2.31 2.50 5.04
CA TYR A 15 2.01 1.61 6.14
C TYR A 15 2.94 0.40 6.16
N ASN A 16 4.16 0.59 5.63
CA ASN A 16 5.17 -0.47 5.56
C ASN A 16 5.74 -0.75 6.94
N GLU A 17 5.25 -1.81 7.56
CA GLU A 17 5.60 -2.13 8.93
C GLU A 17 6.39 -3.44 9.00
N GLY A 18 5.73 -4.55 8.72
CA GLY A 18 6.37 -5.85 8.86
C GLY A 18 5.87 -6.83 7.84
N GLY A 19 6.15 -6.53 6.57
CA GLY A 19 5.75 -7.40 5.49
C GLY A 19 4.30 -7.23 5.11
N LYS A 20 3.71 -8.25 4.48
CA LYS A 20 2.31 -8.20 4.06
C LYS A 20 1.36 -8.24 5.25
N ARG A 21 1.74 -8.95 6.32
CA ARG A 21 0.92 -9.00 7.52
C ARG A 21 0.99 -7.70 8.30
N GLY A 22 2.18 -7.13 8.46
CA GLY A 22 2.30 -5.81 9.09
C GLY A 22 1.62 -4.70 8.29
N LEU A 23 1.53 -4.88 6.98
CA LEU A 23 0.74 -4.01 6.11
C LEU A 23 -0.76 -4.16 6.40
N MET A 24 -1.27 -5.40 6.33
CA MET A 24 -2.70 -5.70 6.47
C MET A 24 -3.25 -5.35 7.85
N GLU A 25 -2.52 -5.71 8.90
CA GLU A 25 -2.96 -5.49 10.28
C GLU A 25 -2.98 -4.00 10.64
N ASN A 26 -2.00 -3.25 10.12
CA ASN A 26 -1.93 -1.79 10.35
C ASN A 26 -3.04 -1.09 9.58
N ILE A 27 -3.23 -1.47 8.30
CA ILE A 27 -4.25 -0.88 7.43
C ILE A 27 -5.69 -1.13 7.95
N ASN A 28 -5.94 -2.36 8.44
CA ASN A 28 -7.27 -2.75 8.97
C ASN A 28 -7.71 -1.89 10.15
N ALA A 29 -6.77 -1.63 11.05
CA ALA A 29 -7.05 -0.87 12.26
C ALA A 29 -7.08 0.64 12.00
N ALA A 30 -6.33 1.08 10.99
CA ALA A 30 -6.18 2.50 10.71
C ALA A 30 -7.11 3.00 9.61
N LEU A 31 -8.10 2.19 9.21
CA LEU A 31 -9.11 2.58 8.19
C LEU A 31 -9.92 3.86 8.55
N PRO A 32 -10.47 4.03 9.81
CA PRO A 32 -11.12 5.30 10.21
C PRO A 32 -10.14 6.48 10.38
N PHE A 33 -8.84 6.19 10.40
CA PHE A 33 -7.82 7.22 10.60
C PHE A 33 -7.24 7.67 9.26
N MET A 34 -7.61 6.99 8.18
CA MET A 34 -7.12 7.31 6.84
C MET A 34 -7.92 8.44 6.21
N ASP A 35 -7.26 9.11 5.27
CA ASP A 35 -7.87 10.12 4.41
C ASP A 35 -8.78 9.41 3.39
N GLU A 36 -9.76 10.14 2.81
CA GLU A 36 -10.69 9.63 1.78
C GLU A 36 -10.01 8.84 0.64
N ASP A 37 -8.83 9.32 0.21
CA ASP A 37 -8.07 8.66 -0.84
C ASP A 37 -7.52 7.32 -0.37
N MET A 38 -6.84 7.33 0.78
CA MET A 38 -6.13 6.15 1.30
C MET A 38 -7.08 5.09 1.85
N ARG A 39 -8.24 5.52 2.34
CA ARG A 39 -9.23 4.66 2.97
C ARG A 39 -9.87 3.70 1.94
N GLU A 40 -10.44 4.26 0.87
CA GLU A 40 -11.04 3.45 -0.20
C GLU A 40 -10.01 2.70 -1.04
N LEU A 41 -8.81 3.28 -1.13
CA LEU A 41 -7.69 2.66 -1.84
C LEU A 41 -7.27 1.37 -1.13
N ALA A 42 -7.31 1.39 0.20
CA ALA A 42 -6.85 0.28 1.05
C ALA A 42 -7.63 -1.01 0.83
N LYS A 43 -8.94 -0.90 0.58
CA LYS A 43 -9.80 -2.07 0.33
C LYS A 43 -9.39 -2.77 -0.97
N ARG A 44 -9.01 -1.97 -1.95
CA ARG A 44 -8.61 -2.47 -3.27
C ARG A 44 -7.17 -2.98 -3.26
N THR A 45 -6.31 -2.38 -2.42
CA THR A 45 -4.91 -2.81 -2.27
C THR A 45 -4.84 -4.17 -1.57
N LEU A 46 -5.67 -4.32 -0.52
CA LEU A 46 -5.75 -5.57 0.23
C LEU A 46 -6.38 -6.68 -0.58
N ALA A 47 -7.27 -6.33 -1.52
CA ALA A 47 -7.91 -7.30 -2.41
C ALA A 47 -6.91 -7.84 -3.44
N LYS A 48 -5.87 -7.07 -3.73
CA LYS A 48 -4.85 -7.48 -4.68
C LYS A 48 -3.73 -8.28 -4.01
N ILE A 49 -3.41 -7.98 -2.75
CA ILE A 49 -2.35 -8.73 -2.04
C ILE A 49 -2.89 -9.94 -1.28
N ALA A 50 -4.23 -10.03 -1.09
CA ALA A 50 -4.87 -11.18 -0.44
C ALA A 50 -4.58 -12.54 -1.14
N PRO A 51 -4.74 -12.69 -2.50
CA PRO A 51 -4.41 -13.96 -3.18
C PRO A 51 -2.89 -14.20 -3.31
N LEU A 52 -2.10 -13.18 -3.01
CA LEU A 52 -0.65 -13.28 -3.07
C LEU A 52 -0.13 -13.93 -1.80
N THR A 53 0.97 -14.66 -1.89
CA THR A 53 1.69 -15.15 -0.72
C THR A 53 2.52 -14.01 -0.11
N GLU A 54 3.02 -14.21 1.10
CA GLU A 54 3.81 -13.21 1.83
C GLU A 54 5.15 -12.97 1.11
N ASN A 55 5.66 -14.03 0.48
CA ASN A 55 6.93 -14.00 -0.26
C ASN A 55 6.77 -13.24 -1.58
N GLU A 56 5.55 -13.28 -2.15
CA GLU A 56 5.23 -12.57 -3.39
C GLU A 56 5.28 -11.07 -3.16
N TYR A 57 4.66 -10.62 -2.05
CA TYR A 57 4.66 -9.21 -1.66
C TYR A 57 6.07 -8.74 -1.26
N ALA A 58 6.91 -9.65 -0.74
CA ALA A 58 8.27 -9.30 -0.31
C ALA A 58 9.13 -8.75 -1.45
N GLU A 59 8.90 -9.26 -2.65
CA GLU A 59 9.57 -8.77 -3.86
C GLU A 59 8.92 -7.48 -4.40
N LEU A 60 7.61 -7.33 -4.16
CA LEU A 60 6.79 -6.25 -4.75
C LEU A 60 6.48 -5.13 -3.75
N ALA A 61 7.24 -5.11 -2.64
CA ALA A 61 6.97 -4.27 -1.45
C ALA A 61 6.78 -2.79 -1.80
N ILE A 62 7.86 -2.12 -2.18
CA ILE A 62 7.77 -0.80 -2.75
C ILE A 62 8.39 -0.85 -4.14
N PHE A 63 7.54 -1.15 -5.10
CA PHE A 63 7.93 -1.29 -6.49
C PHE A 63 7.82 0.05 -7.19
N ALA A 64 6.59 0.56 -7.31
CA ALA A 64 6.34 1.83 -7.98
C ALA A 64 5.67 2.82 -7.04
N ALA A 65 6.47 3.68 -6.44
CA ALA A 65 5.96 4.75 -5.58
C ALA A 65 6.60 6.09 -5.96
N ASP A 66 7.39 6.08 -7.03
CA ASP A 66 8.14 7.25 -7.49
C ASP A 66 7.24 8.26 -8.17
N GLU A 67 6.24 7.75 -8.89
CA GLU A 67 5.41 8.55 -9.77
C GLU A 67 4.14 9.06 -9.08
N VAL A 68 4.09 8.92 -7.76
CA VAL A 68 3.06 9.55 -6.93
C VAL A 68 3.68 10.52 -5.92
N LEU A 69 5.02 10.68 -5.99
CA LEU A 69 5.71 11.67 -5.18
C LEU A 69 5.52 13.05 -5.78
N GLU A 70 5.62 14.08 -4.90
CA GLU A 70 5.36 15.50 -5.23
C GLU A 70 3.85 15.77 -5.46
N HIS A 71 3.00 14.79 -5.13
CA HIS A 71 1.54 14.96 -5.22
C HIS A 71 1.04 15.58 -3.91
N HIS A 72 1.34 16.87 -3.79
CA HIS A 72 1.00 17.68 -2.63
C HIS A 72 0.71 19.09 -3.11
N HIS A 73 1.39 19.49 -4.20
CA HIS A 73 1.14 20.78 -4.83
C HIS A 73 -0.18 20.71 -5.60
N HIS A 74 -1.00 21.76 -5.44
CA HIS A 74 -2.33 21.86 -6.05
C HIS A 74 -3.23 20.66 -5.71
N HIS A 75 -3.61 20.58 -4.44
CA HIS A 75 -4.47 19.52 -3.95
C HIS A 75 -5.94 19.93 -4.14
N HIS A 76 -6.57 19.34 -5.16
CA HIS A 76 -7.95 19.64 -5.50
C HIS A 76 -8.89 18.70 -4.74
N MET A 1 3.91 -12.44 -8.93
CA MET A 1 3.93 -10.98 -8.71
C MET A 1 2.74 -10.34 -9.42
N ILE A 2 2.04 -9.45 -8.72
CA ILE A 2 0.89 -8.75 -9.28
C ILE A 2 1.28 -7.42 -9.91
N ARG A 3 0.39 -6.90 -10.74
CA ARG A 3 0.56 -5.59 -11.34
C ARG A 3 -0.36 -4.60 -10.62
N LEU A 4 0.24 -3.64 -9.94
CA LEU A 4 -0.50 -2.61 -9.24
C LEU A 4 -0.35 -1.27 -9.92
N THR A 5 -1.31 -0.39 -9.70
CA THR A 5 -1.21 0.99 -10.18
C THR A 5 -0.51 1.84 -9.10
N ILE A 6 -0.16 3.09 -9.45
CA ILE A 6 0.66 3.95 -8.59
C ILE A 6 -0.10 4.34 -7.31
N GLU A 7 -1.43 4.43 -7.41
CA GLU A 7 -2.31 4.74 -6.28
C GLU A 7 -2.24 3.66 -5.20
N GLU A 8 -2.38 2.39 -5.62
CA GLU A 8 -2.42 1.24 -4.69
C GLU A 8 -1.09 1.03 -3.98
N THR A 9 0.00 1.23 -4.71
CA THR A 9 1.35 1.09 -4.18
C THR A 9 1.75 2.26 -3.28
N ASN A 10 1.15 3.44 -3.52
CA ASN A 10 1.39 4.65 -2.70
C ASN A 10 0.84 4.47 -1.27
N LEU A 11 -0.25 3.71 -1.16
CA LEU A 11 -0.82 3.31 0.13
C LEU A 11 0.15 2.40 0.91
N LEU A 12 0.81 1.50 0.16
CA LEU A 12 1.80 0.58 0.71
C LEU A 12 3.06 1.33 1.15
N SER A 13 3.37 2.41 0.43
CA SER A 13 4.51 3.28 0.70
C SER A 13 4.33 4.07 1.99
N ILE A 14 3.08 4.30 2.40
CA ILE A 14 2.76 4.95 3.68
C ILE A 14 3.17 4.05 4.85
N TYR A 15 2.86 2.76 4.75
CA TYR A 15 3.11 1.82 5.84
C TYR A 15 4.44 1.08 5.67
N ASN A 16 4.39 -0.05 4.93
CA ASN A 16 5.50 -1.02 4.78
C ASN A 16 6.03 -1.50 6.15
N GLU A 17 5.39 -2.53 6.69
CA GLU A 17 5.76 -3.06 8.01
C GLU A 17 6.84 -4.15 7.88
N GLY A 18 6.42 -5.36 7.57
CA GLY A 18 7.32 -6.48 7.53
C GLY A 18 6.70 -7.63 6.78
N GLY A 19 6.25 -7.34 5.57
CA GLY A 19 5.54 -8.29 4.76
C GLY A 19 4.11 -7.87 4.57
N LYS A 20 3.33 -8.72 3.93
CA LYS A 20 1.96 -8.37 3.57
C LYS A 20 1.00 -8.62 4.73
N ARG A 21 1.45 -9.44 5.69
CA ARG A 21 0.72 -9.66 6.93
C ARG A 21 0.68 -8.37 7.72
N GLY A 22 1.87 -7.80 7.92
CA GLY A 22 2.01 -6.54 8.62
C GLY A 22 1.38 -5.37 7.91
N LEU A 23 1.34 -5.43 6.57
CA LEU A 23 0.60 -4.45 5.78
C LEU A 23 -0.89 -4.50 6.08
N MET A 24 -1.45 -5.71 6.19
CA MET A 24 -2.86 -5.89 6.50
C MET A 24 -3.19 -5.47 7.94
N GLU A 25 -2.31 -5.81 8.90
CA GLU A 25 -2.53 -5.45 10.32
C GLU A 25 -2.48 -3.92 10.52
N ASN A 26 -1.61 -3.25 9.76
CA ASN A 26 -1.45 -1.81 9.86
C ASN A 26 -2.55 -1.06 9.11
N ILE A 27 -2.88 -1.50 7.90
CA ILE A 27 -3.91 -0.84 7.07
C ILE A 27 -5.30 -0.91 7.72
N ASN A 28 -5.73 -2.11 8.12
CA ASN A 28 -7.09 -2.34 8.66
C ASN A 28 -7.34 -1.58 9.97
N ALA A 29 -6.32 -1.49 10.82
CA ALA A 29 -6.47 -0.87 12.12
C ALA A 29 -6.31 0.65 12.07
N ALA A 30 -5.52 1.15 11.12
CA ALA A 30 -5.22 2.57 11.04
C ALA A 30 -5.99 3.26 9.89
N LEU A 31 -7.07 2.61 9.42
CA LEU A 31 -8.04 3.23 8.50
C LEU A 31 -8.64 4.56 9.03
N PRO A 32 -9.09 4.68 10.34
CA PRO A 32 -9.57 5.97 10.89
C PRO A 32 -8.46 7.03 11.05
N PHE A 33 -7.20 6.61 10.95
CA PHE A 33 -6.07 7.52 11.03
C PHE A 33 -5.65 8.03 9.65
N MET A 34 -6.22 7.42 8.61
CA MET A 34 -5.94 7.82 7.23
C MET A 34 -7.06 8.70 6.67
N ASP A 35 -6.90 9.07 5.39
CA ASP A 35 -7.88 9.86 4.66
C ASP A 35 -9.04 8.96 4.21
N GLU A 36 -10.19 9.57 3.90
CA GLU A 36 -11.39 8.86 3.47
C GLU A 36 -11.19 8.20 2.09
N ASP A 37 -10.45 8.88 1.20
CA ASP A 37 -10.13 8.35 -0.14
C ASP A 37 -9.13 7.18 -0.02
N MET A 38 -8.22 7.31 0.94
CA MET A 38 -7.19 6.29 1.20
C MET A 38 -7.79 5.04 1.87
N ARG A 39 -8.91 5.20 2.57
CA ARG A 39 -9.63 4.08 3.21
C ARG A 39 -10.28 3.17 2.15
N GLU A 40 -10.86 3.78 1.13
CA GLU A 40 -11.49 3.05 0.02
C GLU A 40 -10.45 2.41 -0.90
N LEU A 41 -9.29 3.07 -1.02
CA LEU A 41 -8.15 2.54 -1.76
C LEU A 41 -7.55 1.33 -1.05
N ALA A 42 -7.59 1.36 0.28
CA ALA A 42 -7.06 0.29 1.12
C ALA A 42 -7.75 -1.04 0.87
N LYS A 43 -9.06 -1.00 0.68
CA LYS A 43 -9.87 -2.19 0.40
C LYS A 43 -9.53 -2.79 -0.96
N ARG A 44 -9.22 -1.93 -1.93
CA ARG A 44 -8.83 -2.35 -3.28
C ARG A 44 -7.46 -3.02 -3.29
N THR A 45 -6.52 -2.44 -2.55
CA THR A 45 -5.14 -2.91 -2.50
C THR A 45 -5.04 -4.23 -1.70
N LEU A 46 -5.83 -4.37 -0.63
CA LEU A 46 -5.87 -5.60 0.18
C LEU A 46 -6.46 -6.77 -0.59
N ALA A 47 -7.34 -6.48 -1.55
CA ALA A 47 -7.92 -7.51 -2.43
C ALA A 47 -6.89 -8.02 -3.45
N LYS A 48 -5.87 -7.19 -3.72
CA LYS A 48 -4.80 -7.53 -4.66
C LYS A 48 -3.72 -8.38 -3.99
N ILE A 49 -3.48 -8.14 -2.69
CA ILE A 49 -2.43 -8.85 -1.95
C ILE A 49 -3.01 -10.08 -1.22
N ALA A 50 -4.35 -10.18 -1.19
CA ALA A 50 -5.06 -11.38 -0.69
C ALA A 50 -4.68 -12.70 -1.43
N PRO A 51 -4.60 -12.77 -2.81
CA PRO A 51 -4.14 -13.98 -3.50
C PRO A 51 -2.62 -14.17 -3.47
N LEU A 52 -1.91 -13.22 -2.87
CA LEU A 52 -0.48 -13.35 -2.69
C LEU A 52 -0.22 -14.09 -1.40
N THR A 53 0.78 -14.96 -1.44
CA THR A 53 1.31 -15.56 -0.25
C THR A 53 2.36 -14.59 0.38
N GLU A 54 2.81 -14.89 1.59
CA GLU A 54 3.58 -13.95 2.43
C GLU A 54 4.90 -13.52 1.77
N ASN A 55 5.57 -14.49 1.17
CA ASN A 55 6.91 -14.30 0.62
C ASN A 55 6.89 -13.52 -0.70
N GLU A 56 5.78 -13.61 -1.47
CA GLU A 56 5.62 -12.92 -2.75
C GLU A 56 5.74 -11.40 -2.62
N TYR A 57 4.96 -10.82 -1.68
CA TYR A 57 4.95 -9.37 -1.47
C TYR A 57 6.26 -8.87 -0.85
N ALA A 58 6.97 -9.76 -0.15
CA ALA A 58 8.26 -9.41 0.48
C ALA A 58 9.33 -9.05 -0.57
N GLU A 59 9.22 -9.65 -1.77
CA GLU A 59 10.10 -9.34 -2.90
C GLU A 59 9.66 -8.07 -3.66
N LEU A 60 8.43 -7.60 -3.43
CA LEU A 60 7.96 -6.34 -4.02
C LEU A 60 8.39 -5.15 -3.17
N ALA A 61 8.07 -5.24 -1.86
CA ALA A 61 8.28 -4.17 -0.87
C ALA A 61 7.55 -2.87 -1.28
N ILE A 62 8.28 -1.89 -1.84
CA ILE A 62 7.66 -0.72 -2.46
C ILE A 62 7.98 -0.77 -3.95
N PHE A 63 7.07 -1.40 -4.69
CA PHE A 63 7.27 -1.59 -6.12
C PHE A 63 6.53 -0.49 -6.87
N ALA A 64 7.31 0.48 -7.40
CA ALA A 64 6.83 1.79 -7.92
C ALA A 64 6.38 2.68 -6.76
N ALA A 65 5.65 3.78 -7.08
CA ALA A 65 4.99 4.71 -6.12
C ALA A 65 5.92 5.70 -5.45
N ASP A 66 7.22 5.41 -5.38
CA ASP A 66 8.20 6.30 -4.75
C ASP A 66 8.49 7.53 -5.62
N GLU A 67 8.13 7.43 -6.89
CA GLU A 67 8.40 8.46 -7.89
C GLU A 67 7.47 9.68 -7.72
N VAL A 68 6.42 9.56 -6.90
CA VAL A 68 5.55 10.70 -6.60
C VAL A 68 6.21 11.63 -5.56
N LEU A 69 7.12 11.07 -4.76
CA LEU A 69 7.86 11.84 -3.74
C LEU A 69 8.93 12.73 -4.39
N GLU A 70 9.27 12.38 -5.63
CA GLU A 70 10.16 13.18 -6.45
C GLU A 70 9.35 14.12 -7.36
N HIS A 71 8.18 13.64 -7.80
CA HIS A 71 7.35 14.33 -8.80
C HIS A 71 6.69 15.58 -8.21
N HIS A 72 6.05 15.45 -7.05
CA HIS A 72 5.43 16.61 -6.40
C HIS A 72 6.28 17.14 -5.24
N HIS A 73 7.14 16.26 -4.68
CA HIS A 73 7.90 16.49 -3.42
C HIS A 73 6.93 16.73 -2.24
N HIS A 74 6.59 18.00 -2.01
CA HIS A 74 5.52 18.40 -1.09
C HIS A 74 4.80 19.58 -1.72
N HIS A 75 3.53 19.80 -1.38
CA HIS A 75 2.83 20.99 -1.87
C HIS A 75 3.07 22.16 -0.91
N HIS A 76 4.15 22.87 -1.17
CA HIS A 76 4.57 24.04 -0.41
C HIS A 76 5.59 24.83 -1.23
N MET A 1 3.82 -12.53 -9.78
CA MET A 1 3.95 -11.07 -9.68
C MET A 1 2.60 -10.40 -9.94
N ILE A 2 2.15 -9.59 -8.99
CA ILE A 2 0.92 -8.81 -9.20
C ILE A 2 1.27 -7.45 -9.81
N ARG A 3 0.38 -6.96 -10.66
CA ARG A 3 0.54 -5.65 -11.28
C ARG A 3 -0.29 -4.61 -10.54
N LEU A 4 0.40 -3.78 -9.78
CA LEU A 4 -0.24 -2.72 -9.01
C LEU A 4 0.06 -1.37 -9.62
N THR A 5 -0.87 -0.42 -9.45
CA THR A 5 -0.69 0.92 -9.99
C THR A 5 0.14 1.76 -9.00
N ILE A 6 0.55 2.95 -9.45
CA ILE A 6 1.44 3.84 -8.70
C ILE A 6 0.77 4.29 -7.38
N GLU A 7 -0.55 4.46 -7.40
CA GLU A 7 -1.31 4.89 -6.23
C GLU A 7 -1.43 3.78 -5.17
N GLU A 8 -1.55 2.54 -5.61
CA GLU A 8 -1.65 1.39 -4.69
C GLU A 8 -0.33 1.15 -3.97
N THR A 9 0.78 1.28 -4.69
CA THR A 9 2.12 1.12 -4.12
C THR A 9 2.48 2.32 -3.23
N ASN A 10 1.92 3.49 -3.54
CA ASN A 10 2.08 4.70 -2.72
C ASN A 10 1.41 4.51 -1.35
N LEU A 11 0.23 3.90 -1.37
CA LEU A 11 -0.54 3.57 -0.18
C LEU A 11 0.17 2.47 0.65
N LEU A 12 0.83 1.54 -0.06
CA LEU A 12 1.63 0.49 0.55
C LEU A 12 2.84 1.06 1.30
N SER A 13 3.42 2.14 0.74
CA SER A 13 4.61 2.79 1.33
C SER A 13 4.31 3.44 2.68
N ILE A 14 3.06 3.84 2.88
CA ILE A 14 2.62 4.52 4.10
C ILE A 14 2.57 3.53 5.29
N TYR A 15 2.15 2.29 5.03
CA TYR A 15 1.96 1.31 6.10
C TYR A 15 2.86 0.08 5.93
N ASN A 16 4.01 0.29 5.26
CA ASN A 16 4.90 -0.80 4.89
C ASN A 16 5.72 -1.30 6.07
N GLU A 17 5.29 -2.44 6.63
CA GLU A 17 5.97 -3.04 7.75
C GLU A 17 6.49 -4.44 7.43
N GLY A 18 6.00 -5.47 8.13
CA GLY A 18 6.58 -6.80 8.07
C GLY A 18 5.87 -7.71 7.09
N GLY A 19 6.30 -7.65 5.83
CA GLY A 19 5.70 -8.44 4.78
C GLY A 19 4.33 -7.93 4.40
N LYS A 20 3.46 -8.82 3.94
CA LYS A 20 2.08 -8.43 3.66
C LYS A 20 1.24 -8.53 4.93
N ARG A 21 1.76 -9.24 5.93
CA ARG A 21 1.08 -9.41 7.20
C ARG A 21 1.02 -8.08 7.95
N GLY A 22 2.16 -7.40 8.03
CA GLY A 22 2.25 -6.08 8.62
C GLY A 22 1.44 -5.03 7.87
N LEU A 23 1.35 -5.17 6.54
CA LEU A 23 0.54 -4.27 5.71
C LEU A 23 -0.94 -4.39 6.02
N MET A 24 -1.46 -5.60 6.02
CA MET A 24 -2.90 -5.85 6.17
C MET A 24 -3.37 -5.55 7.59
N GLU A 25 -2.53 -5.82 8.59
CA GLU A 25 -2.85 -5.48 9.99
C GLU A 25 -2.91 -3.96 10.21
N ASN A 26 -1.95 -3.23 9.65
CA ASN A 26 -1.87 -1.76 9.82
C ASN A 26 -2.99 -1.05 9.09
N ILE A 27 -3.30 -1.51 7.88
CA ILE A 27 -4.32 -0.87 7.05
C ILE A 27 -5.72 -1.01 7.69
N ASN A 28 -6.07 -2.21 8.18
CA ASN A 28 -7.40 -2.43 8.80
C ASN A 28 -7.53 -1.72 10.17
N ALA A 29 -6.41 -1.48 10.83
CA ALA A 29 -6.41 -0.77 12.12
C ALA A 29 -6.47 0.74 11.93
N ALA A 30 -5.95 1.22 10.80
CA ALA A 30 -5.92 2.65 10.51
C ALA A 30 -7.07 3.08 9.60
N LEU A 31 -8.00 2.15 9.33
CA LEU A 31 -9.23 2.47 8.58
C LEU A 31 -10.08 3.56 9.26
N PRO A 32 -10.33 3.56 10.62
CA PRO A 32 -11.03 4.68 11.32
C PRO A 32 -10.26 6.02 11.29
N PHE A 33 -9.04 6.00 10.77
CA PHE A 33 -8.21 7.17 10.63
C PHE A 33 -8.14 7.55 9.13
N MET A 34 -6.92 7.85 8.63
CA MET A 34 -6.65 8.20 7.21
C MET A 34 -7.42 9.47 6.81
N ASP A 35 -8.48 9.30 6.03
CA ASP A 35 -9.42 10.36 5.69
C ASP A 35 -10.76 9.74 5.24
N GLU A 36 -10.73 9.09 4.07
CA GLU A 36 -11.87 8.42 3.44
C GLU A 36 -11.44 7.88 2.07
N ASP A 37 -10.65 8.71 1.37
CA ASP A 37 -10.06 8.36 0.07
C ASP A 37 -9.07 7.24 0.23
N MET A 38 -8.14 7.41 1.19
CA MET A 38 -7.17 6.39 1.54
C MET A 38 -7.82 5.13 2.11
N ARG A 39 -8.99 5.29 2.74
CA ARG A 39 -9.69 4.18 3.40
C ARG A 39 -10.33 3.23 2.38
N GLU A 40 -11.07 3.79 1.43
CA GLU A 40 -11.76 2.99 0.40
C GLU A 40 -10.78 2.40 -0.62
N LEU A 41 -9.70 3.15 -0.89
CA LEU A 41 -8.62 2.68 -1.76
C LEU A 41 -7.85 1.54 -1.09
N ALA A 42 -7.74 1.60 0.24
CA ALA A 42 -7.04 0.59 1.02
C ALA A 42 -7.75 -0.76 0.98
N LYS A 43 -9.08 -0.72 0.86
CA LYS A 43 -9.88 -1.93 0.74
C LYS A 43 -9.69 -2.61 -0.62
N ARG A 44 -9.40 -1.80 -1.66
CA ARG A 44 -9.06 -2.32 -2.99
C ARG A 44 -7.67 -2.95 -2.99
N THR A 45 -6.73 -2.33 -2.26
CA THR A 45 -5.35 -2.80 -2.16
C THR A 45 -5.26 -4.07 -1.29
N LEU A 46 -6.10 -4.16 -0.25
CA LEU A 46 -6.18 -5.37 0.59
C LEU A 46 -6.75 -6.56 -0.18
N ALA A 47 -7.63 -6.27 -1.14
CA ALA A 47 -8.18 -7.29 -2.04
C ALA A 47 -7.12 -7.78 -3.03
N LYS A 48 -6.07 -6.99 -3.23
CA LYS A 48 -4.97 -7.37 -4.10
C LYS A 48 -3.99 -8.29 -3.37
N ILE A 49 -3.71 -8.00 -2.09
CA ILE A 49 -2.66 -8.72 -1.34
C ILE A 49 -3.23 -9.96 -0.62
N ALA A 50 -4.56 -10.04 -0.47
CA ALA A 50 -5.22 -11.23 0.10
C ALA A 50 -4.88 -12.56 -0.64
N PRO A 51 -4.93 -12.67 -2.01
CA PRO A 51 -4.49 -13.88 -2.69
C PRO A 51 -2.97 -13.95 -2.92
N LEU A 52 -2.23 -12.93 -2.47
CA LEU A 52 -0.78 -12.92 -2.59
C LEU A 52 -0.16 -13.61 -1.37
N THR A 53 1.07 -14.06 -1.56
CA THR A 53 1.88 -14.54 -0.46
C THR A 53 2.89 -13.45 -0.07
N GLU A 54 3.42 -13.49 1.15
CA GLU A 54 4.39 -12.50 1.59
C GLU A 54 5.82 -12.91 1.22
N ASN A 55 5.93 -14.11 0.64
CA ASN A 55 7.15 -14.54 -0.03
C ASN A 55 7.33 -13.73 -1.33
N GLU A 56 6.23 -13.60 -2.09
CA GLU A 56 6.22 -12.82 -3.31
C GLU A 56 6.20 -11.32 -3.02
N TYR A 57 5.49 -10.94 -1.93
CA TYR A 57 5.38 -9.53 -1.53
C TYR A 57 6.73 -8.98 -1.06
N ALA A 58 7.63 -9.85 -0.59
CA ALA A 58 8.99 -9.43 -0.24
C ALA A 58 9.79 -9.02 -1.49
N GLU A 59 9.59 -9.76 -2.58
CA GLU A 59 10.25 -9.48 -3.86
C GLU A 59 9.57 -8.32 -4.63
N LEU A 60 8.31 -8.04 -4.30
CA LEU A 60 7.60 -6.89 -4.86
C LEU A 60 7.95 -5.63 -4.07
N ALA A 61 7.47 -5.62 -2.81
CA ALA A 61 7.66 -4.53 -1.83
C ALA A 61 7.21 -3.18 -2.41
N ILE A 62 8.09 -2.18 -2.35
CA ILE A 62 7.82 -0.90 -2.94
C ILE A 62 8.53 -0.84 -4.30
N PHE A 63 7.79 -1.18 -5.34
CA PHE A 63 8.35 -1.26 -6.69
C PHE A 63 7.89 -0.07 -7.55
N ALA A 64 6.97 0.71 -7.01
CA ALA A 64 6.46 1.89 -7.67
C ALA A 64 6.37 3.02 -6.64
N ALA A 65 5.77 4.16 -7.04
CA ALA A 65 5.65 5.40 -6.23
C ALA A 65 7.03 6.06 -6.02
N ASP A 66 7.98 5.70 -6.87
CA ASP A 66 9.32 6.26 -6.84
C ASP A 66 9.42 7.46 -7.78
N GLU A 67 8.43 7.60 -8.65
CA GLU A 67 8.40 8.67 -9.64
C GLU A 67 7.67 9.90 -9.11
N VAL A 68 6.93 9.74 -8.00
CA VAL A 68 6.11 10.81 -7.45
C VAL A 68 6.90 11.66 -6.45
N LEU A 69 8.14 11.22 -6.17
CA LEU A 69 9.02 11.89 -5.20
C LEU A 69 9.47 13.24 -5.74
N GLU A 70 9.06 14.30 -5.00
CA GLU A 70 9.40 15.72 -5.26
C GLU A 70 8.62 16.33 -6.44
N HIS A 71 7.92 15.51 -7.24
CA HIS A 71 7.14 16.01 -8.39
C HIS A 71 5.88 16.72 -7.88
N HIS A 72 5.31 16.18 -6.80
CA HIS A 72 4.27 16.88 -6.07
C HIS A 72 4.74 17.04 -4.62
N HIS A 73 4.77 18.28 -4.16
CA HIS A 73 5.18 18.57 -2.80
C HIS A 73 3.96 18.68 -1.90
N HIS A 74 3.89 17.80 -0.91
CA HIS A 74 2.77 17.77 0.01
C HIS A 74 3.29 17.54 1.44
N HIS A 75 2.87 18.40 2.36
CA HIS A 75 3.28 18.29 3.75
C HIS A 75 2.55 17.14 4.45
N HIS A 76 3.24 16.50 5.38
CA HIS A 76 2.72 15.33 6.09
C HIS A 76 2.20 15.72 7.48
N MET A 1 3.80 -12.10 -8.77
CA MET A 1 3.98 -10.79 -9.43
C MET A 1 2.67 -10.31 -10.05
N ILE A 2 2.11 -9.24 -9.49
CA ILE A 2 0.95 -8.58 -10.07
C ILE A 2 1.21 -7.09 -10.17
N ARG A 3 0.21 -6.34 -10.65
CA ARG A 3 0.34 -4.90 -10.77
C ARG A 3 -0.64 -4.16 -9.88
N LEU A 4 -0.09 -3.46 -8.91
CA LEU A 4 -0.86 -2.49 -8.13
C LEU A 4 -0.64 -1.13 -8.75
N THR A 5 -1.61 -0.23 -8.60
CA THR A 5 -1.48 1.12 -9.16
C THR A 5 -0.53 1.94 -8.28
N ILE A 6 -0.17 3.15 -8.75
CA ILE A 6 0.87 3.97 -8.13
C ILE A 6 0.52 4.36 -6.68
N GLU A 7 -0.77 4.62 -6.44
CA GLU A 7 -1.26 4.95 -5.08
C GLU A 7 -1.32 3.72 -4.16
N GLU A 8 -1.44 2.52 -4.72
CA GLU A 8 -1.50 1.29 -3.93
C GLU A 8 -0.12 0.91 -3.40
N THR A 9 0.91 1.11 -4.22
CA THR A 9 2.31 0.92 -3.81
C THR A 9 2.79 2.03 -2.88
N ASN A 10 2.20 3.22 -3.04
CA ASN A 10 2.40 4.34 -2.11
C ASN A 10 1.88 3.97 -0.71
N LEU A 11 0.69 3.40 -0.68
CA LEU A 11 0.04 2.97 0.55
C LEU A 11 0.81 1.84 1.24
N LEU A 12 1.44 0.99 0.42
CA LEU A 12 2.30 -0.09 0.91
C LEU A 12 3.46 0.45 1.72
N SER A 13 4.14 1.48 1.19
CA SER A 13 5.30 2.07 1.87
C SER A 13 4.91 2.88 3.12
N ILE A 14 3.64 3.37 3.18
CA ILE A 14 3.12 4.07 4.36
C ILE A 14 3.05 3.15 5.58
N TYR A 15 2.43 1.98 5.42
CA TYR A 15 2.20 1.07 6.55
C TYR A 15 3.14 -0.15 6.51
N ASN A 16 4.32 0.04 5.94
CA ASN A 16 5.28 -1.05 5.75
C ASN A 16 6.11 -1.29 7.01
N GLU A 17 5.76 -2.33 7.75
CA GLU A 17 6.54 -2.75 8.90
C GLU A 17 6.99 -4.19 8.79
N GLY A 18 6.23 -5.01 8.06
CA GLY A 18 6.53 -6.42 7.98
C GLY A 18 5.74 -7.11 6.89
N GLY A 19 6.07 -6.78 5.65
CA GLY A 19 5.42 -7.38 4.50
C GLY A 19 4.01 -6.89 4.34
N LYS A 20 3.16 -7.76 3.79
CA LYS A 20 1.76 -7.43 3.59
C LYS A 20 0.93 -7.85 4.81
N ARG A 21 1.56 -8.61 5.70
CA ARG A 21 1.00 -9.01 6.97
C ARG A 21 0.80 -7.79 7.85
N GLY A 22 1.88 -7.01 8.01
CA GLY A 22 1.83 -5.75 8.70
C GLY A 22 1.03 -4.70 7.95
N LEU A 23 1.02 -4.78 6.61
CA LEU A 23 0.20 -3.89 5.77
C LEU A 23 -1.30 -4.06 6.07
N MET A 24 -1.75 -5.32 6.12
CA MET A 24 -3.18 -5.65 6.35
C MET A 24 -3.67 -5.19 7.72
N GLU A 25 -2.86 -5.42 8.75
CA GLU A 25 -3.23 -5.10 10.13
C GLU A 25 -3.18 -3.60 10.40
N ASN A 26 -2.20 -2.89 9.79
CA ASN A 26 -2.10 -1.43 9.93
C ASN A 26 -3.16 -0.71 9.13
N ILE A 27 -3.54 -1.27 7.97
CA ILE A 27 -4.60 -0.71 7.14
C ILE A 27 -5.96 -0.81 7.85
N ASN A 28 -6.30 -1.99 8.36
CA ASN A 28 -7.61 -2.23 9.00
C ASN A 28 -7.78 -1.42 10.28
N ALA A 29 -6.68 -1.24 11.03
CA ALA A 29 -6.71 -0.47 12.27
C ALA A 29 -6.74 1.04 12.01
N ALA A 30 -6.07 1.49 10.95
CA ALA A 30 -5.98 2.91 10.66
C ALA A 30 -6.95 3.37 9.58
N LEU A 31 -7.99 2.56 9.29
CA LEU A 31 -9.09 2.95 8.39
C LEU A 31 -9.84 4.24 8.83
N PRO A 32 -10.20 4.44 10.16
CA PRO A 32 -10.76 5.73 10.63
C PRO A 32 -9.74 6.88 10.64
N PHE A 33 -8.44 6.54 10.56
CA PHE A 33 -7.36 7.54 10.61
C PHE A 33 -6.98 8.01 9.21
N MET A 34 -7.49 7.32 8.18
CA MET A 34 -7.23 7.67 6.79
C MET A 34 -8.17 8.75 6.28
N ASP A 35 -7.79 9.36 5.18
CA ASP A 35 -8.73 10.11 4.35
C ASP A 35 -9.55 9.08 3.56
N GLU A 36 -10.80 9.39 3.23
CA GLU A 36 -11.73 8.44 2.57
C GLU A 36 -11.22 7.94 1.21
N ASP A 37 -10.37 8.75 0.57
CA ASP A 37 -9.74 8.41 -0.70
C ASP A 37 -8.77 7.23 -0.53
N MET A 38 -7.91 7.33 0.48
CA MET A 38 -6.90 6.31 0.78
C MET A 38 -7.53 5.10 1.49
N ARG A 39 -8.66 5.35 2.16
CA ARG A 39 -9.45 4.33 2.87
C ARG A 39 -10.00 3.26 1.92
N GLU A 40 -10.69 3.69 0.86
CA GLU A 40 -11.19 2.78 -0.18
C GLU A 40 -10.06 2.29 -1.09
N LEU A 41 -9.00 3.07 -1.21
CA LEU A 41 -7.77 2.66 -1.90
C LEU A 41 -7.14 1.44 -1.21
N ALA A 42 -7.19 1.46 0.12
CA ALA A 42 -6.69 0.38 0.97
C ALA A 42 -7.51 -0.90 0.81
N LYS A 43 -8.78 -0.72 0.51
CA LYS A 43 -9.70 -1.83 0.22
C LYS A 43 -9.27 -2.55 -1.07
N ARG A 44 -8.84 -1.76 -2.06
CA ARG A 44 -8.32 -2.29 -3.33
C ARG A 44 -6.97 -2.96 -3.16
N THR A 45 -6.11 -2.37 -2.31
CA THR A 45 -4.76 -2.85 -2.08
C THR A 45 -4.75 -4.21 -1.36
N LEU A 46 -5.64 -4.39 -0.39
CA LEU A 46 -5.75 -5.66 0.33
C LEU A 46 -6.32 -6.76 -0.54
N ALA A 47 -7.15 -6.38 -1.52
CA ALA A 47 -7.69 -7.32 -2.50
C ALA A 47 -6.61 -7.79 -3.49
N LYS A 48 -5.57 -6.96 -3.68
CA LYS A 48 -4.43 -7.31 -4.53
C LYS A 48 -3.53 -8.33 -3.85
N ILE A 49 -3.16 -8.08 -2.59
CA ILE A 49 -2.12 -8.87 -1.92
C ILE A 49 -2.71 -10.01 -1.06
N ALA A 50 -4.04 -10.18 -1.11
CA ALA A 50 -4.71 -11.34 -0.49
C ALA A 50 -4.13 -12.72 -0.95
N PRO A 51 -3.93 -13.01 -2.28
CA PRO A 51 -3.25 -14.26 -2.70
C PRO A 51 -1.72 -14.19 -2.61
N LEU A 52 -1.16 -13.02 -2.26
CA LEU A 52 0.29 -12.85 -2.21
C LEU A 52 0.77 -12.85 -0.76
N THR A 53 0.94 -14.04 -0.20
CA THR A 53 1.24 -14.19 1.21
C THR A 53 2.76 -14.13 1.51
N GLU A 54 3.25 -12.88 1.71
CA GLU A 54 4.55 -12.56 2.37
C GLU A 54 5.76 -12.73 1.44
N ASN A 55 6.03 -13.97 1.03
CA ASN A 55 7.14 -14.29 0.11
C ASN A 55 6.81 -13.79 -1.31
N GLU A 56 5.52 -13.78 -1.63
CA GLU A 56 5.03 -13.30 -2.92
C GLU A 56 5.05 -11.77 -2.98
N TYR A 57 4.90 -11.14 -1.80
CA TYR A 57 5.01 -9.69 -1.64
C TYR A 57 6.46 -9.24 -1.77
N ALA A 58 7.41 -10.14 -1.49
CA ALA A 58 8.85 -9.83 -1.56
C ALA A 58 9.34 -9.68 -3.00
N GLU A 59 8.58 -10.26 -3.97
CA GLU A 59 8.79 -10.00 -5.41
C GLU A 59 8.67 -8.52 -5.72
N LEU A 60 7.67 -7.90 -5.09
CA LEU A 60 7.28 -6.54 -5.38
C LEU A 60 8.12 -5.56 -4.58
N ALA A 61 8.01 -5.66 -3.24
CA ALA A 61 8.75 -4.82 -2.25
C ALA A 61 8.58 -3.32 -2.51
N ILE A 62 7.36 -2.95 -2.97
CA ILE A 62 7.02 -1.59 -3.44
C ILE A 62 7.83 -1.23 -4.71
N PHE A 63 7.15 -1.26 -5.86
CA PHE A 63 7.78 -0.89 -7.12
C PHE A 63 7.55 0.59 -7.45
N ALA A 64 6.28 0.95 -7.59
CA ALA A 64 5.91 2.28 -8.07
C ALA A 64 5.83 3.30 -6.93
N ALA A 65 6.98 3.79 -6.52
CA ALA A 65 7.08 4.80 -5.49
C ALA A 65 7.85 6.03 -6.00
N ASP A 66 8.12 6.03 -7.31
CA ASP A 66 8.87 7.10 -7.93
C ASP A 66 7.93 8.20 -8.40
N GLU A 67 6.73 7.82 -8.80
CA GLU A 67 5.76 8.75 -9.36
C GLU A 67 4.87 9.39 -8.29
N VAL A 68 4.89 8.85 -7.06
CA VAL A 68 4.07 9.39 -5.97
C VAL A 68 4.75 10.51 -5.22
N LEU A 69 5.98 10.84 -5.63
CA LEU A 69 6.77 11.92 -5.02
C LEU A 69 6.08 13.28 -5.17
N GLU A 70 5.44 13.49 -6.32
CA GLU A 70 4.68 14.72 -6.53
C GLU A 70 3.25 14.40 -7.03
N HIS A 71 2.77 13.18 -6.76
CA HIS A 71 1.40 12.82 -7.13
C HIS A 71 0.45 13.10 -5.97
N HIS A 72 1.00 13.19 -4.77
CA HIS A 72 0.23 13.55 -3.60
C HIS A 72 0.45 15.02 -3.29
N HIS A 73 -0.45 15.84 -3.82
CA HIS A 73 -0.36 17.28 -3.67
C HIS A 73 -1.14 17.69 -2.41
N HIS A 74 -0.64 18.73 -1.73
CA HIS A 74 -1.20 19.16 -0.44
C HIS A 74 -2.63 19.74 -0.60
N HIS A 75 -3.54 19.27 0.24
CA HIS A 75 -4.86 19.88 0.33
C HIS A 75 -4.98 20.60 1.68
N HIS A 76 -4.01 20.36 2.56
CA HIS A 76 -3.90 21.08 3.84
C HIS A 76 -2.47 21.57 4.04
N MET A 1 5.10 -11.49 -9.17
CA MET A 1 4.60 -10.09 -9.07
C MET A 1 3.10 -10.05 -9.26
N ILE A 2 2.49 -8.91 -8.90
CA ILE A 2 1.10 -8.63 -9.22
C ILE A 2 1.02 -7.21 -9.80
N ARG A 3 0.12 -6.99 -10.74
CA ARG A 3 -0.01 -5.69 -11.41
C ARG A 3 -0.83 -4.74 -10.56
N LEU A 4 -0.12 -3.92 -9.82
CA LEU A 4 -0.73 -2.92 -8.97
C LEU A 4 -0.54 -1.53 -9.56
N THR A 5 -1.49 -0.65 -9.29
CA THR A 5 -1.30 0.77 -9.58
C THR A 5 -0.33 1.38 -8.57
N ILE A 6 0.23 2.53 -8.90
CA ILE A 6 1.26 3.14 -8.04
C ILE A 6 0.60 3.87 -6.85
N GLU A 7 -0.72 4.02 -6.88
CA GLU A 7 -1.47 4.49 -5.73
C GLU A 7 -1.47 3.43 -4.62
N GLU A 8 -1.51 2.15 -5.04
CA GLU A 8 -1.49 1.03 -4.10
C GLU A 8 -0.14 0.99 -3.39
N THR A 9 0.94 1.07 -4.18
CA THR A 9 2.31 1.01 -3.68
C THR A 9 2.70 2.26 -2.88
N ASN A 10 2.08 3.40 -3.17
CA ASN A 10 2.31 4.63 -2.39
C ASN A 10 1.71 4.51 -0.98
N LEU A 11 0.52 3.90 -0.88
CA LEU A 11 -0.13 3.61 0.39
C LEU A 11 0.65 2.55 1.17
N LEU A 12 1.17 1.57 0.44
CA LEU A 12 2.00 0.49 0.99
C LEU A 12 3.32 1.02 1.53
N SER A 13 3.84 2.08 0.91
CA SER A 13 5.06 2.76 1.35
C SER A 13 4.85 3.51 2.67
N ILE A 14 3.63 4.03 2.89
CA ILE A 14 3.29 4.73 4.14
C ILE A 14 3.26 3.75 5.32
N TYR A 15 2.60 2.61 5.12
CA TYR A 15 2.37 1.65 6.18
C TYR A 15 3.26 0.41 6.07
N ASN A 16 4.44 0.56 5.46
CA ASN A 16 5.33 -0.57 5.21
C ASN A 16 5.97 -1.06 6.50
N GLU A 17 5.45 -2.18 6.97
CA GLU A 17 5.95 -2.83 8.15
C GLU A 17 7.04 -3.85 7.76
N GLY A 18 7.01 -4.31 6.51
CA GLY A 18 8.03 -5.22 6.02
C GLY A 18 7.47 -6.31 5.12
N GLY A 19 6.30 -6.82 5.47
CA GLY A 19 5.70 -7.90 4.72
C GLY A 19 4.23 -7.70 4.50
N LYS A 20 3.58 -8.64 3.82
CA LYS A 20 2.19 -8.47 3.40
C LYS A 20 1.24 -8.70 4.57
N ARG A 21 1.66 -9.55 5.50
CA ARG A 21 0.89 -9.88 6.69
C ARG A 21 0.77 -8.65 7.60
N GLY A 22 1.90 -7.99 7.84
CA GLY A 22 1.93 -6.76 8.63
C GLY A 22 1.21 -5.60 7.96
N LEU A 23 1.25 -5.57 6.62
CA LEU A 23 0.56 -4.53 5.84
C LEU A 23 -0.95 -4.65 5.92
N MET A 24 -1.46 -5.89 5.87
CA MET A 24 -2.90 -6.12 5.94
C MET A 24 -3.46 -5.80 7.32
N GLU A 25 -2.63 -5.95 8.37
CA GLU A 25 -2.99 -5.54 9.72
C GLU A 25 -2.99 -4.01 9.86
N ASN A 26 -1.94 -3.37 9.31
CA ASN A 26 -1.77 -1.90 9.37
C ASN A 26 -2.88 -1.15 8.66
N ILE A 27 -3.27 -1.66 7.49
CA ILE A 27 -4.33 -1.08 6.69
C ILE A 27 -5.71 -1.31 7.32
N ASN A 28 -5.95 -2.53 7.83
CA ASN A 28 -7.26 -2.92 8.40
C ASN A 28 -7.62 -2.09 9.63
N ALA A 29 -6.62 -1.86 10.49
CA ALA A 29 -6.82 -1.11 11.73
C ALA A 29 -6.91 0.39 11.49
N ALA A 30 -6.16 0.90 10.52
CA ALA A 30 -6.02 2.33 10.33
C ALA A 30 -6.95 2.89 9.26
N LEU A 31 -8.02 2.16 8.90
CA LEU A 31 -9.01 2.63 7.91
C LEU A 31 -9.62 4.02 8.26
N PRO A 32 -10.20 4.25 9.49
CA PRO A 32 -10.70 5.59 9.87
C PRO A 32 -9.58 6.59 10.24
N PHE A 33 -8.35 6.10 10.34
CA PHE A 33 -7.22 6.91 10.79
C PHE A 33 -6.52 7.61 9.62
N MET A 34 -6.54 6.97 8.43
CA MET A 34 -5.86 7.49 7.23
C MET A 34 -6.51 8.77 6.72
N ASP A 35 -7.66 8.58 6.07
CA ASP A 35 -8.40 9.61 5.34
C ASP A 35 -9.62 8.88 4.78
N GLU A 36 -10.60 9.60 4.25
CA GLU A 36 -11.75 8.96 3.61
C GLU A 36 -11.37 8.43 2.22
N ASP A 37 -10.58 9.22 1.48
CA ASP A 37 -10.10 8.84 0.13
C ASP A 37 -9.08 7.70 0.21
N MET A 38 -8.19 7.81 1.19
CA MET A 38 -7.14 6.82 1.41
C MET A 38 -7.72 5.50 1.93
N ARG A 39 -8.87 5.58 2.61
CA ARG A 39 -9.61 4.40 3.10
C ARG A 39 -10.21 3.60 1.96
N GLU A 40 -10.79 4.30 0.98
CA GLU A 40 -11.38 3.65 -0.21
C GLU A 40 -10.32 2.93 -1.03
N LEU A 41 -9.13 3.53 -1.07
CA LEU A 41 -7.96 2.93 -1.70
C LEU A 41 -7.53 1.68 -0.94
N ALA A 42 -7.42 1.82 0.38
CA ALA A 42 -6.92 0.80 1.29
C ALA A 42 -7.69 -0.51 1.25
N LYS A 43 -9.02 -0.42 1.19
CA LYS A 43 -9.91 -1.58 1.13
C LYS A 43 -9.74 -2.36 -0.18
N ARG A 44 -9.49 -1.62 -1.27
CA ARG A 44 -9.27 -2.23 -2.58
C ARG A 44 -7.88 -2.85 -2.70
N THR A 45 -6.90 -2.23 -2.04
CA THR A 45 -5.52 -2.74 -2.01
C THR A 45 -5.45 -4.09 -1.25
N LEU A 46 -6.25 -4.22 -0.17
CA LEU A 46 -6.32 -5.45 0.63
C LEU A 46 -6.80 -6.67 -0.16
N ALA A 47 -7.69 -6.45 -1.13
CA ALA A 47 -8.23 -7.54 -1.97
C ALA A 47 -7.16 -8.04 -2.96
N LYS A 48 -6.17 -7.20 -3.23
CA LYS A 48 -5.10 -7.52 -4.16
C LYS A 48 -3.93 -8.22 -3.44
N ILE A 49 -3.73 -7.91 -2.14
CA ILE A 49 -2.60 -8.46 -1.37
C ILE A 49 -3.00 -9.76 -0.66
N ALA A 50 -4.30 -9.94 -0.38
CA ALA A 50 -4.83 -11.17 0.25
C ALA A 50 -4.43 -12.50 -0.46
N PRO A 51 -4.53 -12.63 -1.83
CA PRO A 51 -4.09 -13.86 -2.52
C PRO A 51 -2.57 -13.96 -2.76
N LEU A 52 -1.81 -12.98 -2.26
CA LEU A 52 -0.36 -13.00 -2.38
C LEU A 52 0.23 -13.74 -1.19
N THR A 53 1.52 -14.04 -1.27
CA THR A 53 2.22 -14.63 -0.14
C THR A 53 3.08 -13.58 0.55
N GLU A 54 3.68 -13.96 1.67
CA GLU A 54 4.62 -13.10 2.41
C GLU A 54 5.88 -12.85 1.59
N ASN A 55 6.32 -13.89 0.85
CA ASN A 55 7.48 -13.80 -0.03
C ASN A 55 7.18 -12.98 -1.29
N GLU A 56 5.95 -13.04 -1.79
CA GLU A 56 5.54 -12.30 -3.00
C GLU A 56 5.59 -10.78 -2.79
N TYR A 57 5.21 -10.34 -1.58
CA TYR A 57 5.28 -8.93 -1.23
C TYR A 57 6.73 -8.47 -1.09
N ALA A 58 7.60 -9.39 -0.63
CA ALA A 58 9.03 -9.11 -0.48
C ALA A 58 9.76 -9.08 -1.83
N GLU A 59 9.19 -9.75 -2.85
CA GLU A 59 9.70 -9.67 -4.22
C GLU A 59 9.46 -8.27 -4.78
N LEU A 60 8.30 -7.71 -4.44
CA LEU A 60 7.92 -6.36 -4.86
C LEU A 60 8.75 -5.33 -4.10
N ALA A 61 8.67 -5.38 -2.75
CA ALA A 61 9.37 -4.48 -1.82
C ALA A 61 9.00 -3.00 -2.02
N ILE A 62 7.83 -2.77 -2.67
CA ILE A 62 7.41 -1.47 -3.20
C ILE A 62 8.47 -0.93 -4.18
N PHE A 63 8.31 -1.31 -5.46
CA PHE A 63 9.21 -0.84 -6.52
C PHE A 63 9.01 0.64 -6.80
N ALA A 64 7.75 1.06 -6.82
CA ALA A 64 7.40 2.39 -7.23
C ALA A 64 6.64 3.14 -6.14
N ALA A 65 7.32 4.09 -5.52
CA ALA A 65 6.69 5.04 -4.62
C ALA A 65 7.33 6.41 -4.78
N ASP A 66 8.34 6.49 -5.65
CA ASP A 66 9.20 7.66 -5.74
C ASP A 66 8.82 8.55 -6.93
N GLU A 67 8.33 7.96 -8.00
CA GLU A 67 7.94 8.73 -9.19
C GLU A 67 6.58 9.39 -9.03
N VAL A 68 5.78 8.93 -8.06
CA VAL A 68 4.53 9.60 -7.70
C VAL A 68 4.75 10.70 -6.66
N LEU A 69 6.01 10.93 -6.29
CA LEU A 69 6.38 12.04 -5.42
C LEU A 69 6.76 13.27 -6.25
N GLU A 70 6.59 13.16 -7.58
CA GLU A 70 6.70 14.28 -8.50
C GLU A 70 5.50 15.23 -8.32
N HIS A 71 4.36 14.62 -7.96
CA HIS A 71 3.13 15.33 -7.63
C HIS A 71 3.37 16.26 -6.42
N HIS A 72 3.08 17.55 -6.63
CA HIS A 72 3.25 18.57 -5.59
C HIS A 72 2.12 18.47 -4.57
N HIS A 73 2.48 18.74 -3.30
CA HIS A 73 1.59 18.60 -2.11
C HIS A 73 1.37 17.13 -1.77
N HIS A 74 1.85 16.75 -0.59
CA HIS A 74 1.70 15.38 -0.09
C HIS A 74 0.40 15.23 0.71
N HIS A 75 0.14 14.01 1.14
CA HIS A 75 -1.04 13.70 1.95
C HIS A 75 -0.63 13.04 3.28
N HIS A 76 0.37 13.68 3.93
CA HIS A 76 0.99 13.20 5.20
C HIS A 76 1.70 11.86 5.00
N MET A 1 2.91 -12.09 -9.50
CA MET A 1 3.15 -10.64 -9.34
C MET A 1 1.87 -9.87 -9.69
N ILE A 2 1.30 -9.20 -8.70
CA ILE A 2 0.17 -8.31 -8.94
C ILE A 2 0.68 -6.97 -9.48
N ARG A 3 0.03 -6.48 -10.53
CA ARG A 3 0.45 -5.25 -11.15
C ARG A 3 -0.38 -4.10 -10.61
N LEU A 4 0.18 -3.41 -9.64
CA LEU A 4 -0.46 -2.25 -9.02
C LEU A 4 0.10 -0.98 -9.64
N THR A 5 -0.62 0.12 -9.47
CA THR A 5 -0.15 1.41 -9.95
C THR A 5 0.45 2.18 -8.77
N ILE A 6 0.83 3.44 -9.01
CA ILE A 6 1.59 4.25 -8.06
C ILE A 6 0.80 4.53 -6.77
N GLU A 7 -0.53 4.60 -6.89
CA GLU A 7 -1.41 4.87 -5.74
C GLU A 7 -1.36 3.73 -4.73
N GLU A 8 -1.47 2.49 -5.22
CA GLU A 8 -1.44 1.31 -4.36
C GLU A 8 -0.06 1.10 -3.75
N THR A 9 0.98 1.39 -4.52
CA THR A 9 2.36 1.20 -4.06
C THR A 9 2.76 2.28 -3.03
N ASN A 10 2.16 3.48 -3.15
CA ASN A 10 2.34 4.55 -2.16
C ASN A 10 1.65 4.19 -0.84
N LEU A 11 0.51 3.51 -0.95
CA LEU A 11 -0.21 2.98 0.23
C LEU A 11 0.60 1.87 0.92
N LEU A 12 1.23 1.02 0.09
CA LEU A 12 2.14 -0.03 0.58
C LEU A 12 3.33 0.57 1.32
N SER A 13 3.82 1.70 0.79
CA SER A 13 4.98 2.41 1.33
C SER A 13 4.72 2.96 2.73
N ILE A 14 3.48 3.38 2.99
CA ILE A 14 3.09 3.94 4.28
C ILE A 14 2.98 2.85 5.36
N TYR A 15 2.38 1.72 5.03
CA TYR A 15 1.98 0.72 6.03
C TYR A 15 2.82 -0.57 5.98
N ASN A 16 4.03 -0.49 5.42
CA ASN A 16 4.88 -1.67 5.27
C ASN A 16 5.74 -1.90 6.51
N GLU A 17 5.48 -3.02 7.19
CA GLU A 17 6.25 -3.43 8.36
C GLU A 17 7.32 -4.47 8.00
N GLY A 18 7.47 -4.72 6.70
CA GLY A 18 8.37 -5.74 6.23
C GLY A 18 7.62 -7.01 5.87
N GLY A 19 6.59 -6.84 5.06
CA GLY A 19 5.73 -7.95 4.70
C GLY A 19 4.29 -7.53 4.56
N LYS A 20 3.47 -8.41 3.99
CA LYS A 20 2.05 -8.12 3.72
C LYS A 20 1.20 -8.22 4.99
N ARG A 21 1.76 -8.90 6.00
CA ARG A 21 1.11 -9.02 7.29
C ARG A 21 1.01 -7.65 7.96
N GLY A 22 2.11 -6.89 7.89
CA GLY A 22 2.12 -5.51 8.37
C GLY A 22 1.14 -4.60 7.65
N LEU A 23 0.90 -4.88 6.38
CA LEU A 23 -0.10 -4.15 5.59
C LEU A 23 -1.52 -4.38 6.10
N MET A 24 -1.84 -5.63 6.42
CA MET A 24 -3.17 -5.98 6.89
C MET A 24 -3.42 -5.52 8.32
N GLU A 25 -2.39 -5.56 9.17
CA GLU A 25 -2.49 -5.03 10.54
C GLU A 25 -2.72 -3.52 10.55
N ASN A 26 -1.86 -2.81 9.80
CA ASN A 26 -1.87 -1.36 9.79
C ASN A 26 -3.09 -0.77 9.13
N ILE A 27 -3.50 -1.33 7.99
CA ILE A 27 -4.65 -0.81 7.26
C ILE A 27 -5.96 -1.04 8.02
N ASN A 28 -6.20 -2.27 8.51
CA ASN A 28 -7.48 -2.60 9.17
C ASN A 28 -7.70 -1.84 10.50
N ALA A 29 -6.61 -1.53 11.19
CA ALA A 29 -6.70 -0.77 12.44
C ALA A 29 -6.81 0.74 12.18
N ALA A 30 -6.09 1.22 11.18
CA ALA A 30 -6.02 2.65 10.89
C ALA A 30 -6.97 3.07 9.77
N LEU A 31 -8.00 2.25 9.47
CA LEU A 31 -9.06 2.61 8.51
C LEU A 31 -9.77 3.93 8.89
N PRO A 32 -10.29 4.12 10.16
CA PRO A 32 -10.87 5.42 10.58
C PRO A 32 -9.85 6.56 10.68
N PHE A 33 -8.56 6.21 10.72
CA PHE A 33 -7.47 7.17 10.85
C PHE A 33 -6.97 7.64 9.47
N MET A 34 -7.51 7.04 8.41
CA MET A 34 -7.23 7.48 7.03
C MET A 34 -8.16 8.63 6.65
N ASP A 35 -7.89 9.24 5.50
CA ASP A 35 -8.72 10.34 4.99
C ASP A 35 -10.05 9.81 4.42
N GLU A 36 -10.00 9.26 3.20
CA GLU A 36 -11.16 8.71 2.50
C GLU A 36 -10.70 8.08 1.19
N ASP A 37 -9.86 8.83 0.47
CA ASP A 37 -9.28 8.38 -0.80
C ASP A 37 -8.31 7.23 -0.55
N MET A 38 -7.51 7.37 0.51
CA MET A 38 -6.55 6.35 0.92
C MET A 38 -7.26 5.13 1.53
N ARG A 39 -8.45 5.35 2.11
CA ARG A 39 -9.25 4.27 2.73
C ARG A 39 -9.92 3.38 1.68
N GLU A 40 -10.54 4.01 0.68
CA GLU A 40 -11.14 3.28 -0.46
C GLU A 40 -10.09 2.52 -1.27
N LEU A 41 -8.89 3.11 -1.34
CA LEU A 41 -7.73 2.50 -1.97
C LEU A 41 -7.27 1.27 -1.19
N ALA A 42 -7.27 1.40 0.14
CA ALA A 42 -6.76 0.37 1.05
C ALA A 42 -7.56 -0.94 0.98
N LYS A 43 -8.88 -0.82 0.84
CA LYS A 43 -9.77 -1.99 0.71
C LYS A 43 -9.47 -2.77 -0.59
N ARG A 44 -9.25 -2.04 -1.67
CA ARG A 44 -8.99 -2.62 -2.97
C ARG A 44 -7.59 -3.24 -3.07
N THR A 45 -6.61 -2.61 -2.39
CA THR A 45 -5.23 -3.08 -2.41
C THR A 45 -5.08 -4.37 -1.60
N LEU A 46 -5.75 -4.46 -0.44
CA LEU A 46 -5.70 -5.66 0.41
C LEU A 46 -6.32 -6.87 -0.26
N ALA A 47 -7.31 -6.65 -1.13
CA ALA A 47 -7.96 -7.71 -1.88
C ALA A 47 -7.04 -8.30 -2.97
N LYS A 48 -6.01 -7.54 -3.35
CA LYS A 48 -5.02 -8.02 -4.32
C LYS A 48 -3.88 -8.79 -3.64
N ILE A 49 -3.60 -8.46 -2.37
CA ILE A 49 -2.51 -9.10 -1.62
C ILE A 49 -3.04 -10.33 -0.86
N ALA A 50 -4.37 -10.45 -0.73
CA ALA A 50 -5.02 -11.59 -0.09
C ALA A 50 -4.70 -12.96 -0.74
N PRO A 51 -4.77 -13.14 -2.11
CA PRO A 51 -4.32 -14.40 -2.75
C PRO A 51 -2.78 -14.56 -2.85
N LEU A 52 -2.04 -13.65 -2.22
CA LEU A 52 -0.58 -13.72 -2.18
C LEU A 52 -0.11 -14.15 -0.81
N THR A 53 1.20 -14.36 -0.68
CA THR A 53 1.84 -14.53 0.61
C THR A 53 2.76 -13.33 0.85
N GLU A 54 3.62 -13.42 1.86
CA GLU A 54 4.60 -12.36 2.13
C GLU A 54 5.88 -12.61 1.33
N ASN A 55 5.96 -13.77 0.67
CA ASN A 55 7.02 -14.06 -0.28
C ASN A 55 6.78 -13.27 -1.57
N GLU A 56 5.54 -13.31 -2.07
CA GLU A 56 5.16 -12.59 -3.28
C GLU A 56 5.10 -11.09 -3.04
N TYR A 57 4.78 -10.69 -1.80
CA TYR A 57 4.81 -9.29 -1.44
C TYR A 57 6.25 -8.76 -1.40
N ALA A 58 7.20 -9.60 -0.95
CA ALA A 58 8.60 -9.19 -0.83
C ALA A 58 9.29 -9.11 -2.21
N GLU A 59 8.68 -9.74 -3.21
CA GLU A 59 9.10 -9.58 -4.61
C GLU A 59 8.83 -8.15 -5.09
N LEU A 60 7.71 -7.59 -4.64
CA LEU A 60 7.29 -6.25 -5.02
C LEU A 60 7.99 -5.21 -4.16
N ALA A 61 7.75 -5.32 -2.84
CA ALA A 61 8.15 -4.34 -1.83
C ALA A 61 7.64 -2.94 -2.19
N ILE A 62 8.53 -2.06 -2.62
CA ILE A 62 8.16 -0.71 -3.04
C ILE A 62 8.70 -0.47 -4.45
N PHE A 63 7.85 -0.63 -5.46
CA PHE A 63 8.23 -0.39 -6.85
C PHE A 63 7.94 1.05 -7.29
N ALA A 64 6.71 1.30 -7.73
CA ALA A 64 6.34 2.59 -8.28
C ALA A 64 5.67 3.46 -7.23
N ALA A 65 6.49 4.12 -6.43
CA ALA A 65 6.02 5.10 -5.46
C ALA A 65 6.91 6.35 -5.50
N ASP A 66 7.83 6.35 -6.44
CA ASP A 66 8.72 7.49 -6.68
C ASP A 66 8.18 8.38 -7.80
N GLU A 67 6.94 8.09 -8.20
CA GLU A 67 6.25 8.84 -9.24
C GLU A 67 5.36 9.93 -8.61
N VAL A 68 5.32 9.96 -7.28
CA VAL A 68 4.58 10.98 -6.54
C VAL A 68 5.54 12.04 -5.97
N LEU A 69 6.80 12.01 -6.41
CA LEU A 69 7.80 13.00 -5.98
C LEU A 69 7.64 14.30 -6.75
N GLU A 70 7.03 14.19 -7.94
CA GLU A 70 6.64 15.32 -8.78
C GLU A 70 5.67 16.24 -8.04
N HIS A 71 4.72 15.62 -7.34
CA HIS A 71 3.77 16.35 -6.52
C HIS A 71 4.37 16.59 -5.15
N HIS A 72 4.17 17.77 -4.60
CA HIS A 72 4.74 18.12 -3.31
C HIS A 72 3.98 17.45 -2.17
N HIS A 73 4.70 16.66 -1.40
CA HIS A 73 4.14 15.95 -0.25
C HIS A 73 4.99 16.22 0.99
N HIS A 74 4.41 16.98 1.92
CA HIS A 74 5.08 17.26 3.18
C HIS A 74 4.89 16.09 4.15
N HIS A 75 5.89 15.23 4.16
CA HIS A 75 5.92 14.02 4.95
C HIS A 75 7.37 13.57 5.05
N HIS A 76 8.01 13.46 3.88
CA HIS A 76 9.41 13.10 3.77
C HIS A 76 9.94 13.57 2.41
N MET A 1 5.65 -9.26 -12.96
CA MET A 1 5.30 -8.19 -11.99
C MET A 1 3.79 -8.02 -11.93
N ILE A 2 3.31 -7.55 -10.79
CA ILE A 2 1.90 -7.23 -10.63
C ILE A 2 1.69 -5.74 -10.97
N ARG A 3 0.57 -5.44 -11.62
CA ARG A 3 0.27 -4.08 -11.99
C ARG A 3 -0.62 -3.45 -10.90
N LEU A 4 0.04 -2.81 -9.97
CA LEU A 4 -0.64 -2.01 -8.97
C LEU A 4 -0.43 -0.56 -9.29
N THR A 5 -1.38 0.25 -8.89
CA THR A 5 -1.31 1.69 -9.10
C THR A 5 -0.28 2.30 -8.15
N ILE A 6 0.26 3.47 -8.52
CA ILE A 6 1.29 4.15 -7.74
C ILE A 6 0.76 4.56 -6.36
N GLU A 7 -0.53 4.91 -6.31
CA GLU A 7 -1.20 5.24 -5.06
C GLU A 7 -1.37 4.02 -4.17
N GLU A 8 -1.59 2.85 -4.78
CA GLU A 8 -1.76 1.58 -4.04
C GLU A 8 -0.46 1.14 -3.41
N THR A 9 0.64 1.27 -4.14
CA THR A 9 1.97 0.95 -3.65
C THR A 9 2.49 2.03 -2.67
N ASN A 10 1.98 3.27 -2.80
CA ASN A 10 2.22 4.32 -1.80
C ASN A 10 1.52 3.99 -0.47
N LEU A 11 0.34 3.39 -0.56
CA LEU A 11 -0.40 2.88 0.61
C LEU A 11 0.39 1.74 1.27
N LEU A 12 1.03 0.93 0.43
CA LEU A 12 1.94 -0.12 0.87
C LEU A 12 3.19 0.46 1.52
N SER A 13 3.71 1.56 0.96
CA SER A 13 4.93 2.23 1.43
C SER A 13 4.74 2.92 2.78
N ILE A 14 3.50 3.31 3.08
CA ILE A 14 3.18 3.97 4.36
C ILE A 14 3.07 2.94 5.48
N TYR A 15 2.56 1.75 5.17
CA TYR A 15 2.28 0.74 6.20
C TYR A 15 3.15 -0.52 6.06
N ASN A 16 4.33 -0.37 5.43
CA ASN A 16 5.24 -1.51 5.24
C ASN A 16 6.11 -1.69 6.46
N GLU A 17 5.63 -2.50 7.38
CA GLU A 17 6.31 -2.72 8.65
C GLU A 17 6.80 -4.16 8.77
N GLY A 18 6.14 -5.09 8.07
CA GLY A 18 6.58 -6.48 8.12
C GLY A 18 5.90 -7.36 7.09
N GLY A 19 6.17 -7.09 5.82
CA GLY A 19 5.59 -7.87 4.73
C GLY A 19 4.14 -7.53 4.52
N LYS A 20 3.37 -8.47 3.96
CA LYS A 20 1.95 -8.23 3.70
C LYS A 20 1.13 -8.50 4.96
N ARG A 21 1.77 -9.13 5.95
CA ARG A 21 1.22 -9.29 7.28
C ARG A 21 1.14 -7.94 7.95
N GLY A 22 2.29 -7.24 7.99
CA GLY A 22 2.36 -5.87 8.48
C GLY A 22 1.47 -4.91 7.71
N LEU A 23 1.29 -5.15 6.41
CA LEU A 23 0.41 -4.33 5.59
C LEU A 23 -1.06 -4.51 5.95
N MET A 24 -1.53 -5.75 6.05
CA MET A 24 -2.94 -6.02 6.34
C MET A 24 -3.37 -5.57 7.74
N GLU A 25 -2.44 -5.69 8.70
CA GLU A 25 -2.68 -5.21 10.06
C GLU A 25 -2.74 -3.68 10.13
N ASN A 26 -1.71 -3.02 9.57
CA ASN A 26 -1.52 -1.57 9.73
C ASN A 26 -2.46 -0.75 8.85
N ILE A 27 -2.87 -1.29 7.70
CA ILE A 27 -3.86 -0.61 6.85
C ILE A 27 -5.24 -0.61 7.54
N ASN A 28 -5.70 -1.79 7.99
CA ASN A 28 -7.04 -1.93 8.59
C ASN A 28 -7.19 -1.19 9.93
N ALA A 29 -6.11 -1.15 10.71
CA ALA A 29 -6.11 -0.44 11.99
C ALA A 29 -6.08 1.07 11.81
N ALA A 30 -5.40 1.53 10.76
CA ALA A 30 -5.23 2.95 10.52
C ALA A 30 -6.15 3.46 9.40
N LEU A 31 -7.22 2.71 9.09
CA LEU A 31 -8.27 3.17 8.18
C LEU A 31 -8.90 4.52 8.62
N PRO A 32 -9.36 4.70 9.90
CA PRO A 32 -9.85 6.02 10.37
C PRO A 32 -8.76 7.11 10.43
N PHE A 33 -7.50 6.70 10.55
CA PHE A 33 -6.37 7.62 10.67
C PHE A 33 -5.99 8.22 9.31
N MET A 34 -6.09 7.42 8.25
CA MET A 34 -5.76 7.87 6.89
C MET A 34 -6.94 8.64 6.28
N ASP A 35 -6.68 9.29 5.14
CA ASP A 35 -7.70 10.03 4.38
C ASP A 35 -8.64 9.02 3.69
N GLU A 36 -9.89 9.42 3.40
CA GLU A 36 -10.90 8.51 2.84
C GLU A 36 -10.60 8.12 1.38
N ASP A 37 -9.78 8.92 0.68
CA ASP A 37 -9.30 8.57 -0.66
C ASP A 37 -8.40 7.33 -0.61
N MET A 38 -7.49 7.33 0.37
CA MET A 38 -6.56 6.24 0.63
C MET A 38 -7.26 5.06 1.30
N ARG A 39 -8.36 5.37 2.01
CA ARG A 39 -9.17 4.41 2.74
C ARG A 39 -9.98 3.51 1.78
N GLU A 40 -10.60 4.12 0.77
CA GLU A 40 -11.33 3.37 -0.28
C GLU A 40 -10.35 2.64 -1.21
N LEU A 41 -9.15 3.21 -1.35
CA LEU A 41 -8.04 2.59 -2.08
C LEU A 41 -7.62 1.28 -1.41
N ALA A 42 -7.72 1.22 -0.08
CA ALA A 42 -7.31 0.07 0.71
C ALA A 42 -8.16 -1.17 0.47
N LYS A 43 -9.45 -0.98 0.17
CA LYS A 43 -10.36 -2.10 -0.15
C LYS A 43 -9.91 -2.79 -1.44
N ARG A 44 -9.44 -1.97 -2.38
CA ARG A 44 -8.94 -2.45 -3.67
C ARG A 44 -7.60 -3.15 -3.53
N THR A 45 -6.60 -2.49 -2.90
CA THR A 45 -5.21 -2.96 -2.83
C THR A 45 -5.08 -4.31 -2.11
N LEU A 46 -5.77 -4.44 -0.97
CA LEU A 46 -5.73 -5.65 -0.13
C LEU A 46 -6.32 -6.87 -0.84
N ALA A 47 -7.26 -6.64 -1.77
CA ALA A 47 -7.90 -7.71 -2.52
C ALA A 47 -6.95 -8.41 -3.52
N LYS A 48 -5.87 -7.72 -3.93
CA LYS A 48 -4.86 -8.32 -4.82
C LYS A 48 -3.85 -9.15 -4.03
N ILE A 49 -3.64 -8.78 -2.77
CA ILE A 49 -2.60 -9.41 -1.94
C ILE A 49 -3.19 -10.52 -1.04
N ALA A 50 -4.53 -10.57 -0.97
CA ALA A 50 -5.26 -11.64 -0.29
C ALA A 50 -4.98 -13.07 -0.85
N PRO A 51 -4.95 -13.32 -2.21
CA PRO A 51 -4.49 -14.63 -2.73
C PRO A 51 -2.95 -14.79 -2.78
N LEU A 52 -2.23 -13.87 -2.14
CA LEU A 52 -0.78 -13.95 -2.05
C LEU A 52 -0.36 -14.30 -0.62
N THR A 53 0.94 -14.39 -0.37
CA THR A 53 1.46 -14.62 0.96
C THR A 53 2.72 -13.72 1.16
N GLU A 54 3.47 -13.92 2.25
CA GLU A 54 4.53 -12.98 2.69
C GLU A 54 5.67 -12.88 1.69
N ASN A 55 6.11 -14.04 1.17
CA ASN A 55 7.24 -14.11 0.23
C ASN A 55 6.91 -13.46 -1.12
N GLU A 56 5.64 -13.55 -1.52
CA GLU A 56 5.15 -12.96 -2.76
C GLU A 56 5.20 -11.44 -2.73
N TYR A 57 4.81 -10.86 -1.58
CA TYR A 57 4.81 -9.42 -1.42
C TYR A 57 6.23 -8.87 -1.22
N ALA A 58 7.07 -9.60 -0.48
CA ALA A 58 8.38 -9.09 -0.02
C ALA A 58 9.38 -8.82 -1.16
N GLU A 59 9.21 -9.49 -2.29
CA GLU A 59 10.04 -9.26 -3.47
C GLU A 59 9.60 -8.01 -4.24
N LEU A 60 8.30 -7.74 -4.24
CA LEU A 60 7.73 -6.57 -4.92
C LEU A 60 8.01 -5.32 -4.08
N ALA A 61 7.54 -5.39 -2.82
CA ALA A 61 7.74 -4.40 -1.77
C ALA A 61 7.30 -2.99 -2.20
N ILE A 62 8.26 -2.08 -2.42
CA ILE A 62 7.94 -0.71 -2.80
C ILE A 62 8.43 -0.50 -4.22
N PHE A 63 7.57 -0.81 -5.18
CA PHE A 63 7.93 -0.74 -6.59
C PHE A 63 7.33 0.49 -7.27
N ALA A 64 6.44 1.19 -6.58
CA ALA A 64 5.75 2.35 -7.15
C ALA A 64 5.46 3.40 -6.08
N ALA A 65 6.46 4.20 -5.78
CA ALA A 65 6.29 5.38 -4.94
C ALA A 65 7.00 6.57 -5.60
N ASP A 66 7.25 6.43 -6.89
CA ASP A 66 7.97 7.43 -7.68
C ASP A 66 7.08 8.59 -8.05
N GLU A 67 5.85 8.28 -8.46
CA GLU A 67 4.90 9.27 -8.98
C GLU A 67 4.20 10.05 -7.86
N VAL A 68 4.28 9.56 -6.63
CA VAL A 68 3.62 10.23 -5.50
C VAL A 68 4.55 11.23 -4.79
N LEU A 69 5.76 11.39 -5.34
CA LEU A 69 6.72 12.35 -4.80
C LEU A 69 6.35 13.76 -5.22
N GLU A 70 6.62 14.72 -4.31
CA GLU A 70 6.20 16.14 -4.37
C GLU A 70 4.70 16.32 -3.99
N HIS A 71 3.92 15.24 -4.08
CA HIS A 71 2.47 15.27 -3.80
C HIS A 71 2.20 15.07 -2.31
N HIS A 72 2.50 16.13 -1.54
CA HIS A 72 2.35 16.19 -0.07
C HIS A 72 3.09 15.04 0.63
N HIS A 73 4.36 14.88 0.28
CA HIS A 73 5.22 13.85 0.86
C HIS A 73 5.71 14.31 2.23
N HIS A 74 5.66 13.39 3.19
CA HIS A 74 6.13 13.65 4.56
C HIS A 74 7.65 13.81 4.56
N HIS A 75 8.14 14.81 5.31
CA HIS A 75 9.57 15.09 5.40
C HIS A 75 10.29 13.95 6.11
N HIS A 76 11.13 13.24 5.38
CA HIS A 76 11.80 12.05 5.87
C HIS A 76 13.19 12.39 6.38
N MET A 1 3.65 -12.70 -9.29
CA MET A 1 4.05 -11.28 -9.42
C MET A 1 3.03 -10.55 -10.29
N ILE A 2 2.32 -9.61 -9.67
CA ILE A 2 1.35 -8.79 -10.38
C ILE A 2 1.89 -7.39 -10.62
N ARG A 3 1.39 -6.73 -11.67
CA ARG A 3 1.79 -5.38 -11.99
C ARG A 3 0.81 -4.43 -11.34
N LEU A 4 1.30 -3.71 -10.34
CA LEU A 4 0.48 -2.81 -9.57
C LEU A 4 0.59 -1.38 -10.06
N THR A 5 -0.40 -0.58 -9.72
CA THR A 5 -0.41 0.81 -10.09
C THR A 5 0.27 1.63 -8.99
N ILE A 6 0.58 2.88 -9.30
CA ILE A 6 1.34 3.75 -8.40
C ILE A 6 0.50 4.12 -7.17
N GLU A 7 -0.82 4.13 -7.33
CA GLU A 7 -1.77 4.48 -6.26
C GLU A 7 -1.76 3.46 -5.11
N GLU A 8 -1.79 2.17 -5.47
CA GLU A 8 -1.78 1.07 -4.48
C GLU A 8 -0.47 1.08 -3.69
N THR A 9 0.61 1.26 -4.44
CA THR A 9 1.96 1.21 -3.90
C THR A 9 2.27 2.48 -3.09
N ASN A 10 1.60 3.60 -3.41
CA ASN A 10 1.77 4.87 -2.70
C ASN A 10 1.21 4.81 -1.27
N LEU A 11 0.10 4.09 -1.11
CA LEU A 11 -0.49 3.90 0.21
C LEU A 11 0.33 2.90 1.04
N LEU A 12 0.93 1.93 0.33
CA LEU A 12 1.90 1.02 0.92
C LEU A 12 3.14 1.79 1.38
N SER A 13 3.52 2.84 0.63
CA SER A 13 4.66 3.69 0.95
C SER A 13 4.39 4.58 2.17
N ILE A 14 3.11 4.85 2.45
CA ILE A 14 2.68 5.61 3.64
C ILE A 14 2.92 4.77 4.92
N TYR A 15 2.75 3.46 4.80
CA TYR A 15 2.94 2.57 5.94
C TYR A 15 4.22 1.75 5.80
N ASN A 16 4.12 0.62 5.08
CA ASN A 16 5.24 -0.31 4.80
C ASN A 16 5.89 -0.83 6.08
N GLU A 17 5.27 -1.87 6.64
CA GLU A 17 5.71 -2.44 7.89
C GLU A 17 5.38 -3.94 7.91
N GLY A 18 6.41 -4.76 8.12
CA GLY A 18 6.20 -6.18 8.44
C GLY A 18 5.77 -7.06 7.27
N GLY A 19 6.08 -6.63 6.04
CA GLY A 19 5.76 -7.43 4.86
C GLY A 19 4.28 -7.40 4.53
N LYS A 20 3.77 -8.48 3.93
CA LYS A 20 2.35 -8.59 3.55
C LYS A 20 1.45 -8.59 4.77
N ARG A 21 1.86 -9.34 5.79
CA ARG A 21 1.06 -9.59 6.96
C ARG A 21 0.96 -8.36 7.85
N GLY A 22 2.11 -7.71 8.08
CA GLY A 22 2.14 -6.48 8.85
C GLY A 22 1.45 -5.31 8.16
N LEU A 23 1.45 -5.31 6.82
CA LEU A 23 0.69 -4.32 6.03
C LEU A 23 -0.80 -4.47 6.26
N MET A 24 -1.26 -5.72 6.38
CA MET A 24 -2.65 -5.99 6.69
C MET A 24 -3.00 -5.60 8.12
N GLU A 25 -2.09 -5.84 9.07
CA GLU A 25 -2.29 -5.46 10.47
C GLU A 25 -2.39 -3.93 10.65
N ASN A 26 -1.55 -3.21 9.91
CA ASN A 26 -1.43 -1.76 10.02
C ASN A 26 -2.59 -1.04 9.29
N ILE A 27 -2.94 -1.53 8.09
CA ILE A 27 -3.98 -0.91 7.27
C ILE A 27 -5.39 -1.18 7.85
N ASN A 28 -5.65 -2.39 8.39
CA ASN A 28 -6.94 -2.71 9.04
C ASN A 28 -7.16 -1.84 10.28
N ALA A 29 -6.08 -1.56 11.00
CA ALA A 29 -6.13 -0.73 12.20
C ALA A 29 -6.32 0.76 11.86
N ALA A 30 -6.04 1.14 10.62
CA ALA A 30 -6.15 2.52 10.18
C ALA A 30 -7.25 2.73 9.13
N LEU A 31 -8.17 1.76 9.03
CA LEU A 31 -9.32 1.86 8.10
C LEU A 31 -10.32 2.98 8.49
N PRO A 32 -10.73 3.16 9.79
CA PRO A 32 -11.55 4.34 10.18
C PRO A 32 -10.74 5.65 10.28
N PHE A 33 -9.48 5.62 9.84
CA PHE A 33 -8.59 6.77 9.88
C PHE A 33 -8.26 7.20 8.45
N MET A 34 -7.26 8.11 8.34
CA MET A 34 -6.77 8.67 7.06
C MET A 34 -7.82 9.57 6.41
N ASP A 35 -8.68 8.97 5.58
CA ASP A 35 -9.74 9.64 4.86
C ASP A 35 -10.65 8.56 4.30
N GLU A 36 -11.87 8.92 3.88
CA GLU A 36 -12.80 7.97 3.26
C GLU A 36 -12.30 7.49 1.89
N ASP A 37 -11.57 8.37 1.18
CA ASP A 37 -10.99 8.04 -0.12
C ASP A 37 -9.75 7.17 0.05
N MET A 38 -8.96 7.47 1.08
CA MET A 38 -7.79 6.67 1.44
C MET A 38 -8.20 5.29 1.98
N ARG A 39 -9.39 5.20 2.58
CA ARG A 39 -9.96 3.95 3.08
C ARG A 39 -10.39 3.05 1.92
N GLU A 40 -11.04 3.63 0.90
CA GLU A 40 -11.46 2.86 -0.29
C GLU A 40 -10.27 2.39 -1.10
N LEU A 41 -9.20 3.18 -1.09
CA LEU A 41 -7.92 2.78 -1.65
C LEU A 41 -7.36 1.59 -0.87
N ALA A 42 -7.37 1.71 0.45
CA ALA A 42 -6.82 0.70 1.38
C ALA A 42 -7.52 -0.66 1.28
N LYS A 43 -8.82 -0.63 1.03
CA LYS A 43 -9.62 -1.84 0.85
C LYS A 43 -9.21 -2.60 -0.41
N ARG A 44 -8.85 -1.86 -1.47
CA ARG A 44 -8.39 -2.46 -2.72
C ARG A 44 -6.92 -2.89 -2.64
N THR A 45 -6.14 -2.19 -1.80
CA THR A 45 -4.73 -2.50 -1.61
C THR A 45 -4.56 -3.76 -0.75
N LEU A 46 -5.51 -4.01 0.16
CA LEU A 46 -5.58 -5.28 0.88
C LEU A 46 -6.17 -6.39 0.02
N ALA A 47 -7.08 -6.02 -0.90
CA ALA A 47 -7.80 -6.98 -1.73
C ALA A 47 -6.89 -7.69 -2.74
N LYS A 48 -5.87 -6.99 -3.24
CA LYS A 48 -4.98 -7.57 -4.23
C LYS A 48 -3.83 -8.36 -3.57
N ILE A 49 -3.57 -8.15 -2.27
CA ILE A 49 -2.56 -8.97 -1.57
C ILE A 49 -3.20 -10.11 -0.79
N ALA A 50 -4.54 -10.13 -0.69
CA ALA A 50 -5.27 -11.26 -0.11
C ALA A 50 -4.99 -12.60 -0.86
N PRO A 51 -5.02 -12.68 -2.24
CA PRO A 51 -4.58 -13.90 -2.96
C PRO A 51 -3.05 -14.04 -3.05
N LEU A 52 -2.31 -13.02 -2.61
CA LEU A 52 -0.85 -13.07 -2.59
C LEU A 52 -0.35 -13.60 -1.25
N THR A 53 0.82 -14.20 -1.26
CA THR A 53 1.45 -14.66 -0.03
C THR A 53 2.43 -13.61 0.50
N GLU A 54 3.12 -13.95 1.60
CA GLU A 54 4.17 -13.12 2.17
C GLU A 54 5.39 -13.04 1.24
N ASN A 55 5.61 -14.12 0.49
CA ASN A 55 6.70 -14.21 -0.48
C ASN A 55 6.42 -13.31 -1.68
N GLU A 56 5.16 -13.29 -2.12
CA GLU A 56 4.74 -12.49 -3.28
C GLU A 56 4.88 -10.99 -3.05
N TYR A 57 4.51 -10.53 -1.86
CA TYR A 57 4.64 -9.10 -1.52
C TYR A 57 6.10 -8.74 -1.21
N ALA A 58 6.91 -9.71 -0.77
CA ALA A 58 8.33 -9.46 -0.52
C ALA A 58 9.11 -9.25 -1.82
N GLU A 59 8.61 -9.87 -2.91
CA GLU A 59 9.15 -9.66 -4.25
C GLU A 59 8.78 -8.28 -4.82
N LEU A 60 7.70 -7.70 -4.29
CA LEU A 60 7.20 -6.41 -4.76
C LEU A 60 7.76 -5.25 -3.93
N ALA A 61 7.30 -5.18 -2.66
CA ALA A 61 7.57 -4.06 -1.73
C ALA A 61 7.14 -2.73 -2.35
N ILE A 62 7.98 -1.70 -2.24
CA ILE A 62 7.73 -0.44 -2.93
C ILE A 62 8.52 -0.45 -4.23
N PHE A 63 7.84 -0.79 -5.31
CA PHE A 63 8.49 -0.94 -6.62
C PHE A 63 7.93 0.06 -7.64
N ALA A 64 6.85 0.75 -7.27
CA ALA A 64 6.14 1.62 -8.21
C ALA A 64 6.00 3.05 -7.68
N ALA A 65 5.95 3.22 -6.36
CA ALA A 65 5.70 4.53 -5.75
C ALA A 65 6.98 5.33 -5.49
N ASP A 66 8.05 4.92 -6.15
CA ASP A 66 9.34 5.57 -6.00
C ASP A 66 9.43 6.79 -6.92
N GLU A 67 8.66 6.76 -8.01
CA GLU A 67 8.72 7.80 -9.04
C GLU A 67 8.03 9.11 -8.59
N VAL A 68 7.14 9.02 -7.60
CA VAL A 68 6.38 10.20 -7.15
C VAL A 68 7.12 11.00 -6.07
N LEU A 69 8.32 10.53 -5.71
CA LEU A 69 9.14 11.17 -4.68
C LEU A 69 10.01 12.28 -5.28
N GLU A 70 9.85 12.51 -6.58
CA GLU A 70 10.47 13.62 -7.30
C GLU A 70 9.66 14.91 -7.06
N HIS A 71 8.41 14.75 -6.61
CA HIS A 71 7.56 15.88 -6.28
C HIS A 71 7.89 16.43 -4.89
N HIS A 72 7.24 17.54 -4.52
CA HIS A 72 7.48 18.21 -3.25
C HIS A 72 6.88 17.40 -2.11
N HIS A 73 7.75 16.84 -1.27
CA HIS A 73 7.33 15.87 -0.26
C HIS A 73 7.67 16.34 1.16
N HIS A 74 6.62 16.59 1.93
CA HIS A 74 6.73 16.90 3.36
C HIS A 74 6.26 15.71 4.19
N HIS A 75 6.44 15.80 5.50
CA HIS A 75 5.88 14.81 6.41
C HIS A 75 4.94 15.49 7.41
N HIS A 76 3.68 15.11 7.35
CA HIS A 76 2.66 15.65 8.25
C HIS A 76 2.21 14.57 9.23
N MET A 1 1.28 -13.50 -9.24
CA MET A 1 1.88 -12.20 -9.61
C MET A 1 0.85 -11.32 -10.31
N ILE A 2 0.62 -10.15 -9.75
CA ILE A 2 -0.32 -9.18 -10.31
C ILE A 2 0.36 -7.83 -10.49
N ARG A 3 -0.30 -6.95 -11.23
CA ARG A 3 0.22 -5.63 -11.49
C ARG A 3 -0.48 -4.58 -10.65
N LEU A 4 0.28 -4.02 -9.73
CA LEU A 4 -0.21 -3.01 -8.80
C LEU A 4 0.01 -1.62 -9.38
N THR A 5 -0.89 -0.70 -9.05
CA THR A 5 -0.77 0.67 -9.49
C THR A 5 0.08 1.48 -8.52
N ILE A 6 0.44 2.70 -8.94
CA ILE A 6 1.22 3.62 -8.11
C ILE A 6 0.35 4.14 -6.95
N GLU A 7 -0.98 4.08 -7.14
CA GLU A 7 -1.96 4.43 -6.10
C GLU A 7 -1.85 3.48 -4.91
N GLU A 8 -1.96 2.17 -5.19
CA GLU A 8 -1.98 1.13 -4.16
C GLU A 8 -0.61 0.93 -3.51
N THR A 9 0.45 1.03 -4.31
CA THR A 9 1.81 0.86 -3.83
C THR A 9 2.30 2.07 -3.01
N ASN A 10 1.77 3.26 -3.29
CA ASN A 10 2.08 4.46 -2.49
C ASN A 10 1.53 4.30 -1.07
N LEU A 11 0.36 3.70 -0.96
CA LEU A 11 -0.28 3.44 0.33
C LEU A 11 0.48 2.34 1.10
N LEU A 12 1.05 1.38 0.36
CA LEU A 12 1.96 0.38 0.91
C LEU A 12 3.21 1.04 1.51
N SER A 13 3.73 2.05 0.83
CA SER A 13 4.93 2.77 1.24
C SER A 13 4.65 3.67 2.46
N ILE A 14 3.40 4.12 2.61
CA ILE A 14 2.95 4.92 3.76
C ILE A 14 3.06 4.11 5.08
N TYR A 15 2.75 2.81 5.00
CA TYR A 15 2.90 1.94 6.16
C TYR A 15 4.25 1.23 6.12
N ASN A 16 4.29 0.07 5.44
CA ASN A 16 5.49 -0.79 5.31
C ASN A 16 6.13 -1.09 6.68
N GLU A 17 5.40 -1.82 7.51
CA GLU A 17 5.85 -2.12 8.87
C GLU A 17 6.74 -3.36 8.88
N GLY A 18 6.14 -4.53 8.75
CA GLY A 18 6.90 -5.77 8.80
C GLY A 18 6.37 -6.77 7.82
N GLY A 19 6.53 -6.46 6.54
CA GLY A 19 6.08 -7.35 5.48
C GLY A 19 4.61 -7.17 5.17
N LYS A 20 4.01 -8.17 4.53
CA LYS A 20 2.63 -8.11 4.07
C LYS A 20 1.62 -8.13 5.23
N ARG A 21 1.98 -8.78 6.34
CA ARG A 21 1.13 -8.81 7.53
C ARG A 21 1.11 -7.46 8.21
N GLY A 22 2.29 -6.84 8.35
CA GLY A 22 2.39 -5.49 8.89
C GLY A 22 1.65 -4.46 8.05
N LEU A 23 1.55 -4.74 6.76
CA LEU A 23 0.74 -3.92 5.86
C LEU A 23 -0.75 -4.10 6.11
N MET A 24 -1.24 -5.34 6.04
CA MET A 24 -2.68 -5.62 6.04
C MET A 24 -3.32 -5.41 7.41
N GLU A 25 -2.59 -5.73 8.48
CA GLU A 25 -3.04 -5.52 9.86
C GLU A 25 -3.23 -4.04 10.19
N ASN A 26 -2.26 -3.21 9.81
CA ASN A 26 -2.30 -1.77 10.12
C ASN A 26 -3.24 -1.01 9.18
N ILE A 27 -3.47 -1.55 7.98
CA ILE A 27 -4.45 -1.00 7.06
C ILE A 27 -5.87 -1.16 7.63
N ASN A 28 -6.21 -2.35 8.13
CA ASN A 28 -7.53 -2.63 8.71
C ASN A 28 -7.79 -1.84 9.99
N ALA A 29 -6.73 -1.62 10.77
CA ALA A 29 -6.82 -0.89 12.03
C ALA A 29 -6.97 0.62 11.82
N ALA A 30 -6.30 1.14 10.80
CA ALA A 30 -6.21 2.58 10.59
C ALA A 30 -7.05 3.06 9.40
N LEU A 31 -8.07 2.27 8.99
CA LEU A 31 -9.04 2.68 7.96
C LEU A 31 -9.70 4.05 8.24
N PRO A 32 -10.33 4.32 9.44
CA PRO A 32 -10.92 5.64 9.74
C PRO A 32 -9.88 6.72 10.10
N PHE A 33 -8.64 6.29 10.35
CA PHE A 33 -7.54 7.21 10.64
C PHE A 33 -6.96 7.79 9.34
N MET A 34 -7.17 7.07 8.24
CA MET A 34 -6.85 7.58 6.91
C MET A 34 -7.99 8.44 6.37
N ASP A 35 -7.69 9.21 5.32
CA ASP A 35 -8.66 10.12 4.72
C ASP A 35 -9.52 9.37 3.69
N GLU A 36 -10.49 10.10 3.08
CA GLU A 36 -11.48 9.59 2.10
C GLU A 36 -10.88 8.64 1.05
N ASP A 37 -9.81 9.10 0.38
CA ASP A 37 -9.16 8.37 -0.71
C ASP A 37 -8.48 7.11 -0.21
N MET A 38 -7.65 7.28 0.84
CA MET A 38 -6.78 6.23 1.36
C MET A 38 -7.56 5.12 2.06
N ARG A 39 -8.71 5.45 2.61
CA ARG A 39 -9.60 4.49 3.28
C ARG A 39 -10.15 3.46 2.29
N GLU A 40 -10.71 3.94 1.17
CA GLU A 40 -11.26 3.06 0.12
C GLU A 40 -10.16 2.38 -0.71
N LEU A 41 -9.04 3.08 -0.89
CA LEU A 41 -7.88 2.56 -1.63
C LEU A 41 -7.22 1.42 -0.87
N ALA A 42 -7.33 1.46 0.46
CA ALA A 42 -6.78 0.43 1.34
C ALA A 42 -7.45 -0.92 1.17
N LYS A 43 -8.77 -0.90 0.93
CA LYS A 43 -9.55 -2.11 0.66
C LYS A 43 -9.16 -2.75 -0.68
N ARG A 44 -8.80 -1.88 -1.63
CA ARG A 44 -8.34 -2.32 -2.96
C ARG A 44 -6.98 -3.00 -2.85
N THR A 45 -6.12 -2.45 -1.98
CA THR A 45 -4.78 -2.98 -1.77
C THR A 45 -4.83 -4.29 -0.97
N LEU A 46 -5.77 -4.41 -0.01
CA LEU A 46 -6.00 -5.66 0.73
C LEU A 46 -6.44 -6.78 -0.19
N ALA A 47 -7.27 -6.43 -1.17
CA ALA A 47 -7.75 -7.35 -2.19
C ALA A 47 -6.65 -7.78 -3.17
N LYS A 48 -5.54 -7.05 -3.18
CA LYS A 48 -4.37 -7.43 -3.97
C LYS A 48 -3.42 -8.37 -3.21
N ILE A 49 -3.18 -8.09 -1.92
CA ILE A 49 -2.17 -8.85 -1.14
C ILE A 49 -2.73 -10.18 -0.60
N ALA A 50 -4.06 -10.23 -0.41
CA ALA A 50 -4.72 -11.45 0.09
C ALA A 50 -4.63 -12.66 -0.88
N PRO A 51 -4.88 -12.52 -2.23
CA PRO A 51 -4.66 -13.66 -3.15
C PRO A 51 -3.17 -13.93 -3.49
N LEU A 52 -2.28 -13.06 -3.03
CA LEU A 52 -0.84 -13.29 -3.11
C LEU A 52 -0.35 -14.00 -1.86
N THR A 53 0.83 -14.59 -1.96
CA THR A 53 1.51 -15.13 -0.78
C THR A 53 2.47 -14.07 -0.22
N GLU A 54 3.08 -14.37 0.94
CA GLU A 54 4.01 -13.47 1.62
C GLU A 54 5.32 -13.28 0.82
N ASN A 55 5.68 -14.29 0.02
CA ASN A 55 6.88 -14.23 -0.81
C ASN A 55 6.67 -13.30 -2.01
N GLU A 56 5.47 -13.36 -2.62
CA GLU A 56 5.15 -12.57 -3.81
C GLU A 56 5.09 -11.08 -3.52
N TYR A 57 4.58 -10.72 -2.33
CA TYR A 57 4.57 -9.32 -1.90
C TYR A 57 5.99 -8.84 -1.58
N ALA A 58 6.83 -9.72 -1.02
CA ALA A 58 8.20 -9.36 -0.63
C ALA A 58 9.11 -9.20 -1.85
N GLU A 59 8.77 -9.88 -2.96
CA GLU A 59 9.52 -9.74 -4.22
C GLU A 59 9.25 -8.39 -4.88
N LEU A 60 8.05 -7.84 -4.64
CA LEU A 60 7.69 -6.53 -5.16
C LEU A 60 8.18 -5.44 -4.20
N ALA A 61 7.97 -5.71 -2.91
CA ALA A 61 8.21 -4.79 -1.78
C ALA A 61 7.47 -3.46 -1.99
N ILE A 62 8.21 -2.38 -2.26
CA ILE A 62 7.60 -1.15 -2.70
C ILE A 62 8.03 -0.94 -4.15
N PHE A 63 7.15 -1.39 -5.04
CA PHE A 63 7.45 -1.49 -6.46
C PHE A 63 7.34 -0.14 -7.17
N ALA A 64 6.14 0.43 -7.17
CA ALA A 64 5.88 1.70 -7.84
C ALA A 64 5.25 2.72 -6.89
N ALA A 65 6.09 3.43 -6.16
CA ALA A 65 5.64 4.50 -5.26
C ALA A 65 6.64 5.64 -5.21
N ASP A 66 7.78 5.45 -5.87
CA ASP A 66 8.86 6.44 -5.91
C ASP A 66 8.68 7.39 -7.10
N GLU A 67 7.45 7.52 -7.54
CA GLU A 67 7.09 8.39 -8.65
C GLU A 67 6.35 9.62 -8.13
N VAL A 68 5.63 9.43 -7.03
CA VAL A 68 4.72 10.44 -6.49
C VAL A 68 5.26 11.11 -5.24
N LEU A 69 6.58 11.26 -5.19
CA LEU A 69 7.27 11.93 -4.07
C LEU A 69 7.16 13.47 -4.21
N GLU A 70 6.58 13.92 -5.31
CA GLU A 70 6.39 15.34 -5.60
C GLU A 70 5.07 15.85 -4.98
N HIS A 71 4.33 14.94 -4.32
CA HIS A 71 3.10 15.28 -3.62
C HIS A 71 3.41 16.15 -2.40
N HIS A 72 3.15 17.44 -2.54
CA HIS A 72 3.52 18.43 -1.56
C HIS A 72 2.39 19.46 -1.48
N HIS A 73 1.73 19.53 -0.33
CA HIS A 73 0.58 20.41 -0.18
C HIS A 73 1.02 21.85 0.02
N HIS A 74 0.73 22.65 -1.00
CA HIS A 74 0.87 24.09 -0.95
C HIS A 74 -0.18 24.65 -1.89
N HIS A 75 -1.35 24.94 -1.33
CA HIS A 75 -2.51 25.39 -2.09
C HIS A 75 -2.47 26.92 -2.20
N HIS A 76 -1.47 27.41 -2.95
CA HIS A 76 -1.18 28.85 -3.15
C HIS A 76 -0.93 29.57 -1.82
N MET A 1 2.77 -11.96 -10.04
CA MET A 1 2.69 -10.48 -10.13
C MET A 1 1.25 -10.04 -10.37
N ILE A 2 0.87 -8.92 -9.77
CA ILE A 2 -0.39 -8.27 -10.05
C ILE A 2 -0.14 -6.81 -10.48
N ARG A 3 -0.87 -6.36 -11.50
CA ARG A 3 -0.68 -5.03 -12.07
C ARG A 3 -1.56 -3.99 -11.39
N LEU A 4 -0.92 -2.98 -10.82
CA LEU A 4 -1.64 -1.87 -10.18
C LEU A 4 -1.02 -0.53 -10.58
N THR A 5 -1.54 0.55 -10.00
CA THR A 5 -1.08 1.90 -10.31
C THR A 5 -0.03 2.36 -9.27
N ILE A 6 0.61 3.50 -9.53
CA ILE A 6 1.63 4.08 -8.65
C ILE A 6 1.08 4.34 -7.24
N GLU A 7 -0.10 4.95 -7.17
CA GLU A 7 -0.75 5.33 -5.90
C GLU A 7 -1.03 4.11 -5.00
N GLU A 8 -1.38 2.98 -5.62
CA GLU A 8 -1.76 1.76 -4.91
C GLU A 8 -0.53 1.06 -4.31
N THR A 9 0.55 1.01 -5.08
CA THR A 9 1.81 0.40 -4.63
C THR A 9 2.57 1.32 -3.65
N ASN A 10 2.37 2.63 -3.77
CA ASN A 10 2.92 3.62 -2.84
C ASN A 10 2.20 3.56 -1.48
N LEU A 11 0.94 3.12 -1.50
CA LEU A 11 0.18 2.88 -0.27
C LEU A 11 0.78 1.73 0.56
N LEU A 12 1.40 0.75 -0.14
CA LEU A 12 2.14 -0.33 0.50
C LEU A 12 3.31 0.21 1.34
N SER A 13 3.90 1.33 0.89
CA SER A 13 5.04 1.97 1.56
C SER A 13 4.64 2.60 2.90
N ILE A 14 3.36 2.97 3.04
CA ILE A 14 2.85 3.68 4.22
C ILE A 14 2.85 2.76 5.46
N TYR A 15 2.38 1.52 5.30
CA TYR A 15 2.19 0.63 6.44
C TYR A 15 3.02 -0.65 6.34
N ASN A 16 4.06 -0.64 5.50
CA ASN A 16 4.95 -1.81 5.33
C ASN A 16 5.76 -2.04 6.61
N GLU A 17 5.37 -3.09 7.33
CA GLU A 17 6.00 -3.45 8.58
C GLU A 17 6.01 -4.96 8.69
N GLY A 18 7.13 -5.58 8.31
CA GLY A 18 7.19 -7.03 8.25
C GLY A 18 6.44 -7.59 7.06
N GLY A 19 6.62 -6.93 5.92
CA GLY A 19 5.97 -7.35 4.69
C GLY A 19 4.51 -6.95 4.63
N LYS A 20 3.68 -7.86 4.15
CA LYS A 20 2.25 -7.62 3.99
C LYS A 20 1.46 -8.13 5.19
N ARG A 21 2.15 -8.85 6.06
CA ARG A 21 1.58 -9.33 7.31
C ARG A 21 1.20 -8.16 8.21
N GLY A 22 2.20 -7.35 8.56
CA GLY A 22 1.98 -6.14 9.35
C GLY A 22 1.27 -5.05 8.56
N LEU A 23 1.47 -5.06 7.24
CA LEU A 23 0.78 -4.14 6.32
C LEU A 23 -0.75 -4.31 6.40
N MET A 24 -1.23 -5.56 6.41
CA MET A 24 -2.66 -5.85 6.56
C MET A 24 -3.21 -5.39 7.90
N GLU A 25 -2.49 -5.72 8.98
CA GLU A 25 -2.93 -5.43 10.35
C GLU A 25 -3.03 -3.92 10.59
N ASN A 26 -2.04 -3.18 10.08
CA ASN A 26 -1.99 -1.72 10.23
C ASN A 26 -3.04 -1.02 9.38
N ILE A 27 -3.29 -1.50 8.15
CA ILE A 27 -4.29 -0.89 7.27
C ILE A 27 -5.73 -1.10 7.78
N ASN A 28 -6.05 -2.33 8.22
CA ASN A 28 -7.41 -2.64 8.72
C ASN A 28 -7.73 -1.88 10.01
N ALA A 29 -6.72 -1.70 10.87
CA ALA A 29 -6.87 -0.95 12.11
C ALA A 29 -7.00 0.56 11.84
N ALA A 30 -6.38 1.02 10.76
CA ALA A 30 -6.39 2.45 10.40
C ALA A 30 -7.41 2.75 9.30
N LEU A 31 -8.36 1.84 9.06
CA LEU A 31 -9.47 2.11 8.14
C LEU A 31 -10.42 3.21 8.69
N PRO A 32 -10.84 3.21 10.00
CA PRO A 32 -11.57 4.37 10.57
C PRO A 32 -10.66 5.60 10.83
N PHE A 33 -9.44 5.57 10.30
CA PHE A 33 -8.49 6.67 10.38
C PHE A 33 -8.06 7.09 8.97
N MET A 34 -6.84 7.69 8.88
CA MET A 34 -6.21 8.13 7.62
C MET A 34 -6.94 9.30 6.96
N ASP A 35 -7.83 8.93 6.02
CA ASP A 35 -8.44 9.84 5.05
C ASP A 35 -9.46 9.01 4.28
N GLU A 36 -10.57 9.61 3.85
CA GLU A 36 -11.64 8.89 3.15
C GLU A 36 -11.20 8.41 1.76
N ASP A 37 -10.43 9.25 1.06
CA ASP A 37 -9.92 8.93 -0.29
C ASP A 37 -8.91 7.79 -0.22
N MET A 38 -8.00 7.88 0.74
CA MET A 38 -6.95 6.89 0.93
C MET A 38 -7.50 5.60 1.53
N ARG A 39 -8.63 5.67 2.23
CA ARG A 39 -9.34 4.48 2.75
C ARG A 39 -9.96 3.65 1.61
N GLU A 40 -10.52 4.32 0.61
CA GLU A 40 -11.03 3.67 -0.61
C GLU A 40 -9.91 2.94 -1.36
N LEU A 41 -8.73 3.56 -1.34
CA LEU A 41 -7.53 2.99 -1.94
C LEU A 41 -7.02 1.80 -1.11
N ALA A 42 -7.09 1.92 0.22
CA ALA A 42 -6.62 0.88 1.15
C ALA A 42 -7.45 -0.40 1.06
N LYS A 43 -8.72 -0.22 0.76
CA LYS A 43 -9.68 -1.31 0.59
C LYS A 43 -9.34 -2.19 -0.62
N ARG A 44 -9.00 -1.56 -1.76
CA ARG A 44 -8.65 -2.29 -2.99
C ARG A 44 -7.20 -2.81 -2.98
N THR A 45 -6.35 -2.19 -2.18
CA THR A 45 -4.95 -2.57 -2.08
C THR A 45 -4.78 -3.74 -1.08
N LEU A 46 -5.68 -3.84 -0.10
CA LEU A 46 -5.78 -5.04 0.75
C LEU A 46 -6.25 -6.25 -0.03
N ALA A 47 -7.11 -6.01 -1.02
CA ALA A 47 -7.68 -7.07 -1.84
C ALA A 47 -6.67 -7.66 -2.82
N LYS A 48 -5.61 -6.89 -3.13
CA LYS A 48 -4.58 -7.37 -4.04
C LYS A 48 -3.51 -8.17 -3.29
N ILE A 49 -3.31 -7.91 -1.99
CA ILE A 49 -2.31 -8.66 -1.21
C ILE A 49 -2.91 -9.87 -0.51
N ALA A 50 -4.25 -9.94 -0.43
CA ALA A 50 -4.97 -11.08 0.14
C ALA A 50 -4.64 -12.45 -0.54
N PRO A 51 -4.64 -12.61 -1.92
CA PRO A 51 -4.22 -13.87 -2.53
C PRO A 51 -2.70 -14.04 -2.64
N LEU A 52 -1.94 -13.03 -2.20
CA LEU A 52 -0.47 -13.11 -2.20
C LEU A 52 -0.01 -13.77 -0.91
N THR A 53 1.11 -14.48 -0.98
CA THR A 53 1.74 -15.00 0.23
C THR A 53 2.83 -13.99 0.68
N GLU A 54 3.49 -14.28 1.81
CA GLU A 54 4.44 -13.34 2.41
C GLU A 54 5.74 -13.27 1.61
N ASN A 55 6.20 -14.42 1.12
CA ASN A 55 7.41 -14.50 0.31
C ASN A 55 7.19 -13.90 -1.09
N GLU A 56 5.94 -13.99 -1.56
CA GLU A 56 5.54 -13.39 -2.83
C GLU A 56 5.48 -11.87 -2.75
N TYR A 57 5.16 -11.35 -1.55
CA TYR A 57 5.21 -9.91 -1.31
C TYR A 57 6.66 -9.43 -1.19
N ALA A 58 7.57 -10.31 -0.75
CA ALA A 58 8.99 -9.96 -0.65
C ALA A 58 9.64 -9.81 -2.05
N GLU A 59 9.01 -10.43 -3.04
CA GLU A 59 9.39 -10.26 -4.44
C GLU A 59 9.02 -8.88 -4.97
N LEU A 60 7.88 -8.36 -4.54
CA LEU A 60 7.35 -7.08 -5.00
C LEU A 60 7.95 -5.93 -4.21
N ALA A 61 7.82 -6.05 -2.88
CA ALA A 61 8.21 -5.05 -1.88
C ALA A 61 7.55 -3.70 -2.18
N ILE A 62 8.35 -2.72 -2.61
CA ILE A 62 7.83 -1.44 -3.05
C ILE A 62 8.27 -1.22 -4.49
N PHE A 63 7.33 -1.34 -5.41
CA PHE A 63 7.62 -1.15 -6.83
C PHE A 63 7.30 0.27 -7.29
N ALA A 64 6.02 0.56 -7.43
CA ALA A 64 5.56 1.83 -7.96
C ALA A 64 5.38 2.86 -6.84
N ALA A 65 6.35 3.76 -6.74
CA ALA A 65 6.34 4.83 -5.76
C ALA A 65 7.10 6.03 -6.32
N ASP A 66 7.19 7.12 -5.52
CA ASP A 66 7.99 8.35 -5.85
C ASP A 66 7.32 9.25 -6.91
N GLU A 67 6.57 8.66 -7.83
CA GLU A 67 5.90 9.39 -8.92
C GLU A 67 4.73 10.23 -8.40
N VAL A 68 4.25 9.89 -7.21
CA VAL A 68 3.17 10.62 -6.54
C VAL A 68 3.71 11.78 -5.69
N LEU A 69 5.03 12.00 -5.75
CA LEU A 69 5.66 13.09 -5.02
C LEU A 69 5.90 14.27 -5.95
N GLU A 70 6.26 13.97 -7.21
CA GLU A 70 6.39 14.98 -8.27
C GLU A 70 4.99 15.53 -8.57
N HIS A 71 4.08 14.63 -8.91
CA HIS A 71 2.68 14.97 -9.13
C HIS A 71 2.03 15.34 -7.79
N HIS A 72 1.19 16.38 -7.84
CA HIS A 72 0.64 17.08 -6.65
C HIS A 72 1.69 18.01 -6.04
N HIS A 73 1.33 19.27 -5.94
CA HIS A 73 2.26 20.32 -5.51
C HIS A 73 2.31 20.42 -3.99
N HIS A 74 3.49 20.79 -3.47
CA HIS A 74 3.76 20.84 -2.03
C HIS A 74 3.01 21.98 -1.35
N HIS A 75 2.83 21.85 -0.05
CA HIS A 75 2.11 22.86 0.71
C HIS A 75 3.01 23.38 1.83
N HIS A 76 3.63 24.54 1.59
CA HIS A 76 4.53 25.16 2.56
C HIS A 76 3.72 25.96 3.60
N MET A 1 1.87 -11.05 -12.51
CA MET A 1 1.84 -9.79 -11.73
C MET A 1 0.88 -8.80 -12.38
N ILE A 2 -0.17 -8.40 -11.65
CA ILE A 2 -1.05 -7.35 -12.15
C ILE A 2 -0.43 -5.99 -11.85
N ARG A 3 -0.80 -5.01 -12.64
CA ARG A 3 -0.14 -3.72 -12.61
C ARG A 3 -1.00 -2.74 -11.85
N LEU A 4 -0.58 -2.46 -10.64
CA LEU A 4 -1.27 -1.52 -9.78
C LEU A 4 -0.76 -0.11 -10.08
N THR A 5 -1.48 0.90 -9.62
CA THR A 5 -1.01 2.27 -9.79
C THR A 5 0.00 2.60 -8.71
N ILE A 6 0.62 3.76 -8.85
CA ILE A 6 1.59 4.23 -7.87
C ILE A 6 0.92 4.58 -6.54
N GLU A 7 -0.37 4.87 -6.56
CA GLU A 7 -1.15 5.13 -5.34
C GLU A 7 -1.29 3.87 -4.48
N GLU A 8 -1.50 2.70 -5.12
CA GLU A 8 -1.55 1.41 -4.41
C GLU A 8 -0.20 1.06 -3.81
N THR A 9 0.87 1.31 -4.57
CA THR A 9 2.25 1.04 -4.14
C THR A 9 2.69 1.99 -3.01
N ASN A 10 2.21 3.24 -3.08
CA ASN A 10 2.53 4.28 -2.09
C ASN A 10 1.85 4.02 -0.75
N LEU A 11 0.67 3.38 -0.77
CA LEU A 11 -0.05 2.99 0.45
C LEU A 11 0.77 2.00 1.28
N LEU A 12 1.42 1.07 0.58
CA LEU A 12 2.29 0.07 1.20
C LEU A 12 3.58 0.72 1.72
N SER A 13 4.03 1.76 1.02
CA SER A 13 5.23 2.51 1.39
C SER A 13 5.02 3.37 2.66
N ILE A 14 3.75 3.75 2.93
CA ILE A 14 3.41 4.55 4.12
C ILE A 14 3.75 3.81 5.42
N TYR A 15 3.34 2.54 5.51
CA TYR A 15 3.56 1.76 6.72
C TYR A 15 4.79 0.88 6.58
N ASN A 16 4.63 -0.22 5.82
CA ASN A 16 5.66 -1.24 5.58
C ASN A 16 6.23 -1.79 6.90
N GLU A 17 5.52 -2.72 7.51
CA GLU A 17 5.96 -3.28 8.79
C GLU A 17 6.58 -4.67 8.59
N GLY A 18 5.81 -5.73 8.77
CA GLY A 18 6.36 -7.07 8.67
C GLY A 18 5.70 -7.85 7.56
N GLY A 19 6.19 -7.63 6.35
CA GLY A 19 5.62 -8.26 5.17
C GLY A 19 4.24 -7.74 4.86
N LYS A 20 3.38 -8.59 4.35
CA LYS A 20 2.02 -8.20 4.01
C LYS A 20 1.08 -8.38 5.19
N ARG A 21 1.52 -9.19 6.18
CA ARG A 21 0.79 -9.35 7.44
C ARG A 21 0.82 -8.06 8.23
N GLY A 22 2.02 -7.48 8.41
CA GLY A 22 2.16 -6.21 9.09
C GLY A 22 1.50 -5.06 8.35
N LEU A 23 1.41 -5.16 7.02
CA LEU A 23 0.65 -4.19 6.23
C LEU A 23 -0.84 -4.29 6.50
N MET A 24 -1.41 -5.50 6.41
CA MET A 24 -2.85 -5.71 6.55
C MET A 24 -3.38 -5.36 7.94
N GLU A 25 -2.63 -5.75 8.97
CA GLU A 25 -3.03 -5.51 10.35
C GLU A 25 -3.01 -4.02 10.73
N ASN A 26 -2.04 -3.28 10.21
CA ASN A 26 -1.94 -1.84 10.46
C ASN A 26 -2.87 -1.04 9.58
N ILE A 27 -3.11 -1.51 8.35
CA ILE A 27 -3.99 -0.83 7.40
C ILE A 27 -5.46 -0.90 7.85
N ASN A 28 -5.94 -2.10 8.23
CA ASN A 28 -7.34 -2.27 8.66
C ASN A 28 -7.65 -1.54 9.96
N ALA A 29 -6.65 -1.42 10.83
CA ALA A 29 -6.79 -0.69 12.10
C ALA A 29 -6.77 0.82 11.87
N ALA A 30 -6.04 1.27 10.85
CA ALA A 30 -5.88 2.69 10.58
C ALA A 30 -6.72 3.16 9.40
N LEU A 31 -7.75 2.38 9.02
CA LEU A 31 -8.67 2.74 7.92
C LEU A 31 -9.36 4.13 8.11
N PRO A 32 -9.98 4.45 9.30
CA PRO A 32 -10.57 5.79 9.52
C PRO A 32 -9.53 6.85 9.90
N PHE A 33 -8.27 6.46 9.97
CA PHE A 33 -7.19 7.37 10.34
C PHE A 33 -6.46 7.91 9.10
N MET A 34 -6.60 7.20 7.98
CA MET A 34 -5.95 7.58 6.72
C MET A 34 -6.66 8.75 6.06
N ASP A 35 -7.76 8.44 5.36
CA ASP A 35 -8.48 9.34 4.48
C ASP A 35 -9.66 8.56 3.91
N GLU A 36 -10.67 9.26 3.39
CA GLU A 36 -11.81 8.62 2.72
C GLU A 36 -11.38 7.85 1.48
N ASP A 37 -10.54 8.50 0.65
CA ASP A 37 -10.10 7.94 -0.63
C ASP A 37 -9.02 6.88 -0.39
N MET A 38 -8.19 7.11 0.63
CA MET A 38 -7.10 6.20 0.98
C MET A 38 -7.64 4.91 1.63
N ARG A 39 -8.83 4.99 2.24
CA ARG A 39 -9.50 3.81 2.82
C ARG A 39 -10.00 2.88 1.71
N GLU A 40 -10.56 3.47 0.64
CA GLU A 40 -11.06 2.71 -0.52
C GLU A 40 -9.90 2.15 -1.32
N LEU A 41 -8.78 2.87 -1.30
CA LEU A 41 -7.53 2.46 -1.92
C LEU A 41 -6.90 1.31 -1.15
N ALA A 42 -7.06 1.33 0.16
CA ALA A 42 -6.59 0.26 1.03
C ALA A 42 -7.34 -1.03 0.77
N LYS A 43 -8.65 -0.93 0.53
CA LYS A 43 -9.49 -2.07 0.18
C LYS A 43 -9.16 -2.60 -1.21
N ARG A 44 -8.70 -1.71 -2.10
CA ARG A 44 -8.26 -2.07 -3.44
C ARG A 44 -6.93 -2.84 -3.42
N THR A 45 -5.97 -2.34 -2.65
CA THR A 45 -4.63 -2.92 -2.58
C THR A 45 -4.65 -4.26 -1.83
N LEU A 46 -5.38 -4.33 -0.70
CA LEU A 46 -5.43 -5.54 0.13
C LEU A 46 -6.20 -6.67 -0.52
N ALA A 47 -7.16 -6.35 -1.41
CA ALA A 47 -7.87 -7.36 -2.20
C ALA A 47 -6.93 -8.11 -3.14
N LYS A 48 -5.86 -7.44 -3.58
CA LYS A 48 -4.87 -8.01 -4.45
C LYS A 48 -3.86 -8.85 -3.64
N ILE A 49 -3.57 -8.43 -2.40
CA ILE A 49 -2.54 -9.10 -1.59
C ILE A 49 -3.14 -10.22 -0.73
N ALA A 50 -4.48 -10.29 -0.65
CA ALA A 50 -5.18 -11.36 0.08
C ALA A 50 -4.86 -12.78 -0.43
N PRO A 51 -4.86 -13.09 -1.77
CA PRO A 51 -4.40 -14.40 -2.27
C PRO A 51 -2.87 -14.55 -2.27
N LEU A 52 -2.15 -13.47 -1.94
CA LEU A 52 -0.69 -13.49 -1.88
C LEU A 52 -0.24 -13.87 -0.48
N THR A 53 0.99 -14.36 -0.36
CA THR A 53 1.59 -14.58 0.95
C THR A 53 2.77 -13.60 1.13
N GLU A 54 3.61 -13.83 2.15
CA GLU A 54 4.73 -12.95 2.47
C GLU A 54 5.81 -12.99 1.39
N ASN A 55 5.91 -14.13 0.69
CA ASN A 55 6.84 -14.30 -0.42
C ASN A 55 6.47 -13.37 -1.58
N GLU A 56 5.18 -13.32 -1.94
CA GLU A 56 4.69 -12.50 -3.04
C GLU A 56 4.78 -11.01 -2.76
N TYR A 57 4.68 -10.62 -1.49
CA TYR A 57 4.84 -9.23 -1.11
C TYR A 57 6.31 -8.82 -1.23
N ALA A 58 7.23 -9.73 -0.87
CA ALA A 58 8.67 -9.49 -0.94
C ALA A 58 9.21 -9.55 -2.38
N GLU A 59 8.39 -10.08 -3.31
CA GLU A 59 8.66 -9.99 -4.75
C GLU A 59 8.63 -8.53 -5.21
N LEU A 60 7.80 -7.73 -4.53
CA LEU A 60 7.69 -6.30 -4.82
C LEU A 60 8.69 -5.53 -3.97
N ALA A 61 8.53 -5.61 -2.64
CA ALA A 61 9.41 -4.96 -1.64
C ALA A 61 9.54 -3.45 -1.88
N ILE A 62 8.38 -2.80 -2.12
CA ILE A 62 8.27 -1.37 -2.48
C ILE A 62 8.89 -1.13 -3.87
N PHE A 63 8.03 -1.12 -4.88
CA PHE A 63 8.45 -1.11 -6.28
C PHE A 63 8.70 0.32 -6.78
N ALA A 64 7.69 1.16 -6.66
CA ALA A 64 7.72 2.49 -7.26
C ALA A 64 7.69 3.59 -6.20
N ALA A 65 6.48 4.15 -5.93
CA ALA A 65 6.20 5.18 -4.90
C ALA A 65 6.67 6.60 -5.27
N ASP A 66 7.78 6.75 -6.01
CA ASP A 66 8.40 8.06 -6.25
C ASP A 66 7.64 8.89 -7.29
N GLU A 67 6.79 8.22 -8.08
CA GLU A 67 5.98 8.86 -9.11
C GLU A 67 4.97 9.86 -8.53
N VAL A 68 4.40 9.55 -7.36
CA VAL A 68 3.44 10.45 -6.72
C VAL A 68 4.14 11.42 -5.74
N LEU A 69 5.46 11.28 -5.60
CA LEU A 69 6.23 12.13 -4.71
C LEU A 69 6.81 13.32 -5.47
N GLU A 70 7.60 13.03 -6.50
CA GLU A 70 8.24 14.06 -7.33
C GLU A 70 8.47 13.55 -8.74
N HIS A 71 9.17 12.40 -8.82
CA HIS A 71 9.45 11.68 -10.09
C HIS A 71 10.29 12.56 -11.05
N HIS A 72 11.39 13.09 -10.54
CA HIS A 72 12.27 13.93 -11.33
C HIS A 72 13.47 13.11 -11.84
N HIS A 73 13.23 12.45 -12.98
CA HIS A 73 14.21 11.57 -13.67
C HIS A 73 14.78 10.51 -12.71
N HIS A 74 13.96 9.51 -12.40
CA HIS A 74 14.31 8.51 -11.40
C HIS A 74 15.24 7.43 -11.98
N HIS A 75 16.13 6.93 -11.14
CA HIS A 75 17.15 5.98 -11.57
C HIS A 75 16.66 4.55 -11.34
N HIS A 76 15.99 3.99 -12.37
CA HIS A 76 15.42 2.63 -12.36
C HIS A 76 14.39 2.46 -11.22
N MET A 1 4.80 -11.27 -10.80
CA MET A 1 4.55 -9.82 -10.68
C MET A 1 3.04 -9.55 -10.76
N ILE A 2 2.66 -8.30 -10.50
CA ILE A 2 1.28 -7.86 -10.61
C ILE A 2 1.26 -6.37 -11.01
N ARG A 3 0.34 -6.00 -11.90
CA ARG A 3 0.23 -4.61 -12.30
C ARG A 3 -0.69 -3.84 -11.36
N LEU A 4 -0.06 -3.01 -10.53
CA LEU A 4 -0.77 -2.21 -9.55
C LEU A 4 -0.65 -0.75 -9.88
N THR A 5 -1.49 0.06 -9.23
CA THR A 5 -1.46 1.50 -9.41
C THR A 5 -0.35 2.11 -8.55
N ILE A 6 0.19 3.25 -8.98
CA ILE A 6 1.21 3.99 -8.21
C ILE A 6 0.67 4.41 -6.83
N GLU A 7 -0.62 4.74 -6.79
CA GLU A 7 -1.30 5.12 -5.55
C GLU A 7 -1.38 3.94 -4.57
N GLU A 8 -1.61 2.72 -5.08
CA GLU A 8 -1.66 1.53 -4.23
C GLU A 8 -0.29 1.17 -3.69
N THR A 9 0.73 1.34 -4.52
CA THR A 9 2.11 1.03 -4.13
C THR A 9 2.67 2.10 -3.17
N ASN A 10 2.20 3.33 -3.29
CA ASN A 10 2.52 4.41 -2.35
C ASN A 10 1.82 4.16 -1.01
N LEU A 11 0.61 3.61 -1.07
CA LEU A 11 -0.16 3.20 0.11
C LEU A 11 0.54 2.03 0.83
N LEU A 12 1.17 1.16 0.05
CA LEU A 12 2.02 0.08 0.55
C LEU A 12 3.21 0.64 1.33
N SER A 13 3.80 1.74 0.81
CA SER A 13 4.95 2.39 1.44
C SER A 13 4.57 3.10 2.75
N ILE A 14 3.33 3.61 2.84
CA ILE A 14 2.85 4.31 4.04
C ILE A 14 2.71 3.34 5.22
N TYR A 15 2.10 2.18 4.95
CA TYR A 15 1.75 1.23 6.01
C TYR A 15 2.64 -0.02 5.99
N ASN A 16 3.84 0.11 5.43
CA ASN A 16 4.80 -0.99 5.41
C ASN A 16 5.55 -1.06 6.73
N GLU A 17 5.33 -2.15 7.45
CA GLU A 17 6.02 -2.39 8.70
C GLU A 17 6.97 -3.56 8.53
N GLY A 18 6.42 -4.77 8.53
CA GLY A 18 7.20 -5.95 8.26
C GLY A 18 6.60 -6.74 7.13
N GLY A 19 6.54 -6.12 5.95
CA GLY A 19 5.99 -6.77 4.78
C GLY A 19 4.50 -6.59 4.67
N LYS A 20 3.82 -7.58 4.08
CA LYS A 20 2.38 -7.52 3.83
C LYS A 20 1.58 -7.83 5.09
N ARG A 21 2.26 -8.40 6.08
CA ARG A 21 1.66 -8.59 7.40
C ARG A 21 1.46 -7.24 8.06
N GLY A 22 2.50 -6.40 7.99
CA GLY A 22 2.41 -5.01 8.41
C GLY A 22 1.39 -4.20 7.62
N LEU A 23 1.26 -4.49 6.33
CA LEU A 23 0.27 -3.84 5.47
C LEU A 23 -1.16 -4.14 5.90
N MET A 24 -1.44 -5.42 6.15
CA MET A 24 -2.78 -5.86 6.55
C MET A 24 -3.16 -5.35 7.92
N GLU A 25 -2.23 -5.40 8.88
CA GLU A 25 -2.49 -4.97 10.24
C GLU A 25 -2.67 -3.45 10.34
N ASN A 26 -1.79 -2.69 9.68
CA ASN A 26 -1.80 -1.22 9.79
C ASN A 26 -2.94 -0.59 9.02
N ILE A 27 -3.37 -1.21 7.92
CA ILE A 27 -4.52 -0.72 7.16
C ILE A 27 -5.83 -0.99 7.91
N ASN A 28 -6.01 -2.22 8.44
CA ASN A 28 -7.26 -2.57 9.15
C ASN A 28 -7.38 -1.83 10.49
N ALA A 29 -6.26 -1.43 11.07
CA ALA A 29 -6.26 -0.66 12.31
C ALA A 29 -6.54 0.82 12.05
N ALA A 30 -6.20 1.30 10.85
CA ALA A 30 -6.34 2.71 10.52
C ALA A 30 -7.58 2.97 9.66
N LEU A 31 -8.40 1.95 9.40
CA LEU A 31 -9.66 2.14 8.65
C LEU A 31 -10.68 3.12 9.30
N PRO A 32 -10.80 3.24 10.67
CA PRO A 32 -11.53 4.35 11.31
C PRO A 32 -10.95 5.75 10.98
N PHE A 33 -9.68 5.80 10.60
CA PHE A 33 -8.96 7.02 10.26
C PHE A 33 -8.80 7.09 8.73
N MET A 34 -7.60 7.56 8.28
CA MET A 34 -7.14 7.59 6.86
C MET A 34 -7.84 8.65 6.03
N ASP A 35 -7.21 8.99 4.90
CA ASP A 35 -7.83 9.80 3.87
C ASP A 35 -8.87 8.94 3.16
N GLU A 36 -9.96 9.54 2.68
CA GLU A 36 -11.02 8.76 2.01
C GLU A 36 -10.55 8.16 0.69
N ASP A 37 -9.58 8.83 0.04
CA ASP A 37 -8.92 8.30 -1.16
C ASP A 37 -8.11 7.06 -0.83
N MET A 38 -7.34 7.14 0.26
CA MET A 38 -6.44 6.06 0.67
C MET A 38 -7.18 4.89 1.31
N ARG A 39 -8.34 5.16 1.94
CA ARG A 39 -9.11 4.17 2.71
C ARG A 39 -9.85 3.20 1.78
N GLU A 40 -10.55 3.74 0.80
CA GLU A 40 -11.27 2.92 -0.20
C GLU A 40 -10.30 2.26 -1.19
N LEU A 41 -9.15 2.90 -1.41
CA LEU A 41 -8.05 2.32 -2.17
C LEU A 41 -7.47 1.11 -1.45
N ALA A 42 -7.40 1.21 -0.11
CA ALA A 42 -6.87 0.16 0.77
C ALA A 42 -7.75 -1.08 0.79
N LYS A 43 -9.04 -0.89 0.56
CA LYS A 43 -10.01 -1.98 0.41
C LYS A 43 -9.62 -2.88 -0.77
N ARG A 44 -9.16 -2.27 -1.86
CA ARG A 44 -8.68 -2.99 -3.03
C ARG A 44 -7.24 -3.50 -2.82
N THR A 45 -6.45 -2.77 -2.02
CA THR A 45 -5.05 -3.11 -1.78
C THR A 45 -4.93 -4.37 -0.91
N LEU A 46 -5.83 -4.53 0.06
CA LEU A 46 -5.90 -5.75 0.85
C LEU A 46 -6.49 -6.90 0.05
N ALA A 47 -7.40 -6.57 -0.87
CA ALA A 47 -8.06 -7.56 -1.71
C ALA A 47 -7.08 -8.19 -2.70
N LYS A 48 -6.07 -7.44 -3.15
CA LYS A 48 -5.11 -7.95 -4.11
C LYS A 48 -3.93 -8.69 -3.45
N ILE A 49 -3.65 -8.41 -2.16
CA ILE A 49 -2.56 -9.11 -1.47
C ILE A 49 -3.06 -10.32 -0.68
N ALA A 50 -4.37 -10.43 -0.49
CA ALA A 50 -4.97 -11.62 0.12
C ALA A 50 -4.73 -12.94 -0.68
N PRO A 51 -4.88 -12.99 -2.05
CA PRO A 51 -4.45 -14.18 -2.83
C PRO A 51 -2.92 -14.33 -2.95
N LEU A 52 -2.19 -13.30 -2.55
CA LEU A 52 -0.74 -13.33 -2.57
C LEU A 52 -0.20 -13.84 -1.25
N THR A 53 1.01 -14.38 -1.28
CA THR A 53 1.70 -14.76 -0.07
C THR A 53 2.58 -13.61 0.41
N GLU A 54 3.31 -13.83 1.50
CA GLU A 54 4.25 -12.85 2.01
C GLU A 54 5.56 -12.88 1.20
N ASN A 55 5.84 -14.02 0.57
CA ASN A 55 6.98 -14.16 -0.35
C ASN A 55 6.69 -13.51 -1.70
N GLU A 56 5.42 -13.53 -2.13
CA GLU A 56 4.99 -12.82 -3.34
C GLU A 56 5.15 -11.32 -3.16
N TYR A 57 4.69 -10.81 -2.02
CA TYR A 57 4.78 -9.40 -1.70
C TYR A 57 6.24 -8.98 -1.40
N ALA A 58 7.11 -9.90 -1.00
CA ALA A 58 8.52 -9.56 -0.74
C ALA A 58 9.20 -9.02 -2.00
N GLU A 59 8.82 -9.55 -3.16
CA GLU A 59 9.31 -9.07 -4.46
C GLU A 59 8.52 -7.84 -4.94
N LEU A 60 7.28 -7.71 -4.46
CA LEU A 60 6.36 -6.64 -4.88
C LEU A 60 6.27 -5.50 -3.87
N ALA A 61 7.25 -5.45 -2.97
CA ALA A 61 7.25 -4.47 -1.90
C ALA A 61 7.82 -3.15 -2.40
N ILE A 62 6.91 -2.25 -2.77
CA ILE A 62 7.22 -0.90 -3.27
C ILE A 62 8.11 -0.98 -4.52
N PHE A 63 7.47 -1.28 -5.65
CA PHE A 63 8.16 -1.36 -6.92
C PHE A 63 7.97 -0.09 -7.75
N ALA A 64 6.89 0.65 -7.45
CA ALA A 64 6.57 1.86 -8.18
C ALA A 64 5.88 2.89 -7.28
N ALA A 65 6.68 3.61 -6.49
CA ALA A 65 6.16 4.63 -5.58
C ALA A 65 7.18 5.75 -5.36
N ASP A 66 8.21 5.79 -6.18
CA ASP A 66 9.31 6.74 -6.00
C ASP A 66 9.24 7.89 -6.98
N GLU A 67 8.27 7.82 -7.88
CA GLU A 67 8.04 8.89 -8.86
C GLU A 67 7.20 10.01 -8.25
N VAL A 68 6.70 9.79 -7.04
CA VAL A 68 5.96 10.81 -6.30
C VAL A 68 6.83 11.46 -5.21
N LEU A 69 8.14 11.17 -5.24
CA LEU A 69 9.09 11.74 -4.29
C LEU A 69 9.52 13.13 -4.75
N GLU A 70 10.08 13.90 -3.78
CA GLU A 70 10.46 15.31 -3.94
C GLU A 70 9.24 16.22 -4.11
N HIS A 71 8.08 15.71 -3.69
CA HIS A 71 6.89 16.51 -3.53
C HIS A 71 6.84 17.05 -2.10
N HIS A 72 7.81 16.56 -1.30
CA HIS A 72 8.06 17.04 0.04
C HIS A 72 9.58 17.11 0.24
N HIS A 73 10.01 17.70 1.34
CA HIS A 73 11.42 17.67 1.72
C HIS A 73 11.59 16.83 2.97
N HIS A 74 12.64 16.02 3.01
CA HIS A 74 12.91 15.17 4.17
C HIS A 74 13.80 15.92 5.15
N HIS A 75 13.45 15.84 6.42
CA HIS A 75 14.17 16.56 7.47
C HIS A 75 14.92 15.58 8.36
N HIS A 76 15.64 16.11 9.35
CA HIS A 76 16.33 15.29 10.35
C HIS A 76 15.33 14.77 11.39
N MET A 1 3.81 -12.28 -8.75
CA MET A 1 3.83 -10.84 -8.45
C MET A 1 2.71 -10.15 -9.23
N ILE A 2 1.88 -9.37 -8.52
CA ILE A 2 0.79 -8.62 -9.17
C ILE A 2 1.27 -7.25 -9.63
N ARG A 3 0.47 -6.60 -10.47
CA ARG A 3 0.79 -5.26 -10.91
C ARG A 3 -0.11 -4.27 -10.18
N LEU A 4 0.54 -3.41 -9.43
CA LEU A 4 -0.12 -2.30 -8.75
C LEU A 4 0.37 -0.99 -9.34
N THR A 5 -0.44 0.06 -9.25
CA THR A 5 -0.09 1.37 -9.83
C THR A 5 0.77 2.19 -8.85
N ILE A 6 1.10 3.43 -9.25
CA ILE A 6 1.87 4.33 -8.41
C ILE A 6 1.08 4.69 -7.14
N GLU A 7 -0.24 4.82 -7.27
CA GLU A 7 -1.12 5.18 -6.15
C GLU A 7 -1.22 4.06 -5.13
N GLU A 8 -1.42 2.83 -5.62
CA GLU A 8 -1.63 1.65 -4.77
C GLU A 8 -0.37 1.28 -4.01
N THR A 9 0.78 1.31 -4.69
CA THR A 9 2.07 0.96 -4.11
C THR A 9 2.58 2.08 -3.17
N ASN A 10 2.23 3.35 -3.45
CA ASN A 10 2.56 4.49 -2.58
C ASN A 10 1.86 4.36 -1.23
N LEU A 11 0.59 3.97 -1.27
CA LEU A 11 -0.23 3.72 -0.10
C LEU A 11 0.33 2.60 0.77
N LEU A 12 0.80 1.53 0.12
CA LEU A 12 1.39 0.38 0.83
C LEU A 12 2.72 0.76 1.46
N SER A 13 3.44 1.69 0.82
CA SER A 13 4.70 2.22 1.33
C SER A 13 4.50 3.10 2.58
N ILE A 14 3.30 3.66 2.72
CA ILE A 14 2.96 4.51 3.87
C ILE A 14 2.66 3.64 5.11
N TYR A 15 1.92 2.55 4.91
CA TYR A 15 1.44 1.74 6.02
C TYR A 15 2.19 0.40 6.14
N ASN A 16 3.30 0.27 5.40
CA ASN A 16 4.21 -0.89 5.46
C ASN A 16 4.77 -1.11 6.86
N GLU A 17 4.22 -2.09 7.55
CA GLU A 17 4.68 -2.46 8.88
C GLU A 17 5.58 -3.70 8.80
N GLY A 18 4.97 -4.87 8.63
CA GLY A 18 5.73 -6.10 8.65
C GLY A 18 5.36 -7.00 7.49
N GLY A 19 5.83 -6.62 6.30
CA GLY A 19 5.50 -7.35 5.10
C GLY A 19 4.11 -6.99 4.62
N LYS A 20 3.34 -8.00 4.22
CA LYS A 20 1.94 -7.81 3.87
C LYS A 20 1.06 -8.08 5.08
N ARG A 21 1.57 -8.86 6.02
CA ARG A 21 0.81 -9.28 7.19
C ARG A 21 0.69 -8.13 8.18
N GLY A 22 1.81 -7.49 8.49
CA GLY A 22 1.80 -6.27 9.30
C GLY A 22 1.12 -5.11 8.60
N LEU A 23 1.20 -5.12 7.27
CA LEU A 23 0.48 -4.15 6.42
C LEU A 23 -1.03 -4.26 6.60
N MET A 24 -1.55 -5.50 6.64
CA MET A 24 -2.98 -5.75 6.79
C MET A 24 -3.47 -5.39 8.20
N GLU A 25 -2.67 -5.71 9.22
CA GLU A 25 -3.00 -5.39 10.61
C GLU A 25 -3.05 -3.88 10.86
N ASN A 26 -2.11 -3.16 10.24
CA ASN A 26 -2.01 -1.70 10.37
C ASN A 26 -3.13 -1.01 9.60
N ILE A 27 -3.44 -1.51 8.40
CA ILE A 27 -4.49 -0.92 7.56
C ILE A 27 -5.89 -1.08 8.17
N ASN A 28 -6.23 -2.28 8.65
CA ASN A 28 -7.58 -2.56 9.19
C ASN A 28 -7.87 -1.80 10.49
N ALA A 29 -6.82 -1.44 11.23
CA ALA A 29 -6.97 -0.64 12.43
C ALA A 29 -7.04 0.86 12.11
N ALA A 30 -6.30 1.29 11.10
CA ALA A 30 -6.15 2.70 10.78
C ALA A 30 -7.06 3.16 9.64
N LEU A 31 -8.09 2.35 9.32
CA LEU A 31 -9.05 2.66 8.23
C LEU A 31 -9.71 4.04 8.34
N PRO A 32 -10.33 4.46 9.50
CA PRO A 32 -10.96 5.80 9.61
C PRO A 32 -9.96 6.96 9.51
N PHE A 33 -8.69 6.68 9.83
CA PHE A 33 -7.65 7.69 9.91
C PHE A 33 -6.90 7.84 8.58
N MET A 34 -7.44 7.22 7.53
CA MET A 34 -6.86 7.27 6.20
C MET A 34 -7.55 8.31 5.31
N ASP A 35 -8.31 9.22 5.94
CA ASP A 35 -9.03 10.33 5.29
C ASP A 35 -10.22 9.83 4.44
N GLU A 36 -9.95 9.28 3.25
CA GLU A 36 -10.97 8.69 2.38
C GLU A 36 -10.31 7.91 1.25
N ASP A 37 -9.42 8.59 0.52
CA ASP A 37 -8.80 8.05 -0.69
C ASP A 37 -7.82 6.93 -0.38
N MET A 38 -7.11 7.06 0.74
CA MET A 38 -6.20 6.01 1.19
C MET A 38 -6.97 4.84 1.78
N ARG A 39 -8.16 5.10 2.36
CA ARG A 39 -8.96 4.05 3.01
C ARG A 39 -9.57 3.10 2.00
N GLU A 40 -10.27 3.67 1.00
CA GLU A 40 -10.97 2.89 -0.01
C GLU A 40 -10.00 2.11 -0.90
N LEU A 41 -8.85 2.73 -1.18
CA LEU A 41 -7.80 2.10 -1.97
C LEU A 41 -7.14 0.97 -1.19
N ALA A 42 -7.00 1.13 0.14
CA ALA A 42 -6.32 0.14 0.98
C ALA A 42 -7.08 -1.18 1.07
N LYS A 43 -8.40 -1.10 1.11
CA LYS A 43 -9.25 -2.30 1.17
C LYS A 43 -9.28 -3.03 -0.18
N ARG A 44 -9.21 -2.26 -1.27
CA ARG A 44 -9.12 -2.80 -2.63
C ARG A 44 -7.78 -3.52 -2.85
N THR A 45 -6.70 -2.89 -2.39
CA THR A 45 -5.35 -3.42 -2.56
C THR A 45 -5.07 -4.59 -1.60
N LEU A 46 -5.69 -4.60 -0.40
CA LEU A 46 -5.54 -5.73 0.52
C LEU A 46 -6.25 -6.98 0.02
N ALA A 47 -7.34 -6.78 -0.72
CA ALA A 47 -8.03 -7.89 -1.38
C ALA A 47 -7.24 -8.42 -2.59
N LYS A 48 -6.31 -7.59 -3.09
CA LYS A 48 -5.42 -7.96 -4.19
C LYS A 48 -4.13 -8.64 -3.68
N ILE A 49 -3.75 -8.35 -2.42
CA ILE A 49 -2.59 -9.02 -1.78
C ILE A 49 -3.08 -10.25 -0.97
N ALA A 50 -4.39 -10.39 -0.84
CA ALA A 50 -5.00 -11.57 -0.19
C ALA A 50 -4.69 -12.91 -0.92
N PRO A 51 -4.72 -13.00 -2.30
CA PRO A 51 -4.22 -14.21 -2.99
C PRO A 51 -2.68 -14.29 -3.09
N LEU A 52 -1.98 -13.31 -2.51
CA LEU A 52 -0.52 -13.32 -2.48
C LEU A 52 -0.03 -13.89 -1.16
N THR A 53 1.26 -14.16 -1.09
CA THR A 53 1.93 -14.47 0.18
C THR A 53 2.77 -13.28 0.63
N GLU A 54 3.58 -13.49 1.67
CA GLU A 54 4.58 -12.49 2.10
C GLU A 54 5.81 -12.56 1.17
N ASN A 55 5.99 -13.72 0.53
CA ASN A 55 6.98 -13.93 -0.50
C ASN A 55 6.64 -13.09 -1.73
N GLU A 56 5.36 -13.14 -2.13
CA GLU A 56 4.84 -12.39 -3.27
C GLU A 56 4.85 -10.87 -3.04
N TYR A 57 4.72 -10.45 -1.78
CA TYR A 57 4.78 -9.04 -1.44
C TYR A 57 6.23 -8.55 -1.49
N ALA A 58 7.16 -9.40 -1.06
CA ALA A 58 8.59 -9.07 -1.11
C ALA A 58 9.17 -9.15 -2.53
N GLU A 59 8.42 -9.79 -3.45
CA GLU A 59 8.77 -9.79 -4.87
C GLU A 59 8.63 -8.39 -5.48
N LEU A 60 7.55 -7.70 -5.14
CA LEU A 60 7.34 -6.33 -5.63
C LEU A 60 8.02 -5.30 -4.74
N ALA A 61 7.85 -5.47 -3.41
CA ALA A 61 8.63 -4.79 -2.35
C ALA A 61 8.60 -3.26 -2.45
N ILE A 62 7.47 -2.71 -2.89
CA ILE A 62 7.30 -1.27 -3.17
C ILE A 62 8.16 -0.88 -4.38
N PHE A 63 7.54 -0.93 -5.53
CA PHE A 63 8.21 -0.77 -6.82
C PHE A 63 7.70 0.46 -7.57
N ALA A 64 6.72 1.16 -6.99
CA ALA A 64 6.05 2.27 -7.68
C ALA A 64 5.48 3.28 -6.68
N ALA A 65 6.35 4.08 -6.09
CA ALA A 65 5.92 5.13 -5.16
C ALA A 65 6.78 6.39 -5.32
N ASP A 66 7.73 6.33 -6.24
CA ASP A 66 8.76 7.37 -6.40
C ASP A 66 8.24 8.56 -7.19
N GLU A 67 7.32 8.30 -8.10
CA GLU A 67 6.93 9.28 -9.13
C GLU A 67 5.90 10.30 -8.63
N VAL A 68 5.28 10.01 -7.49
CA VAL A 68 4.34 10.94 -6.86
C VAL A 68 5.02 11.80 -5.79
N LEU A 69 6.30 11.54 -5.53
CA LEU A 69 7.04 12.28 -4.53
C LEU A 69 8.13 13.08 -5.21
N GLU A 70 9.11 12.35 -5.77
CA GLU A 70 10.22 12.95 -6.49
C GLU A 70 9.81 13.19 -7.92
N HIS A 71 9.48 14.43 -8.25
CA HIS A 71 8.93 14.76 -9.56
C HIS A 71 9.86 15.70 -10.34
N HIS A 72 10.97 16.07 -9.73
CA HIS A 72 11.97 16.92 -10.38
C HIS A 72 13.37 16.34 -10.17
N HIS A 73 13.76 16.20 -8.91
CA HIS A 73 15.00 15.53 -8.54
C HIS A 73 14.71 14.55 -7.40
N HIS A 74 14.59 15.09 -6.18
CA HIS A 74 14.29 14.28 -4.98
C HIS A 74 13.30 15.03 -4.09
N HIS A 75 12.38 14.27 -3.45
CA HIS A 75 11.35 14.79 -2.50
C HIS A 75 10.32 15.71 -3.15
N HIS A 76 9.36 16.16 -2.34
CA HIS A 76 8.39 17.16 -2.77
C HIS A 76 8.51 18.39 -1.86
N MET A 1 0.25 -11.24 -14.37
CA MET A 1 0.66 -10.28 -13.33
C MET A 1 -0.30 -9.09 -13.32
N ILE A 2 -0.79 -8.74 -12.14
CA ILE A 2 -1.51 -7.49 -11.97
C ILE A 2 -0.50 -6.36 -11.78
N ARG A 3 -0.55 -5.39 -12.67
CA ARG A 3 0.39 -4.28 -12.62
C ARG A 3 -0.22 -3.19 -11.76
N LEU A 4 0.37 -2.99 -10.61
CA LEU A 4 -0.17 -2.12 -9.59
C LEU A 4 0.15 -0.68 -9.89
N THR A 5 -0.80 0.19 -9.60
CA THR A 5 -0.67 1.58 -9.95
C THR A 5 0.18 2.30 -8.88
N ILE A 6 0.62 3.52 -9.21
CA ILE A 6 1.48 4.30 -8.34
C ILE A 6 0.80 4.57 -6.99
N GLU A 7 -0.53 4.72 -7.00
CA GLU A 7 -1.31 4.99 -5.80
C GLU A 7 -1.39 3.80 -4.83
N GLU A 8 -1.52 2.57 -5.37
CA GLU A 8 -1.61 1.36 -4.53
C GLU A 8 -0.28 1.09 -3.83
N THR A 9 0.81 1.29 -4.58
CA THR A 9 2.15 1.10 -4.08
C THR A 9 2.58 2.24 -3.13
N ASN A 10 2.02 3.43 -3.36
CA ASN A 10 2.21 4.59 -2.48
C ASN A 10 1.59 4.34 -1.11
N LEU A 11 0.43 3.69 -1.10
CA LEU A 11 -0.25 3.30 0.12
C LEU A 11 0.57 2.26 0.90
N LEU A 12 1.28 1.40 0.16
CA LEU A 12 2.22 0.44 0.74
C LEU A 12 3.40 1.16 1.39
N SER A 13 3.86 2.27 0.79
CA SER A 13 4.97 3.06 1.33
C SER A 13 4.62 3.71 2.68
N ILE A 14 3.32 3.90 2.94
CA ILE A 14 2.86 4.53 4.18
C ILE A 14 2.73 3.49 5.33
N TYR A 15 2.24 2.29 5.02
CA TYR A 15 1.81 1.35 6.08
C TYR A 15 2.55 0.00 6.10
N ASN A 16 3.51 -0.21 5.20
CA ASN A 16 4.29 -1.46 5.18
C ASN A 16 5.47 -1.35 6.12
N GLU A 17 5.55 -2.25 7.09
CA GLU A 17 6.73 -2.33 7.95
C GLU A 17 7.13 -3.78 8.23
N GLY A 18 6.25 -4.73 7.95
CA GLY A 18 6.49 -6.11 8.33
C GLY A 18 5.72 -7.10 7.50
N GLY A 19 5.96 -7.12 6.19
CA GLY A 19 5.35 -8.12 5.32
C GLY A 19 3.90 -7.83 5.01
N LYS A 20 3.18 -8.85 4.54
CA LYS A 20 1.77 -8.73 4.19
C LYS A 20 0.89 -8.65 5.44
N ARG A 21 1.24 -9.42 6.48
CA ARG A 21 0.49 -9.39 7.74
C ARG A 21 0.60 -8.03 8.40
N GLY A 22 1.83 -7.51 8.52
CA GLY A 22 2.03 -6.18 9.07
C GLY A 22 1.36 -5.10 8.24
N LEU A 23 1.35 -5.27 6.92
CA LEU A 23 0.68 -4.36 5.99
C LEU A 23 -0.83 -4.32 6.27
N MET A 24 -1.45 -5.51 6.34
CA MET A 24 -2.90 -5.62 6.51
C MET A 24 -3.37 -5.21 7.88
N GLU A 25 -2.63 -5.60 8.93
CA GLU A 25 -2.99 -5.27 10.32
C GLU A 25 -2.87 -3.77 10.58
N ASN A 26 -1.87 -3.13 9.96
CA ASN A 26 -1.70 -1.68 10.04
C ASN A 26 -2.85 -0.97 9.35
N ILE A 27 -3.18 -1.40 8.13
CA ILE A 27 -4.26 -0.81 7.34
C ILE A 27 -5.63 -0.95 8.02
N ASN A 28 -5.93 -2.13 8.58
CA ASN A 28 -7.20 -2.38 9.27
C ASN A 28 -7.37 -1.54 10.53
N ALA A 29 -6.27 -1.31 11.24
CA ALA A 29 -6.29 -0.48 12.45
C ALA A 29 -6.35 1.01 12.11
N ALA A 30 -5.81 1.38 10.95
CA ALA A 30 -5.71 2.78 10.55
C ALA A 30 -6.77 3.19 9.53
N LEU A 31 -7.82 2.38 9.35
CA LEU A 31 -8.92 2.69 8.42
C LEU A 31 -9.64 4.04 8.72
N PRO A 32 -10.04 4.37 9.99
CA PRO A 32 -10.60 5.69 10.31
C PRO A 32 -9.52 6.77 10.58
N PHE A 33 -8.26 6.44 10.27
CA PHE A 33 -7.14 7.38 10.41
C PHE A 33 -6.62 7.79 9.03
N MET A 34 -7.21 7.20 8.01
CA MET A 34 -6.87 7.52 6.62
C MET A 34 -7.77 8.62 6.08
N ASP A 35 -7.46 9.06 4.86
CA ASP A 35 -8.42 9.84 4.07
C ASP A 35 -9.47 8.90 3.51
N GLU A 36 -10.57 9.43 2.99
CA GLU A 36 -11.64 8.58 2.47
C GLU A 36 -11.23 7.94 1.13
N ASP A 37 -10.39 8.66 0.36
CA ASP A 37 -9.82 8.13 -0.88
C ASP A 37 -8.76 7.08 -0.59
N MET A 38 -8.05 7.28 0.52
CA MET A 38 -7.03 6.33 0.97
C MET A 38 -7.67 5.08 1.60
N ARG A 39 -8.88 5.23 2.14
CA ARG A 39 -9.61 4.17 2.82
C ARG A 39 -10.21 3.16 1.83
N GLU A 40 -10.79 3.67 0.74
CA GLU A 40 -11.29 2.81 -0.34
C GLU A 40 -10.13 2.21 -1.14
N LEU A 41 -9.01 2.95 -1.20
CA LEU A 41 -7.78 2.46 -1.82
C LEU A 41 -7.17 1.35 -1.00
N ALA A 42 -7.35 1.40 0.32
CA ALA A 42 -6.87 0.37 1.23
C ALA A 42 -7.52 -0.97 0.95
N LYS A 43 -8.83 -0.97 0.72
CA LYS A 43 -9.58 -2.20 0.39
C LYS A 43 -9.22 -2.74 -0.99
N ARG A 44 -8.93 -1.82 -1.90
CA ARG A 44 -8.47 -2.13 -3.27
C ARG A 44 -7.10 -2.82 -3.23
N THR A 45 -6.22 -2.28 -2.38
CA THR A 45 -4.86 -2.76 -2.23
C THR A 45 -4.80 -4.10 -1.45
N LEU A 46 -5.68 -4.27 -0.46
CA LEU A 46 -5.70 -5.53 0.33
C LEU A 46 -6.21 -6.71 -0.49
N ALA A 47 -7.10 -6.44 -1.45
CA ALA A 47 -7.71 -7.48 -2.27
C ALA A 47 -6.69 -8.21 -3.15
N LYS A 48 -5.73 -7.48 -3.70
CA LYS A 48 -4.73 -8.07 -4.60
C LYS A 48 -3.50 -8.62 -3.86
N ILE A 49 -3.38 -8.36 -2.55
CA ILE A 49 -2.30 -8.95 -1.74
C ILE A 49 -2.81 -10.21 -1.01
N ALA A 50 -4.14 -10.31 -0.86
CA ALA A 50 -4.82 -11.46 -0.24
C ALA A 50 -4.42 -12.86 -0.78
N PRO A 51 -4.27 -13.11 -2.14
CA PRO A 51 -3.84 -14.44 -2.64
C PRO A 51 -2.33 -14.71 -2.55
N LEU A 52 -1.58 -13.83 -1.90
CA LEU A 52 -0.14 -14.00 -1.76
C LEU A 52 0.20 -14.58 -0.39
N THR A 53 1.24 -15.41 -0.32
CA THR A 53 1.70 -16.02 0.93
C THR A 53 2.90 -15.24 1.53
N GLU A 54 2.91 -13.92 1.22
CA GLU A 54 3.85 -12.89 1.77
C GLU A 54 5.19 -12.85 1.03
N ASN A 55 5.60 -13.98 0.47
CA ASN A 55 6.86 -14.09 -0.27
C ASN A 55 6.77 -13.37 -1.61
N GLU A 56 5.59 -13.43 -2.20
CA GLU A 56 5.29 -12.74 -3.46
C GLU A 56 5.09 -11.24 -3.22
N TYR A 57 4.62 -10.89 -2.01
CA TYR A 57 4.51 -9.50 -1.61
C TYR A 57 5.89 -8.90 -1.34
N ALA A 58 6.85 -9.71 -0.91
CA ALA A 58 8.24 -9.26 -0.76
C ALA A 58 8.85 -8.93 -2.12
N GLU A 59 8.45 -9.70 -3.12
CA GLU A 59 8.91 -9.55 -4.49
C GLU A 59 8.28 -8.29 -5.14
N LEU A 60 7.06 -7.96 -4.74
CA LEU A 60 6.38 -6.74 -5.22
C LEU A 60 6.77 -5.56 -4.34
N ALA A 61 6.08 -5.43 -3.19
CA ALA A 61 6.28 -4.38 -2.18
C ALA A 61 6.23 -2.98 -2.80
N ILE A 62 7.22 -2.15 -2.50
CA ILE A 62 7.30 -0.82 -3.06
C ILE A 62 8.15 -0.87 -4.33
N PHE A 63 7.49 -1.15 -5.45
CA PHE A 63 8.18 -1.26 -6.74
C PHE A 63 7.83 -0.09 -7.66
N ALA A 64 6.60 0.43 -7.55
CA ALA A 64 6.16 1.55 -8.37
C ALA A 64 5.46 2.62 -7.53
N ALA A 65 6.22 3.24 -6.63
CA ALA A 65 5.73 4.33 -5.80
C ALA A 65 6.71 5.48 -5.81
N ASP A 66 7.55 5.50 -6.84
CA ASP A 66 8.60 6.51 -6.96
C ASP A 66 8.14 7.68 -7.85
N GLU A 67 6.84 7.72 -8.12
CA GLU A 67 6.24 8.81 -8.89
C GLU A 67 5.33 9.69 -8.02
N VAL A 68 5.38 9.48 -6.71
CA VAL A 68 4.60 10.30 -5.78
C VAL A 68 5.50 11.23 -4.97
N LEU A 69 6.76 11.34 -5.39
CA LEU A 69 7.76 12.11 -4.66
C LEU A 69 7.67 13.58 -5.03
N GLU A 70 6.76 14.27 -4.33
CA GLU A 70 6.42 15.67 -4.56
C GLU A 70 6.01 15.91 -6.02
N HIS A 71 5.08 15.08 -6.48
CA HIS A 71 4.58 15.11 -7.85
C HIS A 71 3.63 16.31 -8.01
N HIS A 72 2.80 16.51 -7.00
CA HIS A 72 2.00 17.72 -6.88
C HIS A 72 1.92 18.09 -5.41
N HIS A 73 2.49 19.23 -5.07
CA HIS A 73 2.54 19.69 -3.68
C HIS A 73 2.50 21.22 -3.62
N HIS A 74 1.89 21.74 -2.58
CA HIS A 74 1.87 23.18 -2.35
C HIS A 74 2.03 23.45 -0.85
N HIS A 75 1.06 22.94 -0.08
CA HIS A 75 0.92 23.19 1.36
C HIS A 75 0.73 24.69 1.65
N HIS A 76 -0.52 25.10 1.70
CA HIS A 76 -0.87 26.50 1.97
C HIS A 76 -0.80 26.84 3.46
N MET A 1 3.73 -11.88 -10.93
CA MET A 1 3.87 -10.42 -10.71
C MET A 1 2.49 -9.76 -10.64
N ILE A 2 2.30 -8.94 -9.62
CA ILE A 2 1.07 -8.21 -9.41
C ILE A 2 1.09 -6.89 -10.20
N ARG A 3 -0.08 -6.43 -10.62
CA ARG A 3 -0.20 -5.11 -11.23
C ARG A 3 -0.94 -4.17 -10.28
N LEU A 4 -0.15 -3.39 -9.57
CA LEU A 4 -0.68 -2.34 -8.71
C LEU A 4 -0.44 -0.99 -9.34
N THR A 5 -1.28 -0.03 -9.02
CA THR A 5 -1.04 1.33 -9.47
C THR A 5 -0.04 2.01 -8.54
N ILE A 6 0.53 3.12 -9.01
CA ILE A 6 1.59 3.83 -8.28
C ILE A 6 1.05 4.45 -6.98
N GLU A 7 -0.24 4.81 -6.99
CA GLU A 7 -0.93 5.35 -5.82
C GLU A 7 -1.14 4.25 -4.75
N GLU A 8 -1.43 3.02 -5.21
CA GLU A 8 -1.66 1.88 -4.30
C GLU A 8 -0.38 1.35 -3.68
N THR A 9 0.72 1.36 -4.45
CA THR A 9 2.02 0.91 -3.94
C THR A 9 2.62 1.97 -3.01
N ASN A 10 2.30 3.25 -3.25
CA ASN A 10 2.66 4.34 -2.33
C ASN A 10 1.90 4.19 -1.00
N LEU A 11 0.63 3.79 -1.10
CA LEU A 11 -0.24 3.49 0.04
C LEU A 11 0.32 2.35 0.90
N LEU A 12 0.88 1.35 0.23
CA LEU A 12 1.56 0.24 0.89
C LEU A 12 2.84 0.70 1.61
N SER A 13 3.50 1.71 1.05
CA SER A 13 4.71 2.31 1.63
C SER A 13 4.38 3.16 2.87
N ILE A 14 3.17 3.73 2.92
CA ILE A 14 2.70 4.54 4.07
C ILE A 14 2.54 3.66 5.30
N TYR A 15 1.99 2.47 5.10
CA TYR A 15 1.68 1.56 6.20
C TYR A 15 2.58 0.33 6.14
N ASN A 16 3.83 0.53 5.73
CA ASN A 16 4.76 -0.58 5.47
C ASN A 16 5.43 -1.06 6.75
N GLU A 17 4.95 -2.19 7.24
CA GLU A 17 5.60 -2.89 8.33
C GLU A 17 5.51 -4.39 8.11
N GLY A 18 6.67 -5.03 8.08
CA GLY A 18 6.73 -6.48 7.93
C GLY A 18 6.65 -6.90 6.49
N GLY A 19 5.46 -7.25 6.07
CA GLY A 19 5.20 -7.66 4.71
C GLY A 19 3.74 -7.58 4.39
N LYS A 20 3.20 -8.66 3.80
CA LYS A 20 1.79 -8.73 3.37
C LYS A 20 0.84 -8.65 4.57
N ARG A 21 1.15 -9.42 5.62
CA ARG A 21 0.28 -9.52 6.78
C ARG A 21 0.29 -8.24 7.60
N GLY A 22 1.49 -7.73 7.87
CA GLY A 22 1.68 -6.49 8.61
C GLY A 22 1.14 -5.26 7.89
N LEU A 23 1.15 -5.30 6.56
CA LEU A 23 0.50 -4.28 5.74
C LEU A 23 -0.99 -4.24 5.99
N MET A 24 -1.61 -5.41 6.06
CA MET A 24 -3.03 -5.52 6.35
C MET A 24 -3.34 -5.10 7.78
N GLU A 25 -2.46 -5.47 8.73
CA GLU A 25 -2.62 -5.11 10.14
C GLU A 25 -2.58 -3.60 10.36
N ASN A 26 -1.62 -2.92 9.73
CA ASN A 26 -1.45 -1.47 9.84
C ASN A 26 -2.61 -0.74 9.15
N ILE A 27 -2.99 -1.20 7.96
CA ILE A 27 -4.07 -0.59 7.19
C ILE A 27 -5.42 -0.71 7.91
N ASN A 28 -5.77 -1.91 8.40
CA ASN A 28 -7.08 -2.13 9.05
C ASN A 28 -7.19 -1.44 10.41
N ALA A 29 -6.05 -1.30 11.11
CA ALA A 29 -6.01 -0.59 12.38
C ALA A 29 -6.14 0.92 12.17
N ALA A 30 -5.59 1.40 11.06
CA ALA A 30 -5.58 2.83 10.76
C ALA A 30 -6.74 3.25 9.86
N LEU A 31 -7.69 2.34 9.57
CA LEU A 31 -8.87 2.65 8.74
C LEU A 31 -9.79 3.75 9.32
N PRO A 32 -10.13 3.78 10.66
CA PRO A 32 -10.89 4.90 11.27
C PRO A 32 -10.15 6.24 11.27
N PHE A 33 -8.82 6.20 11.14
CA PHE A 33 -8.01 7.42 11.15
C PHE A 33 -7.71 7.88 9.72
N MET A 34 -8.02 7.03 8.76
CA MET A 34 -7.64 7.23 7.37
C MET A 34 -8.66 8.09 6.65
N ASP A 35 -8.17 8.95 5.76
CA ASP A 35 -9.03 9.75 4.86
C ASP A 35 -9.85 8.81 3.97
N GLU A 36 -11.09 9.20 3.65
CA GLU A 36 -12.03 8.33 2.93
C GLU A 36 -11.52 7.89 1.54
N ASP A 37 -10.72 8.72 0.89
CA ASP A 37 -10.16 8.42 -0.43
C ASP A 37 -9.10 7.32 -0.31
N MET A 38 -8.25 7.46 0.69
CA MET A 38 -7.19 6.49 0.97
C MET A 38 -7.75 5.20 1.59
N ARG A 39 -8.86 5.31 2.33
CA ARG A 39 -9.52 4.19 3.01
C ARG A 39 -10.16 3.22 2.02
N GLU A 40 -10.86 3.77 1.02
CA GLU A 40 -11.51 2.96 -0.02
C GLU A 40 -10.48 2.34 -0.94
N LEU A 41 -9.38 3.07 -1.17
CA LEU A 41 -8.27 2.58 -1.96
C LEU A 41 -7.57 1.42 -1.26
N ALA A 42 -7.42 1.55 0.07
CA ALA A 42 -6.71 0.59 0.91
C ALA A 42 -7.33 -0.79 0.88
N LYS A 43 -8.66 -0.86 0.99
CA LYS A 43 -9.38 -2.15 0.97
C LYS A 43 -9.28 -2.83 -0.40
N ARG A 44 -9.17 -2.03 -1.47
CA ARG A 44 -9.03 -2.56 -2.82
C ARG A 44 -7.60 -3.07 -3.07
N THR A 45 -6.61 -2.41 -2.46
CA THR A 45 -5.22 -2.85 -2.53
C THR A 45 -5.02 -4.14 -1.70
N LEU A 46 -5.80 -4.27 -0.61
CA LEU A 46 -5.82 -5.49 0.20
C LEU A 46 -6.42 -6.66 -0.55
N ALA A 47 -7.35 -6.38 -1.47
CA ALA A 47 -7.94 -7.40 -2.33
C ALA A 47 -6.95 -7.87 -3.42
N LYS A 48 -5.92 -7.05 -3.67
CA LYS A 48 -4.86 -7.39 -4.60
C LYS A 48 -3.77 -8.24 -3.93
N ILE A 49 -3.45 -7.95 -2.65
CA ILE A 49 -2.42 -8.74 -1.95
C ILE A 49 -3.00 -9.95 -1.22
N ALA A 50 -4.33 -10.04 -1.15
CA ALA A 50 -5.03 -11.21 -0.61
C ALA A 50 -4.68 -12.53 -1.33
N PRO A 51 -4.70 -12.63 -2.71
CA PRO A 51 -4.29 -13.85 -3.40
C PRO A 51 -2.77 -14.05 -3.46
N LEU A 52 -2.01 -13.06 -2.98
CA LEU A 52 -0.56 -13.16 -2.95
C LEU A 52 -0.13 -13.79 -1.64
N THR A 53 0.95 -14.56 -1.70
CA THR A 53 1.57 -15.08 -0.50
C THR A 53 2.52 -14.04 0.11
N GLU A 54 2.87 -14.27 1.37
CA GLU A 54 3.76 -13.39 2.13
C GLU A 54 5.15 -13.29 1.49
N ASN A 55 5.64 -14.44 0.99
CA ASN A 55 6.98 -14.54 0.41
C ASN A 55 7.12 -13.78 -0.90
N GLU A 56 6.04 -13.77 -1.70
CA GLU A 56 6.04 -13.10 -3.00
C GLU A 56 5.94 -11.58 -2.85
N TYR A 57 5.22 -11.14 -1.82
CA TYR A 57 5.09 -9.71 -1.54
C TYR A 57 6.43 -9.13 -1.01
N ALA A 58 7.21 -9.95 -0.32
CA ALA A 58 8.52 -9.54 0.18
C ALA A 58 9.54 -9.35 -0.95
N GLU A 59 9.30 -10.02 -2.08
CA GLU A 59 10.12 -9.86 -3.28
C GLU A 59 9.80 -8.54 -4.00
N LEU A 60 8.57 -8.06 -3.82
CA LEU A 60 8.10 -6.82 -4.44
C LEU A 60 8.56 -5.61 -3.64
N ALA A 61 8.20 -5.65 -2.35
CA ALA A 61 8.30 -4.51 -1.44
C ALA A 61 7.56 -3.29 -2.01
N ILE A 62 8.28 -2.26 -2.43
CA ILE A 62 7.68 -1.10 -3.09
C ILE A 62 8.31 -0.93 -4.47
N PHE A 63 7.56 -1.29 -5.50
CA PHE A 63 8.02 -1.16 -6.89
C PHE A 63 7.48 0.13 -7.54
N ALA A 64 7.15 1.12 -6.71
CA ALA A 64 6.58 2.36 -7.19
C ALA A 64 7.00 3.52 -6.28
N ALA A 65 6.12 4.55 -6.17
CA ALA A 65 6.31 5.75 -5.32
C ALA A 65 7.37 6.70 -5.88
N ASP A 66 7.77 6.47 -7.13
CA ASP A 66 8.79 7.27 -7.79
C ASP A 66 8.14 8.28 -8.75
N GLU A 67 7.01 7.89 -9.33
CA GLU A 67 6.25 8.78 -10.22
C GLU A 67 5.36 9.74 -9.44
N VAL A 68 5.20 9.47 -8.14
CA VAL A 68 4.32 10.27 -7.28
C VAL A 68 5.12 11.06 -6.24
N LEU A 69 6.31 11.52 -6.62
CA LEU A 69 7.17 12.32 -5.74
C LEU A 69 6.54 13.68 -5.45
N GLU A 70 6.02 14.31 -6.50
CA GLU A 70 5.47 15.65 -6.39
C GLU A 70 3.96 15.60 -6.10
N HIS A 71 3.19 15.04 -7.08
CA HIS A 71 1.72 15.12 -7.16
C HIS A 71 1.31 16.61 -7.28
N HIS A 72 2.16 17.37 -8.02
CA HIS A 72 2.05 18.83 -8.15
C HIS A 72 2.25 19.52 -6.79
N HIS A 73 1.80 20.77 -6.67
CA HIS A 73 2.09 21.57 -5.47
C HIS A 73 0.97 21.49 -4.41
N HIS A 74 0.02 20.56 -4.59
CA HIS A 74 -1.04 20.34 -3.60
C HIS A 74 -1.56 18.92 -3.71
N HIS A 75 -2.12 18.40 -2.60
CA HIS A 75 -2.71 17.04 -2.48
C HIS A 75 -1.66 15.95 -2.49
N HIS A 76 -1.54 15.26 -1.33
CA HIS A 76 -0.61 14.14 -1.12
C HIS A 76 0.84 14.59 -1.31
N MET A 1 2.92 -7.07 -12.70
CA MET A 1 2.47 -7.40 -11.33
C MET A 1 1.09 -6.84 -11.10
N ILE A 2 0.06 -7.68 -11.36
CA ILE A 2 -1.37 -7.41 -11.05
C ILE A 2 -2.05 -6.40 -12.01
N ARG A 3 -1.35 -5.29 -12.28
CA ARG A 3 -1.81 -4.11 -13.00
C ARG A 3 -2.52 -3.18 -12.02
N LEU A 4 -1.69 -2.45 -11.29
CA LEU A 4 -2.13 -1.41 -10.36
C LEU A 4 -1.50 -0.08 -10.77
N THR A 5 -1.96 1.01 -10.22
CA THR A 5 -1.32 2.29 -10.45
C THR A 5 -0.40 2.63 -9.25
N ILE A 6 0.37 3.71 -9.38
CA ILE A 6 1.38 4.16 -8.40
C ILE A 6 0.77 4.47 -7.01
N GLU A 7 -0.52 4.78 -6.99
CA GLU A 7 -1.25 5.14 -5.77
C GLU A 7 -1.50 3.93 -4.87
N GLU A 8 -1.79 2.75 -5.46
CA GLU A 8 -2.02 1.51 -4.68
C GLU A 8 -0.76 1.11 -3.94
N THR A 9 0.35 1.18 -4.65
CA THR A 9 1.67 0.87 -4.13
C THR A 9 2.21 1.97 -3.19
N ASN A 10 1.74 3.21 -3.37
CA ASN A 10 2.08 4.34 -2.49
C ASN A 10 1.50 4.14 -1.09
N LEU A 11 0.34 3.50 -1.02
CA LEU A 11 -0.29 3.14 0.27
C LEU A 11 0.59 2.14 1.03
N LEU A 12 1.28 1.28 0.28
CA LEU A 12 2.16 0.27 0.86
C LEU A 12 3.41 0.93 1.42
N SER A 13 3.94 1.95 0.71
CA SER A 13 5.13 2.68 1.15
C SER A 13 4.88 3.58 2.36
N ILE A 14 3.61 3.97 2.59
CA ILE A 14 3.22 4.73 3.79
C ILE A 14 3.54 3.92 5.06
N TYR A 15 3.13 2.66 5.06
CA TYR A 15 3.39 1.78 6.19
C TYR A 15 4.70 1.03 6.02
N ASN A 16 4.67 -0.03 5.19
CA ASN A 16 5.78 -0.98 4.99
C ASN A 16 6.23 -1.54 6.35
N GLU A 17 5.39 -2.37 6.91
CA GLU A 17 5.61 -2.93 8.23
C GLU A 17 5.19 -4.38 8.25
N GLY A 18 6.12 -5.26 8.61
CA GLY A 18 5.77 -6.66 8.92
C GLY A 18 5.41 -7.52 7.72
N GLY A 19 5.84 -7.10 6.52
CA GLY A 19 5.58 -7.86 5.32
C GLY A 19 4.14 -7.79 4.88
N LYS A 20 3.61 -8.91 4.41
CA LYS A 20 2.22 -9.00 3.96
C LYS A 20 1.25 -9.05 5.14
N ARG A 21 1.66 -9.69 6.25
CA ARG A 21 0.82 -9.75 7.46
C ARG A 21 0.62 -8.37 8.05
N GLY A 22 1.73 -7.76 8.45
CA GLY A 22 1.70 -6.50 9.17
C GLY A 22 1.11 -5.35 8.38
N LEU A 23 1.28 -5.37 7.06
CA LEU A 23 0.71 -4.36 6.18
C LEU A 23 -0.82 -4.42 6.20
N MET A 24 -1.38 -5.62 6.05
CA MET A 24 -2.83 -5.80 6.02
C MET A 24 -3.44 -5.57 7.41
N GLU A 25 -2.73 -5.99 8.47
CA GLU A 25 -3.20 -5.81 9.85
C GLU A 25 -3.20 -4.33 10.27
N ASN A 26 -2.16 -3.59 9.85
CA ASN A 26 -2.06 -2.15 10.13
C ASN A 26 -3.10 -1.35 9.36
N ILE A 27 -3.28 -1.69 8.09
CA ILE A 27 -4.23 -0.99 7.21
C ILE A 27 -5.69 -1.10 7.72
N ASN A 28 -6.10 -2.32 8.13
CA ASN A 28 -7.47 -2.56 8.61
C ASN A 28 -7.82 -1.78 9.87
N ALA A 29 -6.87 -1.67 10.80
CA ALA A 29 -7.10 -0.99 12.07
C ALA A 29 -6.89 0.52 11.99
N ALA A 30 -6.13 0.98 11.00
CA ALA A 30 -5.72 2.38 10.92
C ALA A 30 -6.29 3.10 9.72
N LEU A 31 -7.37 2.55 9.12
CA LEU A 31 -8.10 3.22 8.02
C LEU A 31 -8.50 4.69 8.31
N PRO A 32 -9.19 5.04 9.45
CA PRO A 32 -9.53 6.44 9.76
C PRO A 32 -8.32 7.31 10.11
N PHE A 33 -7.17 6.69 10.39
CA PHE A 33 -5.98 7.41 10.83
C PHE A 33 -5.03 7.68 9.66
N MET A 34 -5.40 7.22 8.46
CA MET A 34 -4.61 7.44 7.26
C MET A 34 -4.81 8.84 6.70
N ASP A 35 -5.95 9.03 6.03
CA ASP A 35 -6.20 10.21 5.22
C ASP A 35 -7.71 10.32 4.95
N GLU A 36 -8.15 9.70 3.84
CA GLU A 36 -9.53 9.79 3.33
C GLU A 36 -9.59 9.04 2.00
N ASP A 37 -8.67 9.38 1.10
CA ASP A 37 -8.55 8.74 -0.20
C ASP A 37 -7.94 7.34 -0.02
N MET A 38 -6.98 7.27 0.91
CA MET A 38 -6.29 6.03 1.29
C MET A 38 -7.21 4.97 1.87
N ARG A 39 -8.34 5.41 2.46
CA ARG A 39 -9.37 4.50 2.99
C ARG A 39 -9.99 3.64 1.88
N GLU A 40 -10.46 4.30 0.81
CA GLU A 40 -11.05 3.64 -0.36
C GLU A 40 -10.00 2.86 -1.15
N LEU A 41 -8.80 3.44 -1.20
CA LEU A 41 -7.64 2.87 -1.89
C LEU A 41 -7.25 1.50 -1.32
N ALA A 42 -7.38 1.37 0.01
CA ALA A 42 -7.00 0.17 0.74
C ALA A 42 -7.79 -1.06 0.35
N LYS A 43 -9.09 -0.87 0.05
CA LYS A 43 -9.99 -1.98 -0.31
C LYS A 43 -9.51 -2.70 -1.57
N ARG A 44 -9.04 -1.94 -2.56
CA ARG A 44 -8.58 -2.50 -3.82
C ARG A 44 -7.20 -3.16 -3.70
N THR A 45 -6.32 -2.60 -2.87
CA THR A 45 -4.96 -3.10 -2.75
C THR A 45 -4.90 -4.36 -1.85
N LEU A 46 -5.70 -4.38 -0.78
CA LEU A 46 -5.75 -5.53 0.15
C LEU A 46 -6.33 -6.77 -0.49
N ALA A 47 -7.24 -6.58 -1.46
CA ALA A 47 -7.84 -7.70 -2.20
C ALA A 47 -6.82 -8.37 -3.12
N LYS A 48 -5.79 -7.63 -3.49
CA LYS A 48 -4.75 -8.13 -4.37
C LYS A 48 -3.61 -8.82 -3.60
N ILE A 49 -3.38 -8.40 -2.34
CA ILE A 49 -2.30 -8.97 -1.53
C ILE A 49 -2.82 -10.15 -0.67
N ALA A 50 -4.15 -10.19 -0.44
CA ALA A 50 -4.81 -11.28 0.31
C ALA A 50 -4.49 -12.71 -0.21
N PRO A 51 -4.57 -13.03 -1.55
CA PRO A 51 -4.20 -14.37 -2.04
C PRO A 51 -2.68 -14.59 -2.23
N LEU A 52 -1.89 -13.61 -1.82
CA LEU A 52 -0.43 -13.71 -1.88
C LEU A 52 0.11 -14.10 -0.52
N THR A 53 1.38 -14.47 -0.46
CA THR A 53 2.03 -14.72 0.81
C THR A 53 2.93 -13.54 1.17
N GLU A 54 3.59 -13.64 2.32
CA GLU A 54 4.58 -12.64 2.74
C GLU A 54 5.88 -12.80 1.96
N ASN A 55 6.08 -14.00 1.42
CA ASN A 55 7.21 -14.32 0.57
C ASN A 55 7.03 -13.70 -0.83
N GLU A 56 5.77 -13.67 -1.30
CA GLU A 56 5.42 -13.03 -2.58
C GLU A 56 5.51 -11.50 -2.47
N TYR A 57 5.09 -10.96 -1.32
CA TYR A 57 5.13 -9.52 -1.07
C TYR A 57 6.57 -9.02 -0.89
N ALA A 58 7.47 -9.90 -0.42
CA ALA A 58 8.89 -9.56 -0.26
C ALA A 58 9.59 -9.33 -1.60
N GLU A 59 9.09 -9.99 -2.66
CA GLU A 59 9.58 -9.78 -4.02
C GLU A 59 9.13 -8.44 -4.58
N LEU A 60 7.96 -7.97 -4.13
CA LEU A 60 7.39 -6.70 -4.62
C LEU A 60 8.08 -5.54 -3.91
N ALA A 61 8.05 -5.59 -2.56
CA ALA A 61 8.75 -4.66 -1.65
C ALA A 61 8.43 -3.19 -1.95
N ILE A 62 7.13 -2.90 -2.21
CA ILE A 62 6.67 -1.61 -2.75
C ILE A 62 7.14 -1.47 -4.20
N PHE A 63 6.18 -1.50 -5.10
CA PHE A 63 6.50 -1.55 -6.52
C PHE A 63 6.68 -0.14 -7.10
N ALA A 64 5.95 0.84 -6.54
CA ALA A 64 6.03 2.22 -7.02
C ALA A 64 5.65 3.21 -5.92
N ALA A 65 6.52 4.19 -5.72
CA ALA A 65 6.32 5.22 -4.71
C ALA A 65 7.10 6.47 -5.08
N ASP A 66 6.83 7.57 -4.33
CA ASP A 66 7.50 8.90 -4.49
C ASP A 66 7.01 9.70 -5.71
N GLU A 67 6.52 8.99 -6.73
CA GLU A 67 6.05 9.57 -7.98
C GLU A 67 4.67 10.22 -7.80
N VAL A 68 4.01 9.91 -6.68
CA VAL A 68 2.69 10.45 -6.38
C VAL A 68 2.66 11.19 -5.03
N LEU A 69 3.85 11.50 -4.49
CA LEU A 69 3.94 12.21 -3.20
C LEU A 69 3.66 13.69 -3.35
N GLU A 70 3.07 14.28 -2.30
CA GLU A 70 2.77 15.73 -2.21
C GLU A 70 1.90 16.24 -3.38
N HIS A 71 1.00 15.38 -3.85
CA HIS A 71 0.08 15.72 -4.93
C HIS A 71 -1.18 16.37 -4.37
N HIS A 72 -2.20 16.58 -5.21
CA HIS A 72 -3.35 17.38 -4.81
C HIS A 72 -4.39 16.59 -4.01
N HIS A 73 -4.11 16.56 -2.70
CA HIS A 73 -4.98 16.06 -1.66
C HIS A 73 -4.36 16.47 -0.33
N HIS A 74 -3.12 16.02 -0.10
CA HIS A 74 -2.38 16.38 1.11
C HIS A 74 -0.94 16.74 0.75
N HIS A 75 -0.32 17.56 1.60
CA HIS A 75 1.09 17.86 1.47
C HIS A 75 1.88 16.82 2.26
N HIS A 76 3.08 16.47 1.76
CA HIS A 76 3.94 15.40 2.31
C HIS A 76 3.27 14.03 2.21
N MET A 1 2.76 -10.17 -11.94
CA MET A 1 2.23 -9.37 -10.83
C MET A 1 0.83 -8.84 -11.16
N ILE A 2 0.14 -8.38 -10.14
CA ILE A 2 -1.14 -7.68 -10.29
C ILE A 2 -0.89 -6.28 -10.87
N ARG A 3 -1.79 -5.83 -11.75
CA ARG A 3 -1.72 -4.50 -12.32
C ARG A 3 -2.17 -3.49 -11.27
N LEU A 4 -1.24 -2.71 -10.78
CA LEU A 4 -1.52 -1.67 -9.80
C LEU A 4 -1.23 -0.30 -10.37
N THR A 5 -1.86 0.70 -9.78
CA THR A 5 -1.49 2.07 -10.02
C THR A 5 -0.44 2.50 -8.98
N ILE A 6 0.16 3.67 -9.20
CA ILE A 6 1.24 4.18 -8.34
C ILE A 6 0.77 4.44 -6.90
N GLU A 7 -0.49 4.82 -6.75
CA GLU A 7 -1.08 5.17 -5.45
C GLU A 7 -1.27 3.94 -4.55
N GLU A 8 -1.39 2.75 -5.15
CA GLU A 8 -1.51 1.49 -4.39
C GLU A 8 -0.24 1.23 -3.58
N THR A 9 0.89 1.28 -4.29
CA THR A 9 2.21 1.06 -3.72
C THR A 9 2.67 2.24 -2.86
N ASN A 10 2.17 3.43 -3.15
CA ASN A 10 2.40 4.62 -2.31
C ASN A 10 1.72 4.48 -0.94
N LEU A 11 0.51 3.91 -0.93
CA LEU A 11 -0.23 3.62 0.30
C LEU A 11 0.43 2.49 1.08
N LEU A 12 0.97 1.50 0.36
CA LEU A 12 1.71 0.40 0.97
C LEU A 12 3.00 0.87 1.61
N SER A 13 3.61 1.91 1.04
CA SER A 13 4.83 2.51 1.57
C SER A 13 4.59 3.16 2.94
N ILE A 14 3.37 3.70 3.13
CA ILE A 14 2.94 4.31 4.41
C ILE A 14 2.85 3.26 5.53
N TYR A 15 2.39 2.05 5.17
CA TYR A 15 2.10 1.00 6.13
C TYR A 15 3.00 -0.22 5.95
N ASN A 16 4.21 0.00 5.43
CA ASN A 16 5.12 -1.09 5.08
C ASN A 16 5.90 -1.57 6.29
N GLU A 17 5.40 -2.62 6.92
CA GLU A 17 6.03 -3.19 8.11
C GLU A 17 5.44 -4.57 8.42
N GLY A 18 6.29 -5.54 8.75
CA GLY A 18 5.84 -6.83 9.27
C GLY A 18 5.36 -7.82 8.22
N GLY A 19 5.81 -7.67 6.97
CA GLY A 19 5.40 -8.55 5.89
C GLY A 19 3.99 -8.26 5.41
N LYS A 20 3.25 -9.31 5.04
CA LYS A 20 1.85 -9.18 4.63
C LYS A 20 0.94 -9.05 5.84
N ARG A 21 1.27 -9.78 6.91
CA ARG A 21 0.48 -9.77 8.15
C ARG A 21 0.50 -8.39 8.78
N GLY A 22 1.69 -7.82 8.91
CA GLY A 22 1.83 -6.48 9.46
C GLY A 22 1.23 -5.42 8.54
N LEU A 23 1.33 -5.63 7.21
CA LEU A 23 0.74 -4.72 6.22
C LEU A 23 -0.77 -4.59 6.42
N MET A 24 -1.43 -5.73 6.58
CA MET A 24 -2.87 -5.79 6.77
C MET A 24 -3.31 -5.22 8.11
N GLU A 25 -2.50 -5.43 9.14
CA GLU A 25 -2.80 -4.92 10.49
C GLU A 25 -2.64 -3.40 10.59
N ASN A 26 -1.68 -2.86 9.84
CA ASN A 26 -1.45 -1.41 9.79
C ASN A 26 -2.57 -0.70 9.02
N ILE A 27 -3.05 -1.34 7.95
CA ILE A 27 -4.13 -0.80 7.14
C ILE A 27 -5.49 -0.90 7.88
N ASN A 28 -5.75 -2.04 8.55
CA ASN A 28 -7.02 -2.25 9.27
C ASN A 28 -7.14 -1.38 10.54
N ALA A 29 -6.01 -1.04 11.14
CA ALA A 29 -5.99 -0.16 12.30
C ALA A 29 -6.26 1.29 11.90
N ALA A 30 -5.91 1.64 10.67
CA ALA A 30 -6.10 2.99 10.15
C ALA A 30 -7.24 3.05 9.12
N LEU A 31 -8.11 2.03 9.11
CA LEU A 31 -9.33 2.06 8.30
C LEU A 31 -10.36 3.09 8.79
N PRO A 32 -10.62 3.28 10.14
CA PRO A 32 -11.40 4.44 10.62
C PRO A 32 -10.67 5.79 10.52
N PHE A 33 -9.40 5.75 10.08
CA PHE A 33 -8.57 6.95 9.92
C PHE A 33 -8.36 7.25 8.44
N MET A 34 -7.35 8.10 8.14
CA MET A 34 -6.96 8.52 6.77
C MET A 34 -8.06 9.35 6.10
N ASP A 35 -7.89 9.60 4.79
CA ASP A 35 -8.96 10.13 3.95
C ASP A 35 -9.96 9.03 3.63
N GLU A 36 -11.14 9.40 3.17
CA GLU A 36 -12.09 8.42 2.64
C GLU A 36 -11.62 7.95 1.26
N ASP A 37 -10.84 8.78 0.59
CA ASP A 37 -10.17 8.43 -0.67
C ASP A 37 -9.13 7.33 -0.44
N MET A 38 -8.35 7.51 0.62
CA MET A 38 -7.27 6.57 1.00
C MET A 38 -7.84 5.30 1.63
N ARG A 39 -9.03 5.42 2.22
CA ARG A 39 -9.78 4.31 2.84
C ARG A 39 -10.33 3.36 1.77
N GLU A 40 -10.91 3.92 0.72
CA GLU A 40 -11.37 3.15 -0.44
C GLU A 40 -10.20 2.56 -1.23
N LEU A 41 -9.10 3.31 -1.24
CA LEU A 41 -7.85 2.86 -1.86
C LEU A 41 -7.27 1.67 -1.12
N ALA A 42 -7.39 1.70 0.23
CA ALA A 42 -6.82 0.67 1.11
C ALA A 42 -7.35 -0.72 0.86
N LYS A 43 -8.63 -0.83 0.55
CA LYS A 43 -9.27 -2.11 0.30
C LYS A 43 -8.96 -2.64 -1.10
N ARG A 44 -8.69 -1.72 -2.04
CA ARG A 44 -8.22 -2.08 -3.39
C ARG A 44 -6.80 -2.62 -3.36
N THR A 45 -5.97 -2.07 -2.47
CA THR A 45 -4.59 -2.50 -2.32
C THR A 45 -4.50 -3.77 -1.44
N LEU A 46 -5.49 -3.97 -0.56
CA LEU A 46 -5.64 -5.24 0.15
C LEU A 46 -6.01 -6.37 -0.80
N ALA A 47 -6.67 -6.04 -1.92
CA ALA A 47 -6.96 -7.00 -3.00
C ALA A 47 -5.69 -7.44 -3.75
N LYS A 48 -4.60 -6.66 -3.61
CA LYS A 48 -3.30 -7.09 -4.10
C LYS A 48 -2.76 -8.23 -3.24
N ILE A 49 -2.66 -7.98 -1.94
CA ILE A 49 -1.84 -8.81 -1.05
C ILE A 49 -2.59 -10.04 -0.53
N ALA A 50 -3.94 -10.03 -0.57
CA ALA A 50 -4.76 -11.16 -0.11
C ALA A 50 -4.48 -12.50 -0.87
N PRO A 51 -4.43 -12.55 -2.24
CA PRO A 51 -4.01 -13.79 -2.94
C PRO A 51 -2.48 -13.99 -2.97
N LEU A 52 -1.71 -13.02 -2.46
CA LEU A 52 -0.27 -13.15 -2.38
C LEU A 52 0.11 -13.90 -1.10
N THR A 53 1.00 -14.86 -1.23
CA THR A 53 1.34 -15.77 -0.13
C THR A 53 2.51 -15.22 0.76
N GLU A 54 2.69 -13.87 0.75
CA GLU A 54 3.65 -13.10 1.60
C GLU A 54 5.09 -13.21 1.12
N ASN A 55 5.56 -14.44 0.85
CA ASN A 55 6.84 -14.70 0.20
C ASN A 55 6.81 -14.15 -1.23
N GLU A 56 5.64 -14.28 -1.85
CA GLU A 56 5.34 -13.74 -3.17
C GLU A 56 5.28 -12.20 -3.15
N TYR A 57 4.78 -11.64 -2.03
CA TYR A 57 4.71 -10.20 -1.82
C TYR A 57 6.11 -9.60 -1.57
N ALA A 58 7.05 -10.41 -1.08
CA ALA A 58 8.40 -9.94 -0.75
C ALA A 58 9.24 -9.63 -1.98
N GLU A 59 8.90 -10.22 -3.13
CA GLU A 59 9.57 -9.89 -4.39
C GLU A 59 9.06 -8.57 -4.96
N LEU A 60 7.81 -8.25 -4.66
CA LEU A 60 7.14 -7.08 -5.21
C LEU A 60 7.38 -5.86 -4.33
N ALA A 61 6.80 -5.92 -3.12
CA ALA A 61 6.79 -4.84 -2.13
C ALA A 61 6.36 -3.49 -2.73
N ILE A 62 7.30 -2.57 -2.93
CA ILE A 62 7.00 -1.30 -3.57
C ILE A 62 7.75 -1.22 -4.89
N PHE A 63 7.02 -1.39 -5.97
CA PHE A 63 7.64 -1.39 -7.30
C PHE A 63 7.23 -0.17 -8.11
N ALA A 64 6.37 0.68 -7.54
CA ALA A 64 5.87 1.86 -8.25
C ALA A 64 5.54 3.00 -7.28
N ALA A 65 6.56 3.72 -6.83
CA ALA A 65 6.36 4.91 -6.01
C ALA A 65 7.20 6.07 -6.54
N ASP A 66 7.72 5.88 -7.76
CA ASP A 66 8.60 6.85 -8.42
C ASP A 66 7.81 8.04 -8.95
N GLU A 67 6.60 7.76 -9.41
CA GLU A 67 5.74 8.75 -10.05
C GLU A 67 5.12 9.70 -9.02
N VAL A 68 4.86 9.21 -7.80
CA VAL A 68 4.25 10.04 -6.74
C VAL A 68 5.28 10.85 -5.96
N LEU A 69 6.56 10.69 -6.30
CA LEU A 69 7.62 11.52 -5.70
C LEU A 69 7.57 12.94 -6.25
N GLU A 70 7.45 13.05 -7.56
CA GLU A 70 7.50 14.34 -8.22
C GLU A 70 6.11 14.84 -8.59
N HIS A 71 5.40 15.32 -7.56
CA HIS A 71 4.15 16.05 -7.71
C HIS A 71 4.26 17.36 -6.95
N HIS A 72 4.80 18.38 -7.67
CA HIS A 72 5.23 19.68 -7.10
C HIS A 72 6.47 19.52 -6.22
N HIS A 73 7.09 20.63 -5.85
CA HIS A 73 8.30 20.59 -5.03
C HIS A 73 8.14 21.49 -3.80
N HIS A 74 6.89 21.71 -3.38
CA HIS A 74 6.62 22.47 -2.16
C HIS A 74 6.68 21.52 -0.97
N HIS A 75 7.87 21.48 -0.33
CA HIS A 75 8.19 20.61 0.83
C HIS A 75 8.07 19.12 0.49
N HIS A 76 9.24 18.46 0.34
CA HIS A 76 9.34 17.02 0.00
C HIS A 76 8.84 16.76 -1.43
#